data_2JBT
#
_entry.id   2JBT
#
_cell.length_a   91.987
_cell.length_b   181.263
_cell.length_c   286.208
_cell.angle_alpha   90.00
_cell.angle_beta   90.00
_cell.angle_gamma   90.00
#
_symmetry.space_group_name_H-M   'I 2 2 2'
#
loop_
_entity.id
_entity.type
_entity.pdbx_description
1 polymer 'P-HYDROXYPHENYLACETATE HYDROXYLASE C2\:OXYGENASE COMPONENT'
2 non-polymer 'FLAVIN MONONUCLEOTIDE'
3 non-polymer 4-HYDROXYPHENYLACETATE
4 water water
#
_entity_poly.entity_id   1
_entity_poly.type   'polypeptide(L)'
_entity_poly.pdbx_seq_one_letter_code
;MENTVLNLDSDVIHACEAIFQPIRLVYTHAQTPDVSGVSMLEKIQQILPQIAKNAESAEQLRRVPDENIKLLKEIGLHRA
FQPKVYGGLEMSLPDFANCIVTLAGACAGTAWAFSLLCTHSHQIAMFSKQLQDEIWLKDPDATASSSIAPFGKVEEVEGG
IILNGDYGWSSGCDHAEYAIVGFNRFDADGNKIYSFGVIPRSDYEIVDNWYAQAIKSSGSKMLKLVNVFIPEYRISKAKD
MMEGKSAGFGLYPDSKIFYTPYRPYFASGFSAVSLGIAERMIEAFKEKQRNRVRAYTGANVGLATPALMRIAESTHQVAA
ARALLEKTWEDHRIHGLNHQYPNKETLAFWRTNQAYAVKMCIEAVDRLMAAAGATSFMDNSELQRLFRDAHMTGAHAYTD
YDVCAQILGRELMGMEPDPTMV
;
_entity_poly.pdbx_strand_id   A,B,C,D
#
loop_
_chem_comp.id
_chem_comp.type
_chem_comp.name
_chem_comp.formula
4HP non-polymer 4-HYDROXYPHENYLACETATE 'C8 H8 O3'
FMN non-polymer 'FLAVIN MONONUCLEOTIDE' 'C17 H21 N4 O9 P'
#
# COMPACT_ATOMS: atom_id res chain seq x y z
N ILE A 23 27.97 -15.24 -18.45
CA ILE A 23 26.52 -15.40 -18.79
C ILE A 23 25.61 -14.68 -17.78
N ARG A 24 26.14 -13.63 -17.12
CA ARG A 24 25.42 -12.77 -16.16
C ARG A 24 23.93 -12.55 -16.44
N LEU A 25 23.12 -12.54 -15.39
CA LEU A 25 21.67 -12.37 -15.52
C LEU A 25 21.28 -10.91 -15.69
N VAL A 26 20.07 -10.68 -16.19
CA VAL A 26 19.52 -9.35 -16.42
C VAL A 26 18.25 -9.21 -15.59
N TYR A 27 18.19 -8.16 -14.78
CA TYR A 27 17.03 -7.96 -13.91
C TYR A 27 15.94 -7.13 -14.58
N THR A 28 16.34 -6.27 -15.52
CA THR A 28 15.48 -5.20 -16.03
C THR A 28 14.81 -5.48 -17.38
N HIS A 29 15.12 -6.63 -17.97
CA HIS A 29 14.58 -7.01 -19.25
C HIS A 29 14.93 -8.45 -19.62
N ALA A 30 14.51 -8.85 -20.81
CA ALA A 30 14.75 -10.20 -21.33
C ALA A 30 16.19 -10.40 -21.71
N GLN A 31 16.74 -11.55 -21.36
CA GLN A 31 18.07 -11.91 -21.82
C GLN A 31 17.99 -12.50 -23.24
N THR A 32 18.77 -11.94 -24.15
CA THR A 32 18.82 -12.42 -25.54
C THR A 32 19.47 -13.82 -25.58
N PRO A 33 18.72 -14.84 -26.03
CA PRO A 33 19.25 -16.21 -26.10
C PRO A 33 20.41 -16.32 -27.10
N ASP A 34 21.54 -16.89 -26.69
CA ASP A 34 22.60 -17.14 -27.69
C ASP A 34 22.49 -18.54 -28.33
N VAL A 35 21.36 -18.78 -29.00
CA VAL A 35 21.31 -19.80 -30.04
C VAL A 35 22.12 -19.22 -31.20
N SER A 36 22.94 -20.05 -31.85
CA SER A 36 23.75 -19.56 -32.95
C SER A 36 22.84 -18.94 -34.03
N GLY A 37 23.35 -17.91 -34.70
CA GLY A 37 22.53 -17.12 -35.62
C GLY A 37 21.63 -16.14 -34.89
N VAL A 38 20.42 -15.96 -35.40
CA VAL A 38 19.51 -14.95 -34.89
C VAL A 38 18.28 -15.56 -34.26
N SER A 39 17.95 -15.08 -33.07
CA SER A 39 16.77 -15.49 -32.34
C SER A 39 15.62 -14.55 -32.64
N MET A 40 14.39 -15.03 -32.44
CA MET A 40 13.18 -14.22 -32.63
C MET A 40 13.22 -12.89 -31.86
N LEU A 41 13.74 -12.93 -30.63
CA LEU A 41 13.89 -11.73 -29.81
C LEU A 41 14.79 -10.66 -30.43
N GLU A 42 15.88 -11.09 -31.05
CA GLU A 42 16.78 -10.19 -31.76
C GLU A 42 16.07 -9.61 -32.97
N LYS A 43 15.28 -10.45 -33.64
CA LYS A 43 14.52 -10.04 -34.81
C LYS A 43 13.46 -9.00 -34.43
N ILE A 44 12.83 -9.20 -33.27
CA ILE A 44 11.92 -8.21 -32.73
C ILE A 44 12.69 -6.93 -32.44
N GLN A 45 13.84 -7.06 -31.79
CA GLN A 45 14.64 -5.91 -31.38
C GLN A 45 15.04 -5.01 -32.53
N GLN A 46 15.28 -5.61 -33.71
CA GLN A 46 15.66 -4.87 -34.90
C GLN A 46 14.51 -4.03 -35.44
N ILE A 47 13.30 -4.56 -35.38
CA ILE A 47 12.12 -3.89 -35.95
C ILE A 47 11.41 -3.01 -34.93
N LEU A 48 11.91 -3.02 -33.71
CA LEU A 48 11.27 -2.32 -32.62
C LEU A 48 11.15 -0.80 -32.84
N PRO A 49 12.21 -0.14 -33.31
CA PRO A 49 12.08 1.31 -33.55
C PRO A 49 10.95 1.67 -34.52
N GLN A 50 10.75 0.85 -35.56
CA GLN A 50 9.63 1.03 -36.50
C GLN A 50 8.26 0.90 -35.85
N ILE A 51 8.10 -0.13 -35.03
CA ILE A 51 6.87 -0.33 -34.26
C ILE A 51 6.62 0.86 -33.33
N ALA A 52 7.68 1.32 -32.67
CA ALA A 52 7.63 2.46 -31.76
C ALA A 52 7.16 3.75 -32.43
N LYS A 53 7.57 3.98 -33.68
CA LYS A 53 7.22 5.21 -34.39
C LYS A 53 5.78 5.22 -34.92
N ASN A 54 5.24 4.02 -35.19
CA ASN A 54 3.86 3.89 -35.61
C ASN A 54 2.89 4.00 -34.45
N ALA A 55 3.40 3.81 -33.23
CA ALA A 55 2.59 3.79 -32.01
C ALA A 55 1.56 4.93 -31.92
N GLU A 56 1.97 6.15 -32.23
CA GLU A 56 1.08 7.31 -32.12
C GLU A 56 -0.04 7.28 -33.16
N SER A 57 0.30 6.97 -34.41
CA SER A 57 -0.72 6.80 -35.46
C SER A 57 -1.51 5.50 -35.32
N ALA A 58 -0.92 4.50 -34.67
CA ALA A 58 -1.60 3.24 -34.35
C ALA A 58 -2.75 3.49 -33.38
N GLU A 59 -2.52 4.40 -32.44
CA GLU A 59 -3.50 4.74 -31.42
C GLU A 59 -4.69 5.45 -32.03
N GLN A 60 -4.45 6.30 -33.03
CA GLN A 60 -5.52 7.01 -33.72
C GLN A 60 -6.24 6.12 -34.72
N LEU A 61 -5.54 5.09 -35.20
CA LEU A 61 -6.11 4.13 -36.14
C LEU A 61 -7.10 3.19 -35.47
N ARG A 62 -6.95 3.02 -34.15
CA ARG A 62 -7.78 2.11 -33.34
C ARG A 62 -7.66 0.66 -33.80
N ARG A 63 -6.54 0.33 -34.41
CA ARG A 63 -6.18 -1.03 -34.81
C ARG A 63 -4.71 -1.06 -35.16
N VAL A 64 -4.15 -2.26 -35.31
CA VAL A 64 -2.74 -2.41 -35.66
C VAL A 64 -2.50 -1.96 -37.12
N PRO A 65 -1.53 -1.05 -37.33
CA PRO A 65 -1.17 -0.66 -38.69
C PRO A 65 -0.72 -1.86 -39.52
N ASP A 66 -1.10 -1.87 -40.79
CA ASP A 66 -0.71 -2.96 -41.70
C ASP A 66 0.80 -3.20 -41.68
N GLU A 67 1.59 -2.12 -41.67
CA GLU A 67 3.03 -2.21 -41.61
C GLU A 67 3.52 -3.07 -40.43
N ASN A 68 2.92 -2.88 -39.26
CA ASN A 68 3.26 -3.66 -38.07
C ASN A 68 3.04 -5.16 -38.23
N ILE A 69 1.85 -5.53 -38.71
CA ILE A 69 1.52 -6.91 -39.00
C ILE A 69 2.49 -7.48 -40.03
N LYS A 70 2.76 -6.69 -41.07
CA LYS A 70 3.67 -7.09 -42.13
C LYS A 70 5.04 -7.40 -41.55
N LEU A 71 5.59 -6.48 -40.76
CA LEU A 71 6.91 -6.66 -40.16
C LEU A 71 6.96 -7.88 -39.26
N LEU A 72 5.96 -8.00 -38.38
CA LEU A 72 5.89 -9.12 -37.44
C LEU A 72 5.71 -10.48 -38.11
N LYS A 73 4.93 -10.52 -39.20
CA LYS A 73 4.74 -11.74 -39.96
C LYS A 73 5.98 -12.09 -40.77
N GLU A 74 6.71 -11.05 -41.17
CA GLU A 74 7.95 -11.20 -41.96
C GLU A 74 9.04 -11.93 -41.15
N ILE A 75 9.16 -11.59 -39.87
CA ILE A 75 10.12 -12.27 -39.00
C ILE A 75 9.58 -13.64 -38.57
N GLY A 76 8.28 -13.84 -38.74
CA GLY A 76 7.66 -15.14 -38.56
C GLY A 76 7.10 -15.42 -37.18
N LEU A 77 6.86 -14.36 -36.40
CA LEU A 77 6.41 -14.51 -35.01
C LEU A 77 5.05 -15.18 -34.89
N HIS A 78 4.20 -14.99 -35.89
CA HIS A 78 2.84 -15.54 -35.88
C HIS A 78 2.84 -17.08 -35.94
N ARG A 79 4.00 -17.65 -36.28
CA ARG A 79 4.14 -19.09 -36.43
C ARG A 79 4.80 -19.68 -35.19
N ALA A 80 4.79 -18.87 -34.12
CA ALA A 80 5.37 -19.24 -32.82
C ALA A 80 4.82 -20.57 -32.31
N PHE A 81 3.49 -20.70 -32.33
CA PHE A 81 2.83 -21.88 -31.80
C PHE A 81 2.10 -22.71 -32.86
N GLN A 82 2.40 -22.45 -34.13
CA GLN A 82 1.91 -23.27 -35.23
C GLN A 82 2.71 -24.56 -35.23
N PRO A 83 2.03 -25.73 -35.39
CA PRO A 83 2.76 -27.00 -35.51
C PRO A 83 3.85 -26.94 -36.57
N LYS A 84 4.95 -27.65 -36.32
CA LYS A 84 6.09 -27.69 -37.24
C LYS A 84 5.75 -28.28 -38.62
N VAL A 85 4.79 -29.21 -38.65
CA VAL A 85 4.38 -29.86 -39.91
C VAL A 85 3.81 -28.86 -40.93
N TYR A 86 3.33 -27.71 -40.46
CA TYR A 86 2.81 -26.65 -41.31
C TYR A 86 3.83 -25.52 -41.51
N GLY A 87 5.03 -25.71 -40.99
CA GLY A 87 6.08 -24.69 -41.08
C GLY A 87 6.18 -23.81 -39.85
N GLY A 88 5.56 -24.23 -38.76
CA GLY A 88 5.60 -23.51 -37.50
C GLY A 88 6.93 -23.67 -36.77
N LEU A 89 7.16 -22.81 -35.78
CA LEU A 89 8.42 -22.80 -35.03
C LEU A 89 8.34 -23.63 -33.75
N GLU A 90 7.14 -23.72 -33.17
CA GLU A 90 6.94 -24.30 -31.84
C GLU A 90 7.93 -23.73 -30.81
N MET A 91 7.90 -22.39 -30.69
CA MET A 91 8.69 -21.68 -29.70
C MET A 91 8.25 -22.09 -28.29
N SER A 92 9.21 -22.09 -27.36
CA SER A 92 8.91 -22.32 -25.95
C SER A 92 8.11 -21.13 -25.47
N LEU A 93 7.34 -21.31 -24.41
CA LEU A 93 6.58 -20.19 -23.81
C LEU A 93 7.46 -19.03 -23.32
N PRO A 94 8.56 -19.33 -22.60
CA PRO A 94 9.44 -18.22 -22.18
C PRO A 94 9.91 -17.36 -23.35
N ASP A 95 10.46 -18.00 -24.38
CA ASP A 95 11.00 -17.28 -25.53
C ASP A 95 9.92 -16.43 -26.21
N PHE A 96 8.73 -17.00 -26.38
CA PHE A 96 7.62 -16.25 -26.94
C PHE A 96 7.20 -15.08 -26.03
N ALA A 97 6.90 -15.38 -24.77
CA ALA A 97 6.43 -14.36 -23.86
C ALA A 97 7.40 -13.19 -23.88
N ASN A 98 8.70 -13.46 -23.84
CA ASN A 98 9.69 -12.39 -23.84
C ASN A 98 9.64 -11.52 -25.08
N CYS A 99 9.29 -12.12 -26.23
CA CYS A 99 9.10 -11.36 -27.46
C CYS A 99 7.95 -10.40 -27.32
N ILE A 100 6.87 -10.85 -26.69
CA ILE A 100 5.71 -10.02 -26.49
C ILE A 100 6.01 -8.88 -25.51
N VAL A 101 6.83 -9.18 -24.49
CA VAL A 101 7.20 -8.20 -23.48
C VAL A 101 7.98 -7.06 -24.12
N THR A 102 9.02 -7.42 -24.87
CA THR A 102 9.83 -6.48 -25.62
C THR A 102 8.97 -5.66 -26.57
N LEU A 103 8.09 -6.36 -27.28
CA LEU A 103 7.21 -5.72 -28.27
C LEU A 103 6.27 -4.70 -27.63
N ALA A 104 5.75 -5.03 -26.45
CA ALA A 104 4.80 -4.19 -25.72
C ALA A 104 5.40 -2.87 -25.31
N GLY A 105 6.72 -2.82 -25.24
CA GLY A 105 7.43 -1.57 -24.91
C GLY A 105 7.26 -0.51 -26.00
N ALA A 106 7.18 -0.97 -27.24
CA ALA A 106 7.08 -0.07 -28.37
C ALA A 106 5.63 0.33 -28.64
N CYS A 107 4.72 -0.65 -28.59
CA CYS A 107 3.29 -0.40 -28.79
C CYS A 107 2.49 -1.52 -28.12
N ALA A 108 1.89 -1.21 -26.97
CA ALA A 108 1.18 -2.23 -26.17
C ALA A 108 0.07 -2.92 -26.97
N GLY A 109 -0.77 -2.11 -27.61
CA GLY A 109 -1.88 -2.61 -28.43
C GLY A 109 -1.45 -3.57 -29.51
N THR A 110 -0.37 -3.23 -30.22
CA THR A 110 0.19 -4.13 -31.22
C THR A 110 0.58 -5.47 -30.59
N ALA A 111 1.33 -5.41 -29.50
CA ALA A 111 1.80 -6.60 -28.79
C ALA A 111 0.65 -7.43 -28.23
N TRP A 112 -0.35 -6.75 -27.70
CA TRP A 112 -1.53 -7.40 -27.13
C TRP A 112 -2.30 -8.16 -28.21
N ALA A 113 -2.61 -7.48 -29.31
CA ALA A 113 -3.38 -8.10 -30.37
C ALA A 113 -2.55 -9.21 -31.02
N PHE A 114 -1.31 -8.90 -31.37
CA PHE A 114 -0.49 -9.89 -32.07
C PHE A 114 -0.22 -11.14 -31.21
N SER A 115 -0.12 -10.94 -29.89
CA SER A 115 0.09 -12.04 -28.98
C SER A 115 -1.08 -13.01 -29.06
N LEU A 116 -2.28 -12.45 -29.08
CA LEU A 116 -3.50 -13.23 -29.20
C LEU A 116 -3.56 -13.99 -30.53
N LEU A 117 -3.26 -13.32 -31.63
CA LEU A 117 -3.21 -14.01 -32.92
C LEU A 117 -2.27 -15.20 -32.87
N CYS A 118 -1.15 -15.03 -32.16
CA CYS A 118 -0.16 -16.08 -32.04
C CYS A 118 -0.65 -17.23 -31.19
N THR A 119 -1.15 -16.93 -29.99
CA THR A 119 -1.47 -17.96 -29.01
C THR A 119 -2.69 -18.76 -29.41
N HIS A 120 -3.56 -18.17 -30.23
CA HIS A 120 -4.69 -18.90 -30.78
C HIS A 120 -4.25 -20.09 -31.63
N SER A 121 -3.15 -19.95 -32.36
CA SER A 121 -2.61 -21.06 -33.15
C SER A 121 -2.33 -22.29 -32.27
N HIS A 122 -1.91 -22.04 -31.04
CA HIS A 122 -1.62 -23.10 -30.07
C HIS A 122 -2.89 -23.89 -29.74
N GLN A 123 -4.01 -23.20 -29.62
CA GLN A 123 -5.30 -23.85 -29.40
C GLN A 123 -5.73 -24.63 -30.65
N ILE A 124 -5.65 -23.96 -31.80
CA ILE A 124 -6.01 -24.55 -33.07
C ILE A 124 -5.26 -25.88 -33.32
N ALA A 125 -4.08 -26.02 -32.73
CA ALA A 125 -3.28 -27.24 -32.80
C ALA A 125 -3.89 -28.41 -32.00
N MET A 126 -4.94 -28.13 -31.24
CA MET A 126 -5.57 -29.16 -30.42
C MET A 126 -6.89 -29.59 -31.02
N PHE A 127 -7.34 -28.84 -32.03
CA PHE A 127 -8.48 -29.23 -32.83
C PHE A 127 -8.07 -30.38 -33.76
N SER A 128 -9.03 -30.90 -34.53
CA SER A 128 -8.77 -32.00 -35.46
C SER A 128 -7.69 -31.69 -36.50
N LYS A 129 -6.99 -32.71 -36.96
CA LYS A 129 -6.06 -32.58 -38.08
C LYS A 129 -6.75 -31.97 -39.29
N GLN A 130 -8.02 -32.35 -39.48
CA GLN A 130 -8.86 -31.90 -40.58
C GLN A 130 -9.04 -30.37 -40.61
N LEU A 131 -9.34 -29.77 -39.46
CA LEU A 131 -9.48 -28.32 -39.36
C LEU A 131 -8.14 -27.62 -39.60
N GLN A 132 -7.08 -28.15 -39.00
CA GLN A 132 -5.75 -27.56 -39.12
C GLN A 132 -5.29 -27.57 -40.56
N ASP A 133 -5.48 -28.71 -41.23
CA ASP A 133 -5.20 -28.83 -42.66
C ASP A 133 -5.99 -27.78 -43.45
N GLU A 134 -7.28 -27.66 -43.11
CA GLU A 134 -8.16 -26.69 -43.72
C GLU A 134 -7.64 -25.26 -43.60
N ILE A 135 -7.18 -24.88 -42.41
CA ILE A 135 -6.61 -23.54 -42.18
C ILE A 135 -5.22 -23.36 -42.80
N TRP A 136 -4.31 -24.29 -42.53
CA TRP A 136 -2.88 -24.06 -42.78
C TRP A 136 -2.25 -24.62 -44.08
N LEU A 137 -2.83 -25.67 -44.66
CA LEU A 137 -2.34 -26.17 -45.95
C LEU A 137 -2.70 -25.16 -47.02
N LYS A 138 -3.91 -24.63 -46.90
CA LYS A 138 -4.44 -23.56 -47.74
C LYS A 138 -3.59 -22.28 -47.59
N ASP A 139 -3.52 -21.77 -46.37
CA ASP A 139 -2.72 -20.59 -46.05
C ASP A 139 -1.88 -20.81 -44.79
N PRO A 140 -0.56 -21.04 -44.96
CA PRO A 140 0.35 -21.28 -43.84
C PRO A 140 0.47 -20.10 -42.90
N ASP A 141 0.21 -18.90 -43.40
CA ASP A 141 0.32 -17.66 -42.61
C ASP A 141 -1.00 -17.20 -41.98
N ALA A 142 -2.03 -18.04 -42.03
CA ALA A 142 -3.34 -17.70 -41.50
C ALA A 142 -3.37 -17.74 -39.97
N THR A 143 -4.14 -16.82 -39.39
CA THR A 143 -4.31 -16.73 -37.95
C THR A 143 -5.78 -16.52 -37.59
N ALA A 144 -6.09 -16.66 -36.30
CA ALA A 144 -7.44 -16.44 -35.77
C ALA A 144 -7.43 -15.38 -34.69
N SER A 145 -8.46 -14.55 -34.67
CA SER A 145 -8.72 -13.73 -33.50
C SER A 145 -9.81 -14.47 -32.73
N SER A 146 -10.33 -13.88 -31.66
CA SER A 146 -11.27 -14.61 -30.81
C SER A 146 -12.31 -13.73 -30.13
N SER A 147 -13.34 -14.40 -29.61
CA SER A 147 -14.28 -13.79 -28.67
C SER A 147 -14.83 -14.97 -27.89
N ILE A 148 -14.32 -15.15 -26.66
CA ILE A 148 -14.48 -16.41 -25.94
C ILE A 148 -15.63 -16.49 -24.92
N ALA A 149 -16.10 -15.34 -24.43
CA ALA A 149 -17.22 -15.33 -23.51
C ALA A 149 -18.47 -15.86 -24.21
N PRO A 150 -19.10 -16.91 -23.62
CA PRO A 150 -20.20 -17.63 -24.25
C PRO A 150 -21.54 -16.86 -24.28
N PHE A 151 -21.61 -15.79 -25.07
CA PHE A 151 -22.83 -14.98 -25.13
C PHE A 151 -23.80 -15.43 -26.21
N GLY A 152 -23.32 -16.26 -27.13
CA GLY A 152 -24.12 -16.71 -28.26
C GLY A 152 -25.23 -17.67 -27.88
N LYS A 153 -26.29 -17.67 -28.68
CA LYS A 153 -27.39 -18.61 -28.52
C LYS A 153 -27.13 -19.75 -29.49
N VAL A 154 -27.18 -20.98 -28.97
CA VAL A 154 -26.86 -22.14 -29.78
C VAL A 154 -28.06 -23.07 -29.99
N GLU A 155 -28.37 -23.32 -31.26
CA GLU A 155 -29.34 -24.32 -31.66
C GLU A 155 -28.59 -25.55 -32.14
N GLU A 156 -28.85 -26.69 -31.51
CA GLU A 156 -28.31 -27.97 -31.97
C GLU A 156 -29.04 -28.42 -33.24
N VAL A 157 -28.35 -28.32 -34.37
CA VAL A 157 -28.80 -28.93 -35.60
C VAL A 157 -27.97 -30.20 -35.78
N GLU A 158 -28.22 -30.96 -36.83
CA GLU A 158 -27.42 -32.16 -37.02
C GLU A 158 -26.16 -31.88 -37.85
N GLY A 159 -25.04 -32.44 -37.41
CA GLY A 159 -23.74 -32.19 -38.02
C GLY A 159 -22.98 -31.06 -37.34
N GLY A 160 -23.64 -30.37 -36.40
CA GLY A 160 -23.04 -29.24 -35.70
C GLY A 160 -24.03 -28.35 -34.98
N ILE A 161 -23.77 -27.04 -34.99
CA ILE A 161 -24.65 -26.07 -34.34
C ILE A 161 -24.88 -24.84 -35.22
N ILE A 162 -25.97 -24.14 -34.94
CA ILE A 162 -26.17 -22.80 -35.49
C ILE A 162 -25.98 -21.80 -34.35
N LEU A 163 -25.05 -20.88 -34.54
CA LEU A 163 -24.71 -19.90 -33.50
C LEU A 163 -25.15 -18.49 -33.89
N ASN A 164 -25.73 -17.78 -32.93
CA ASN A 164 -26.17 -16.40 -33.11
C ASN A 164 -25.71 -15.53 -31.97
N GLY A 165 -25.26 -14.32 -32.28
CA GLY A 165 -25.01 -13.32 -31.26
C GLY A 165 -23.90 -12.32 -31.55
N ASP A 166 -23.87 -11.28 -30.74
CA ASP A 166 -22.85 -10.24 -30.81
C ASP A 166 -21.67 -10.63 -29.94
N TYR A 167 -20.51 -10.81 -30.55
CA TYR A 167 -19.33 -11.31 -29.86
C TYR A 167 -18.26 -10.25 -29.69
N GLY A 168 -18.36 -9.51 -28.59
CA GLY A 168 -17.50 -8.36 -28.35
C GLY A 168 -16.04 -8.65 -28.15
N TRP A 169 -15.22 -7.60 -28.29
CA TRP A 169 -13.78 -7.62 -27.96
C TRP A 169 -12.96 -8.64 -28.70
N SER A 170 -12.78 -8.49 -30.01
CA SER A 170 -11.91 -9.41 -30.72
C SER A 170 -10.65 -8.70 -31.15
N SER A 171 -9.66 -8.69 -30.26
CA SER A 171 -8.37 -8.05 -30.54
C SER A 171 -7.76 -8.63 -31.79
N GLY A 172 -7.34 -7.74 -32.68
CA GLY A 172 -6.71 -8.12 -33.94
C GLY A 172 -7.65 -8.71 -34.96
N CYS A 173 -8.96 -8.53 -34.77
CA CYS A 173 -9.94 -9.18 -35.65
C CYS A 173 -9.82 -8.77 -37.11
N ASP A 174 -9.36 -7.55 -37.35
CA ASP A 174 -9.20 -7.03 -38.71
C ASP A 174 -8.11 -7.75 -39.50
N HIS A 175 -7.19 -8.37 -38.79
CA HIS A 175 -6.04 -9.00 -39.44
C HIS A 175 -6.10 -10.52 -39.46
N ALA A 176 -7.22 -11.06 -38.97
CA ALA A 176 -7.37 -12.50 -38.86
C ALA A 176 -8.20 -13.07 -40.00
N GLU A 177 -7.91 -14.31 -40.37
CA GLU A 177 -8.65 -15.02 -41.38
C GLU A 177 -9.79 -15.85 -40.79
N TYR A 178 -9.78 -16.00 -39.47
CA TYR A 178 -10.74 -16.85 -38.75
C TYR A 178 -11.03 -16.24 -37.38
N ALA A 179 -12.06 -16.75 -36.72
CA ALA A 179 -12.31 -16.38 -35.33
C ALA A 179 -12.55 -17.62 -34.48
N ILE A 180 -12.02 -17.60 -33.26
CA ILE A 180 -12.34 -18.63 -32.28
C ILE A 180 -13.40 -18.10 -31.34
N VAL A 181 -14.51 -18.80 -31.31
CA VAL A 181 -15.73 -18.26 -30.74
C VAL A 181 -16.22 -19.23 -29.65
N GLY A 182 -16.57 -18.68 -28.49
CA GLY A 182 -16.94 -19.51 -27.36
C GLY A 182 -18.43 -19.57 -27.18
N PHE A 183 -18.92 -20.73 -26.78
CA PHE A 183 -20.35 -20.93 -26.54
C PHE A 183 -20.57 -22.14 -25.64
N ASN A 184 -21.72 -22.16 -24.97
CA ASN A 184 -22.14 -23.29 -24.15
C ASN A 184 -23.13 -24.16 -24.88
N ARG A 185 -22.80 -25.45 -24.96
CA ARG A 185 -23.74 -26.45 -25.40
C ARG A 185 -24.26 -27.12 -24.14
N PHE A 186 -25.22 -28.01 -24.27
CA PHE A 186 -25.83 -28.54 -23.05
C PHE A 186 -25.92 -30.05 -22.94
N ASP A 187 -26.19 -30.47 -21.67
CA ASP A 187 -25.99 -31.85 -21.25
C ASP A 187 -27.33 -32.55 -21.33
N ALA A 188 -27.30 -33.88 -21.20
CA ALA A 188 -28.49 -34.65 -20.85
C ALA A 188 -29.24 -33.95 -19.70
N ASP A 189 -28.52 -33.61 -18.63
CA ASP A 189 -29.11 -32.90 -17.47
C ASP A 189 -29.05 -31.37 -17.62
N GLY A 190 -28.63 -30.90 -18.78
CA GLY A 190 -28.51 -29.47 -19.04
C GLY A 190 -27.39 -28.79 -18.26
N ASN A 191 -26.31 -29.53 -18.02
CA ASN A 191 -25.08 -28.91 -17.56
C ASN A 191 -24.36 -28.28 -18.74
N LYS A 192 -23.66 -27.18 -18.49
CA LYS A 192 -22.97 -26.45 -19.53
C LYS A 192 -21.80 -27.25 -20.07
N ILE A 193 -21.69 -27.30 -21.39
CA ILE A 193 -20.49 -27.80 -22.06
C ILE A 193 -19.81 -26.63 -22.79
N TYR A 194 -18.87 -25.97 -22.12
CA TYR A 194 -18.16 -24.85 -22.71
C TYR A 194 -17.30 -25.32 -23.89
N SER A 195 -17.59 -24.75 -25.06
CA SER A 195 -17.01 -25.18 -26.32
C SER A 195 -16.50 -24.02 -27.16
N PHE A 196 -15.51 -24.32 -28.00
CA PHE A 196 -14.94 -23.36 -28.92
C PHE A 196 -15.18 -23.79 -30.34
N GLY A 197 -15.66 -22.85 -31.17
CA GLY A 197 -15.81 -23.08 -32.60
C GLY A 197 -14.88 -22.18 -33.39
N VAL A 198 -14.32 -22.71 -34.47
CA VAL A 198 -13.45 -21.93 -35.35
C VAL A 198 -14.20 -21.62 -36.65
N ILE A 199 -14.44 -20.33 -36.90
CA ILE A 199 -15.22 -19.89 -38.06
C ILE A 199 -14.42 -19.00 -39.02
N PRO A 200 -14.67 -19.12 -40.33
CA PRO A 200 -13.96 -18.29 -41.31
C PRO A 200 -14.44 -16.84 -41.29
N ARG A 201 -13.54 -15.93 -41.63
CA ARG A 201 -13.83 -14.49 -41.71
C ARG A 201 -15.14 -14.17 -42.45
N SER A 202 -15.46 -14.97 -43.46
CA SER A 202 -16.67 -14.78 -44.28
C SER A 202 -17.99 -15.02 -43.53
N ASP A 203 -17.93 -15.72 -42.40
CA ASP A 203 -19.13 -16.06 -41.62
C ASP A 203 -19.59 -14.98 -40.63
N TYR A 204 -18.79 -13.95 -40.44
CA TYR A 204 -19.13 -12.90 -39.49
C TYR A 204 -18.77 -11.50 -39.95
N GLU A 205 -19.50 -10.51 -39.43
CA GLU A 205 -19.25 -9.11 -39.73
C GLU A 205 -18.50 -8.47 -38.57
N ILE A 206 -17.44 -7.74 -38.89
CA ILE A 206 -16.72 -6.99 -37.86
C ILE A 206 -17.43 -5.65 -37.69
N VAL A 207 -18.02 -5.46 -36.52
CA VAL A 207 -18.70 -4.23 -36.15
C VAL A 207 -17.73 -3.35 -35.36
N ASP A 208 -17.43 -2.18 -35.94
CA ASP A 208 -16.44 -1.28 -35.36
C ASP A 208 -17.04 -0.41 -34.26
N ASN A 209 -17.10 -0.95 -33.04
CA ASN A 209 -17.55 -0.21 -31.87
C ASN A 209 -16.39 0.00 -30.87
N TRP A 210 -15.16 -0.17 -31.35
CA TRP A 210 -13.97 -0.14 -30.50
C TRP A 210 -13.49 1.30 -30.25
N TYR A 211 -14.08 1.92 -29.24
CA TYR A 211 -13.67 3.24 -28.80
C TYR A 211 -13.37 3.16 -27.32
N ALA A 212 -12.09 2.94 -27.03
CA ALA A 212 -11.60 2.66 -25.67
C ALA A 212 -10.60 3.72 -25.23
N GLN A 213 -10.25 3.69 -23.95
CA GLN A 213 -9.30 4.68 -23.42
C GLN A 213 -7.91 4.10 -23.14
N ALA A 214 -7.71 2.84 -23.48
CA ALA A 214 -6.40 2.21 -23.38
C ALA A 214 -6.28 1.09 -24.40
N ILE A 215 -5.04 0.76 -24.74
CA ILE A 215 -4.75 -0.31 -25.73
C ILE A 215 -5.58 -0.11 -27.01
N LYS A 216 -5.72 1.15 -27.42
CA LYS A 216 -6.56 1.52 -28.57
C LYS A 216 -6.14 0.80 -29.84
N SER A 217 -4.84 0.66 -30.04
CA SER A 217 -4.29 0.08 -31.26
C SER A 217 -4.50 -1.43 -31.40
N SER A 218 -5.14 -2.06 -30.43
CA SER A 218 -5.39 -3.51 -30.50
C SER A 218 -6.56 -3.86 -31.42
N GLY A 219 -7.35 -2.85 -31.81
CA GLY A 219 -8.50 -3.05 -32.69
C GLY A 219 -9.44 -4.13 -32.21
N SER A 220 -9.83 -4.04 -30.94
CA SER A 220 -10.68 -5.04 -30.29
C SER A 220 -12.16 -4.87 -30.61
N LYS A 221 -12.46 -4.77 -31.91
CA LYS A 221 -13.82 -4.63 -32.41
C LYS A 221 -14.70 -5.86 -32.10
N MET A 222 -15.99 -5.75 -32.37
CA MET A 222 -16.95 -6.83 -32.10
C MET A 222 -17.23 -7.63 -33.35
N LEU A 223 -17.46 -8.92 -33.16
CA LEU A 223 -17.84 -9.83 -34.25
C LEU A 223 -19.35 -10.14 -34.22
N LYS A 224 -20.03 -9.93 -35.33
CA LYS A 224 -21.47 -10.20 -35.40
C LYS A 224 -21.74 -11.49 -36.11
N LEU A 225 -22.42 -12.41 -35.41
CA LEU A 225 -22.72 -13.73 -35.94
C LEU A 225 -24.20 -13.90 -36.17
N VAL A 226 -24.57 -14.14 -37.42
CA VAL A 226 -25.98 -14.32 -37.81
C VAL A 226 -26.17 -15.70 -38.44
N ASN A 227 -26.89 -16.57 -37.71
CA ASN A 227 -27.18 -17.94 -38.12
C ASN A 227 -25.96 -18.64 -38.71
N VAL A 228 -24.87 -18.61 -37.94
CA VAL A 228 -23.61 -19.18 -38.38
C VAL A 228 -23.60 -20.68 -38.07
N PHE A 229 -23.49 -21.48 -39.13
CA PHE A 229 -23.36 -22.92 -38.93
C PHE A 229 -21.92 -23.29 -38.61
N ILE A 230 -21.74 -24.08 -37.55
CA ILE A 230 -20.43 -24.63 -37.23
C ILE A 230 -20.52 -26.15 -37.21
N PRO A 231 -19.85 -26.82 -38.17
CA PRO A 231 -19.80 -28.28 -38.16
C PRO A 231 -18.99 -28.84 -36.99
N GLU A 232 -19.34 -30.06 -36.58
CA GLU A 232 -18.78 -30.73 -35.41
C GLU A 232 -17.24 -30.76 -35.36
N TYR A 233 -16.61 -30.93 -36.52
CA TYR A 233 -15.14 -31.05 -36.57
C TYR A 233 -14.43 -29.73 -36.28
N ARG A 234 -15.16 -28.62 -36.38
CA ARG A 234 -14.63 -27.30 -36.04
C ARG A 234 -15.10 -26.84 -34.64
N ILE A 235 -15.61 -27.80 -33.85
CA ILE A 235 -15.95 -27.55 -32.46
C ILE A 235 -15.10 -28.42 -31.53
N SER A 236 -14.54 -27.80 -30.49
CA SER A 236 -13.82 -28.51 -29.44
C SER A 236 -14.26 -28.09 -28.07
N LYS A 237 -14.32 -29.07 -27.16
CA LYS A 237 -14.65 -28.79 -25.77
C LYS A 237 -13.45 -28.16 -25.08
N ALA A 238 -13.71 -27.11 -24.31
CA ALA A 238 -12.68 -26.43 -23.53
C ALA A 238 -11.96 -27.41 -22.60
N LYS A 239 -12.75 -28.20 -21.88
CA LYS A 239 -12.22 -29.16 -20.91
C LYS A 239 -11.30 -30.19 -21.57
N ASP A 240 -11.65 -30.60 -22.79
CA ASP A 240 -10.85 -31.54 -23.56
C ASP A 240 -9.48 -30.96 -23.93
N MET A 241 -9.44 -29.66 -24.20
CA MET A 241 -8.19 -28.99 -24.54
C MET A 241 -7.38 -28.58 -23.29
N MET A 242 -8.02 -28.65 -22.12
CA MET A 242 -7.35 -28.48 -20.86
C MET A 242 -6.70 -29.78 -20.39
N GLU A 243 -7.18 -30.90 -20.93
CA GLU A 243 -6.87 -32.22 -20.36
C GLU A 243 -6.28 -33.24 -21.32
N GLY A 244 -5.92 -32.80 -22.52
CA GLY A 244 -5.37 -33.69 -23.53
C GLY A 244 -6.34 -34.77 -23.97
N LYS A 245 -7.56 -34.36 -24.31
CA LYS A 245 -8.61 -35.29 -24.73
C LYS A 245 -9.35 -34.78 -25.96
N SER A 246 -8.81 -33.74 -26.59
CA SER A 246 -9.40 -33.16 -27.80
C SER A 246 -8.95 -33.93 -29.04
N ALA A 247 -9.58 -33.63 -30.17
CA ALA A 247 -9.35 -34.36 -31.42
C ALA A 247 -7.90 -34.32 -31.87
N GLY A 248 -7.19 -33.25 -31.52
CA GLY A 248 -5.81 -33.07 -31.99
C GLY A 248 -4.76 -33.66 -31.08
N PHE A 249 -5.18 -34.28 -29.99
CA PHE A 249 -4.24 -34.85 -29.04
C PHE A 249 -3.48 -35.99 -29.69
N GLY A 250 -2.15 -35.93 -29.62
CA GLY A 250 -1.31 -37.02 -30.10
C GLY A 250 -0.77 -36.79 -31.50
N LEU A 251 -1.29 -35.77 -32.17
CA LEU A 251 -0.86 -35.46 -33.54
C LEU A 251 0.64 -35.25 -33.65
N TYR A 252 1.21 -34.54 -32.68
CA TYR A 252 2.61 -34.14 -32.76
C TYR A 252 3.43 -34.67 -31.58
N PRO A 253 3.82 -35.96 -31.64
CA PRO A 253 4.37 -36.64 -30.48
C PRO A 253 5.76 -36.17 -30.09
N ASP A 254 6.42 -35.41 -30.96
CA ASP A 254 7.75 -34.86 -30.65
C ASP A 254 7.67 -33.43 -30.15
N SER A 255 6.46 -32.91 -30.01
CA SER A 255 6.25 -31.52 -29.64
C SER A 255 6.48 -31.30 -28.16
N LYS A 256 7.10 -30.17 -27.85
CA LYS A 256 7.38 -29.79 -26.47
C LYS A 256 6.35 -28.79 -25.94
N ILE A 257 5.31 -28.51 -26.73
CA ILE A 257 4.36 -27.45 -26.38
C ILE A 257 2.88 -27.81 -26.51
N PHE A 258 2.57 -28.90 -27.21
CA PHE A 258 1.17 -29.23 -27.47
C PHE A 258 0.56 -30.21 -26.47
N TYR A 259 1.41 -30.91 -25.73
CA TYR A 259 0.92 -31.79 -24.65
C TYR A 259 0.81 -30.97 -23.36
N THR A 260 -0.21 -30.12 -23.30
CA THR A 260 -0.35 -29.14 -22.21
C THR A 260 -1.75 -28.50 -22.30
N PRO A 261 -2.30 -28.00 -21.17
CA PRO A 261 -3.58 -27.31 -21.25
C PRO A 261 -3.49 -26.08 -22.14
N TYR A 262 -4.56 -25.79 -22.87
CA TYR A 262 -4.57 -24.74 -23.85
C TYR A 262 -4.51 -23.37 -23.16
N ARG A 263 -5.20 -23.23 -22.03
CA ARG A 263 -5.54 -21.90 -21.51
C ARG A 263 -4.32 -21.09 -21.04
N PRO A 264 -3.40 -21.70 -20.26
CA PRO A 264 -2.20 -20.98 -19.86
C PRO A 264 -1.46 -20.33 -21.02
N TYR A 265 -1.41 -20.98 -22.18
CA TYR A 265 -0.75 -20.37 -23.34
C TYR A 265 -1.64 -19.29 -23.94
N PHE A 266 -2.91 -19.66 -24.16
CA PHE A 266 -3.98 -18.77 -24.60
C PHE A 266 -3.81 -17.39 -23.98
N ALA A 267 -3.76 -17.37 -22.64
CA ALA A 267 -3.82 -16.15 -21.85
C ALA A 267 -2.45 -15.68 -21.30
N SER A 268 -1.36 -16.16 -21.90
CA SER A 268 -0.03 -15.84 -21.39
C SER A 268 0.37 -14.41 -21.72
N GLY A 269 -0.25 -13.84 -22.73
CA GLY A 269 0.20 -12.57 -23.30
C GLY A 269 -0.17 -11.31 -22.53
N PHE A 270 -1.22 -11.38 -21.71
CA PHE A 270 -1.71 -10.21 -21.00
C PHE A 270 -0.66 -9.68 -20.08
N SER A 271 -0.20 -10.54 -19.17
CA SER A 271 0.87 -10.19 -18.24
C SER A 271 2.17 -9.82 -18.97
N ALA A 272 2.46 -10.51 -20.07
CA ALA A 272 3.64 -10.22 -20.86
C ALA A 272 3.59 -8.76 -21.29
N VAL A 273 2.43 -8.34 -21.81
CA VAL A 273 2.22 -6.98 -22.25
C VAL A 273 2.34 -6.02 -21.06
N SER A 274 1.76 -6.40 -19.93
CA SER A 274 1.84 -5.58 -18.75
C SER A 274 3.29 -5.37 -18.28
N LEU A 275 4.10 -6.43 -18.35
CA LEU A 275 5.51 -6.31 -18.00
C LEU A 275 6.29 -5.42 -18.99
N GLY A 276 6.06 -5.60 -20.30
CA GLY A 276 6.68 -4.78 -21.31
C GLY A 276 6.39 -3.30 -21.09
N ILE A 277 5.14 -2.98 -20.79
CA ILE A 277 4.73 -1.61 -20.52
C ILE A 277 5.50 -1.04 -19.34
N ALA A 278 5.54 -1.80 -18.25
CA ALA A 278 6.16 -1.34 -17.01
C ALA A 278 7.67 -1.14 -17.15
N GLU A 279 8.34 -2.05 -17.86
CA GLU A 279 9.76 -1.90 -18.14
C GLU A 279 10.06 -0.68 -19.00
N ARG A 280 9.17 -0.41 -19.95
CA ARG A 280 9.28 0.76 -20.79
C ARG A 280 9.00 2.02 -19.98
N MET A 281 8.05 1.93 -19.05
CA MET A 281 7.71 3.08 -18.22
C MET A 281 8.94 3.55 -17.45
N ILE A 282 9.65 2.60 -16.82
CA ILE A 282 10.85 2.93 -16.08
C ILE A 282 11.86 3.67 -16.98
N GLU A 283 12.08 3.15 -18.19
CA GLU A 283 13.02 3.76 -19.09
C GLU A 283 12.55 5.14 -19.52
N ALA A 284 11.26 5.23 -19.86
CA ALA A 284 10.68 6.49 -20.32
C ALA A 284 10.73 7.56 -19.25
N PHE A 285 10.38 7.17 -18.02
CA PHE A 285 10.45 8.05 -16.88
C PHE A 285 11.88 8.52 -16.62
N LYS A 286 12.84 7.59 -16.66
CA LYS A 286 14.25 7.93 -16.45
C LYS A 286 14.72 8.97 -17.47
N GLU A 287 14.47 8.72 -18.75
CA GLU A 287 14.80 9.65 -19.84
C GLU A 287 14.26 11.05 -19.57
N LYS A 288 12.97 11.13 -19.26
CA LYS A 288 12.28 12.42 -19.09
C LYS A 288 12.57 13.11 -17.77
N GLN A 289 13.03 12.36 -16.78
CA GLN A 289 13.31 12.93 -15.46
C GLN A 289 14.62 13.70 -15.40
N ARG A 290 15.68 13.18 -16.01
CA ARG A 290 17.03 13.76 -15.91
C ARG A 290 17.01 15.28 -15.85
N ASN A 291 16.37 15.87 -16.85
CA ASN A 291 16.43 17.31 -17.12
C ASN A 291 15.31 18.12 -16.48
N ARG A 292 14.39 17.42 -15.81
CA ARG A 292 13.21 18.01 -15.16
C ARG A 292 13.59 19.21 -14.28
N VAL A 293 13.05 20.39 -14.60
CA VAL A 293 13.16 21.53 -13.68
C VAL A 293 11.83 21.76 -12.98
N ARG A 294 11.89 22.21 -11.72
CA ARG A 294 10.72 22.74 -11.04
C ARG A 294 10.19 23.90 -11.85
N ALA A 295 8.89 23.91 -12.12
CA ALA A 295 8.28 25.03 -12.83
C ALA A 295 8.28 26.31 -11.99
N TYR A 296 8.14 26.14 -10.67
CA TYR A 296 8.03 27.28 -9.75
C TYR A 296 9.38 27.89 -9.39
N THR A 297 10.33 27.04 -9.02
CA THR A 297 11.62 27.49 -8.48
C THR A 297 12.76 27.52 -9.51
N GLY A 298 12.60 26.75 -10.60
CA GLY A 298 13.62 26.65 -11.64
C GLY A 298 14.82 25.81 -11.22
N ALA A 299 14.62 24.95 -10.22
CA ALA A 299 15.69 24.08 -9.71
C ALA A 299 15.80 22.78 -10.51
N ASN A 300 17.04 22.39 -10.80
CA ASN A 300 17.33 21.21 -11.61
C ASN A 300 17.11 19.93 -10.82
N VAL A 301 15.92 19.36 -10.96
CA VAL A 301 15.32 18.51 -9.92
C VAL A 301 15.21 17.01 -10.28
N GLY A 302 15.80 16.65 -11.40
CA GLY A 302 15.69 15.28 -11.94
C GLY A 302 16.35 14.21 -11.12
N LEU A 303 17.33 14.61 -10.32
CA LEU A 303 18.08 13.68 -9.48
C LEU A 303 17.80 13.84 -7.98
N ALA A 304 16.63 14.40 -7.65
CA ALA A 304 16.24 14.53 -6.25
C ALA A 304 15.95 13.15 -5.65
N THR A 305 16.22 13.02 -4.35
CA THR A 305 16.10 11.74 -3.65
C THR A 305 14.73 11.06 -3.82
N PRO A 306 13.61 11.79 -3.59
CA PRO A 306 12.31 11.13 -3.79
C PRO A 306 12.19 10.44 -5.16
N ALA A 307 12.57 11.14 -6.23
CA ALA A 307 12.51 10.56 -7.58
C ALA A 307 13.40 9.34 -7.73
N LEU A 308 14.61 9.43 -7.18
CA LEU A 308 15.58 8.34 -7.22
C LEU A 308 15.05 7.11 -6.54
N MET A 309 14.39 7.30 -5.41
CA MET A 309 13.85 6.21 -4.63
C MET A 309 12.66 5.56 -5.33
N ARG A 310 11.86 6.37 -6.00
CA ARG A 310 10.75 5.85 -6.80
C ARG A 310 11.27 5.02 -7.96
N ILE A 311 12.26 5.53 -8.67
CA ILE A 311 12.86 4.79 -9.78
C ILE A 311 13.37 3.43 -9.30
N ALA A 312 14.07 3.44 -8.17
CA ALA A 312 14.59 2.24 -7.56
C ALA A 312 13.45 1.28 -7.21
N GLU A 313 12.46 1.75 -6.47
CA GLU A 313 11.41 0.83 -6.01
C GLU A 313 10.63 0.23 -7.18
N SER A 314 10.18 1.04 -8.13
CA SER A 314 9.52 0.51 -9.31
C SER A 314 10.41 -0.45 -10.08
N THR A 315 11.72 -0.20 -10.11
CA THR A 315 12.68 -1.12 -10.73
C THR A 315 12.67 -2.45 -10.02
N HIS A 316 12.74 -2.41 -8.69
CA HIS A 316 12.68 -3.65 -7.90
C HIS A 316 11.34 -4.35 -8.08
N GLN A 317 10.23 -3.60 -7.99
CA GLN A 317 8.90 -4.19 -8.16
C GLN A 317 8.72 -4.92 -9.50
N VAL A 318 9.08 -4.30 -10.62
CA VAL A 318 8.93 -5.03 -11.89
C VAL A 318 9.97 -6.15 -12.10
N ALA A 319 11.15 -6.03 -11.50
CA ALA A 319 12.15 -7.10 -11.55
C ALA A 319 11.62 -8.33 -10.83
N ALA A 320 10.94 -8.07 -9.70
CA ALA A 320 10.31 -9.11 -8.92
C ALA A 320 9.18 -9.73 -9.74
N ALA A 321 8.37 -8.86 -10.37
CA ALA A 321 7.32 -9.31 -11.28
C ALA A 321 7.91 -10.14 -12.40
N ARG A 322 9.01 -9.69 -12.99
CA ARG A 322 9.65 -10.45 -14.05
C ARG A 322 10.10 -11.85 -13.56
N ALA A 323 10.77 -11.87 -12.42
CA ALA A 323 11.29 -13.10 -11.85
C ALA A 323 10.17 -14.14 -11.66
N LEU A 324 9.04 -13.70 -11.14
CA LEU A 324 7.87 -14.57 -10.97
C LEU A 324 7.38 -15.10 -12.31
N LEU A 325 7.25 -14.20 -13.28
CA LEU A 325 6.81 -14.59 -14.61
C LEU A 325 7.79 -15.55 -15.27
N GLU A 326 9.09 -15.25 -15.18
CA GLU A 326 10.10 -16.12 -15.78
C GLU A 326 10.07 -17.50 -15.14
N LYS A 327 9.93 -17.53 -13.82
CA LYS A 327 9.88 -18.80 -13.10
C LYS A 327 8.65 -19.56 -13.58
N THR A 328 7.50 -18.89 -13.58
CA THR A 328 6.27 -19.52 -14.03
C THR A 328 6.37 -20.05 -15.47
N TRP A 329 6.91 -19.23 -16.38
CA TRP A 329 7.07 -19.66 -17.77
C TRP A 329 7.96 -20.89 -17.85
N GLU A 330 9.02 -20.92 -17.03
CA GLU A 330 9.91 -22.06 -16.97
C GLU A 330 9.14 -23.32 -16.57
N ASP A 331 8.25 -23.17 -15.59
CA ASP A 331 7.43 -24.26 -15.10
C ASP A 331 6.57 -24.79 -16.23
N HIS A 332 6.02 -23.88 -17.04
CA HIS A 332 5.22 -24.28 -18.21
C HIS A 332 6.10 -25.08 -19.18
N ARG A 333 7.30 -24.58 -19.43
CA ARG A 333 8.19 -25.16 -20.40
C ARG A 333 8.54 -26.60 -20.01
N ILE A 334 9.00 -26.78 -18.79
CA ILE A 334 9.36 -28.08 -18.25
C ILE A 334 8.19 -29.05 -18.37
N HIS A 335 6.98 -28.62 -18.02
CA HIS A 335 5.82 -29.50 -18.11
C HIS A 335 5.63 -29.98 -19.57
N GLY A 336 5.65 -29.04 -20.53
CA GLY A 336 5.43 -29.31 -21.94
C GLY A 336 6.47 -30.27 -22.51
N LEU A 337 7.72 -30.10 -22.08
CA LEU A 337 8.81 -31.00 -22.44
C LEU A 337 8.47 -32.43 -22.10
N ASN A 338 8.00 -32.63 -20.88
CA ASN A 338 7.76 -33.94 -20.33
C ASN A 338 6.38 -34.46 -20.69
N HIS A 339 5.63 -33.67 -21.46
CA HIS A 339 4.26 -34.02 -21.83
C HIS A 339 3.41 -34.24 -20.60
N GLN A 340 3.75 -33.52 -19.52
CA GLN A 340 3.09 -33.69 -18.24
C GLN A 340 2.05 -32.62 -18.04
N TYR A 341 0.83 -33.05 -17.74
CA TYR A 341 -0.24 -32.12 -17.41
C TYR A 341 -0.15 -31.70 -15.95
N PRO A 342 -0.36 -30.41 -15.67
CA PRO A 342 -0.19 -29.92 -14.31
C PRO A 342 -1.25 -30.45 -13.36
N ASN A 343 -0.87 -30.65 -12.11
CA ASN A 343 -1.84 -31.02 -11.08
C ASN A 343 -2.60 -29.79 -10.61
N LYS A 344 -3.62 -30.00 -9.78
CA LYS A 344 -4.50 -28.92 -9.34
C LYS A 344 -3.72 -27.71 -8.84
N GLU A 345 -2.72 -27.96 -8.00
CA GLU A 345 -1.94 -26.92 -7.36
C GLU A 345 -1.15 -26.07 -8.36
N THR A 346 -0.42 -26.71 -9.27
CA THR A 346 0.40 -25.93 -10.18
C THR A 346 -0.45 -25.16 -11.14
N LEU A 347 -1.57 -25.77 -11.51
CA LEU A 347 -2.56 -25.14 -12.36
C LEU A 347 -3.11 -23.86 -11.74
N ALA A 348 -3.35 -23.88 -10.43
CA ALA A 348 -3.86 -22.70 -9.72
C ALA A 348 -2.80 -21.59 -9.72
N PHE A 349 -1.54 -21.98 -9.56
CA PHE A 349 -0.44 -21.02 -9.66
C PHE A 349 -0.27 -20.46 -11.08
N TRP A 350 -0.35 -21.32 -12.09
CA TRP A 350 -0.26 -20.87 -13.50
C TRP A 350 -1.39 -19.91 -13.84
N ARG A 351 -2.57 -20.20 -13.29
CA ARG A 351 -3.75 -19.41 -13.57
C ARG A 351 -3.62 -18.01 -12.94
N THR A 352 -2.94 -17.94 -11.79
CA THR A 352 -3.04 -16.74 -10.96
C THR A 352 -1.78 -15.90 -10.87
N ASN A 353 -0.60 -16.51 -10.97
CA ASN A 353 0.67 -15.77 -10.84
C ASN A 353 0.74 -14.56 -11.76
N GLN A 354 0.29 -14.74 -13.00
CA GLN A 354 0.25 -13.66 -13.98
C GLN A 354 -0.61 -12.49 -13.50
N ALA A 355 -1.68 -12.78 -12.77
CA ALA A 355 -2.52 -11.69 -12.26
C ALA A 355 -1.80 -10.91 -11.19
N TYR A 356 -1.01 -11.60 -10.37
CA TYR A 356 -0.23 -10.92 -9.35
C TYR A 356 0.86 -10.07 -10.02
N ALA A 357 1.51 -10.66 -11.04
CA ALA A 357 2.51 -9.95 -11.84
C ALA A 357 1.93 -8.66 -12.41
N VAL A 358 0.71 -8.74 -12.96
CA VAL A 358 0.07 -7.58 -13.56
C VAL A 358 -0.15 -6.48 -12.51
N LYS A 359 -0.60 -6.91 -11.33
CA LYS A 359 -0.88 -5.96 -10.28
C LYS A 359 0.40 -5.27 -9.77
N MET A 360 1.51 -6.00 -9.76
CA MET A 360 2.79 -5.44 -9.34
C MET A 360 3.26 -4.40 -10.35
N CYS A 361 3.14 -4.74 -11.62
CA CYS A 361 3.55 -3.87 -12.69
C CYS A 361 2.78 -2.57 -12.65
N ILE A 362 1.46 -2.66 -12.43
CA ILE A 362 0.62 -1.47 -12.40
C ILE A 362 1.00 -0.59 -11.22
N GLU A 363 1.37 -1.22 -10.10
CA GLU A 363 1.89 -0.46 -8.94
C GLU A 363 3.16 0.30 -9.31
N ALA A 364 4.08 -0.41 -9.96
CA ALA A 364 5.34 0.15 -10.41
C ALA A 364 5.15 1.31 -11.37
N VAL A 365 4.19 1.21 -12.26
CA VAL A 365 3.86 2.29 -13.19
C VAL A 365 3.24 3.48 -12.46
N ASP A 366 2.24 3.19 -11.62
CA ASP A 366 1.55 4.23 -10.88
C ASP A 366 2.50 5.04 -10.03
N ARG A 367 3.50 4.37 -9.47
CA ARG A 367 4.43 5.02 -8.54
C ARG A 367 5.26 6.09 -9.26
N LEU A 368 5.59 5.78 -10.51
CA LEU A 368 6.29 6.71 -11.37
C LEU A 368 5.35 7.78 -11.90
N MET A 369 4.16 7.37 -12.33
CA MET A 369 3.20 8.36 -12.86
C MET A 369 2.85 9.43 -11.80
N ALA A 370 2.74 9.01 -10.55
CA ALA A 370 2.37 9.92 -9.48
C ALA A 370 3.40 11.03 -9.28
N ALA A 371 4.61 10.81 -9.79
CA ALA A 371 5.69 11.75 -9.65
C ALA A 371 6.08 12.37 -10.99
N ALA A 372 5.31 12.07 -12.03
CA ALA A 372 5.62 12.50 -13.39
C ALA A 372 5.23 13.94 -13.67
N GLY A 373 4.30 14.48 -12.89
CA GLY A 373 3.85 15.86 -13.09
C GLY A 373 2.87 16.02 -14.24
N ALA A 374 2.25 17.20 -14.28
CA ALA A 374 1.18 17.54 -15.25
C ALA A 374 1.57 17.39 -16.72
N THR A 375 2.81 17.74 -17.05
CA THR A 375 3.31 17.60 -18.43
C THR A 375 3.16 16.19 -18.99
N SER A 376 3.23 15.20 -18.10
CA SER A 376 3.13 13.80 -18.47
C SER A 376 1.71 13.35 -18.80
N PHE A 377 0.73 14.21 -18.53
CA PHE A 377 -0.65 13.89 -18.86
C PHE A 377 -1.12 14.52 -20.18
N MET A 378 -0.20 15.18 -20.87
CA MET A 378 -0.44 15.75 -22.18
C MET A 378 -0.42 14.66 -23.25
N ASP A 379 -1.16 14.87 -24.32
CA ASP A 379 -1.23 13.91 -25.43
C ASP A 379 0.13 13.66 -26.09
N ASN A 380 1.03 14.65 -25.98
CA ASN A 380 2.37 14.53 -26.57
C ASN A 380 3.41 13.87 -25.65
N SER A 381 2.93 13.26 -24.55
CA SER A 381 3.80 12.53 -23.64
C SER A 381 3.46 11.04 -23.64
N GLU A 382 4.49 10.23 -23.86
CA GLU A 382 4.36 8.78 -23.91
C GLU A 382 3.94 8.19 -22.57
N LEU A 383 4.32 8.86 -21.47
CA LEU A 383 4.03 8.39 -20.13
C LEU A 383 2.53 8.12 -19.98
N GLN A 384 1.74 9.12 -20.33
CA GLN A 384 0.30 9.06 -20.33
C GLN A 384 -0.26 7.81 -21.07
N ARG A 385 0.34 7.45 -22.19
CA ARG A 385 -0.09 6.27 -22.93
C ARG A 385 0.27 4.99 -22.16
N LEU A 386 1.42 5.02 -21.50
CA LEU A 386 1.93 3.84 -20.82
C LEU A 386 1.06 3.56 -19.59
N PHE A 387 0.76 4.63 -18.86
CA PHE A 387 -0.16 4.64 -17.73
C PHE A 387 -1.51 4.01 -18.11
N ARG A 388 -2.17 4.57 -19.10
CA ARG A 388 -3.47 4.08 -19.54
C ARG A 388 -3.40 2.60 -19.96
N ASP A 389 -2.43 2.26 -20.81
CA ASP A 389 -2.28 0.90 -21.31
C ASP A 389 -1.99 -0.08 -20.17
N ALA A 390 -1.10 0.31 -19.25
CA ALA A 390 -0.82 -0.48 -18.06
C ALA A 390 -2.10 -0.83 -17.32
N HIS A 391 -2.95 0.17 -17.04
CA HIS A 391 -4.16 -0.07 -16.27
C HIS A 391 -5.14 -0.99 -17.00
N MET A 392 -5.27 -0.80 -18.30
CA MET A 392 -6.08 -1.68 -19.11
C MET A 392 -5.69 -3.15 -18.95
N THR A 393 -4.38 -3.45 -18.82
CA THR A 393 -3.92 -4.84 -18.73
C THR A 393 -4.45 -5.55 -17.49
N GLY A 394 -4.83 -4.76 -16.49
CA GLY A 394 -5.40 -5.31 -15.29
C GLY A 394 -6.91 -5.29 -15.32
N ALA A 395 -7.49 -4.88 -16.45
CA ALA A 395 -8.94 -4.82 -16.61
C ALA A 395 -9.54 -6.04 -17.33
N HIS A 396 -8.68 -6.84 -17.97
CA HIS A 396 -9.14 -8.07 -18.60
C HIS A 396 -9.69 -9.03 -17.56
N ALA A 397 -10.73 -9.76 -17.93
CA ALA A 397 -11.35 -10.69 -17.01
C ALA A 397 -10.36 -11.77 -16.50
N TYR A 398 -9.30 -12.03 -17.25
CA TYR A 398 -8.34 -13.06 -16.88
C TYR A 398 -7.27 -12.53 -15.91
N THR A 399 -7.12 -11.21 -15.82
CA THR A 399 -6.07 -10.64 -14.96
C THR A 399 -6.68 -10.00 -13.69
N ASP A 400 -7.97 -10.21 -13.48
CA ASP A 400 -8.66 -9.62 -12.35
C ASP A 400 -8.13 -10.30 -11.10
N TYR A 401 -7.53 -9.53 -10.19
CA TYR A 401 -6.88 -10.16 -9.06
C TYR A 401 -7.81 -10.64 -7.94
N ASP A 402 -8.92 -9.95 -7.73
CA ASP A 402 -9.93 -10.39 -6.80
C ASP A 402 -10.37 -11.83 -7.15
N VAL A 403 -10.60 -12.08 -8.42
CA VAL A 403 -10.97 -13.40 -8.87
C VAL A 403 -9.82 -14.36 -8.60
N CYS A 404 -8.61 -13.96 -8.99
CA CYS A 404 -7.43 -14.83 -8.84
C CYS A 404 -7.07 -15.13 -7.39
N ALA A 405 -7.25 -14.15 -6.51
CA ALA A 405 -6.96 -14.35 -5.11
C ALA A 405 -7.88 -15.45 -4.59
N GLN A 406 -9.13 -15.42 -5.02
CA GLN A 406 -10.12 -16.38 -4.58
C GLN A 406 -9.80 -17.77 -5.11
N ILE A 407 -9.41 -17.84 -6.39
CA ILE A 407 -9.10 -19.12 -7.03
C ILE A 407 -7.93 -19.78 -6.32
N LEU A 408 -6.86 -19.04 -6.09
CA LEU A 408 -5.71 -19.59 -5.42
C LEU A 408 -6.05 -19.96 -3.98
N GLY A 409 -6.70 -19.03 -3.27
CA GLY A 409 -6.99 -19.20 -1.86
C GLY A 409 -7.74 -20.48 -1.63
N ARG A 410 -8.77 -20.70 -2.45
CA ARG A 410 -9.60 -21.88 -2.33
C ARG A 410 -8.80 -23.16 -2.51
N GLU A 411 -7.91 -23.15 -3.51
CA GLU A 411 -7.07 -24.32 -3.79
C GLU A 411 -6.09 -24.58 -2.65
N LEU A 412 -5.47 -23.53 -2.13
CA LEU A 412 -4.52 -23.66 -1.04
C LEU A 412 -5.15 -24.24 0.20
N MET A 413 -6.46 -24.09 0.36
CA MET A 413 -7.13 -24.58 1.57
C MET A 413 -7.87 -25.86 1.28
N GLY A 414 -7.63 -26.42 0.11
CA GLY A 414 -8.24 -27.69 -0.28
C GLY A 414 -9.74 -27.64 -0.48
N MET A 415 -10.24 -26.49 -0.90
CA MET A 415 -11.67 -26.32 -1.15
C MET A 415 -11.99 -26.65 -2.60
N GLU A 416 -13.23 -27.04 -2.85
CA GLU A 416 -13.69 -27.23 -4.23
C GLU A 416 -13.78 -25.88 -4.96
N PRO A 417 -13.49 -25.87 -6.27
CA PRO A 417 -13.52 -24.61 -7.01
C PRO A 417 -14.88 -23.94 -6.96
N ASP A 418 -14.89 -22.61 -6.98
CA ASP A 418 -16.12 -21.84 -7.01
C ASP A 418 -16.53 -21.67 -8.47
N PRO A 419 -17.65 -22.29 -8.88
CA PRO A 419 -18.09 -22.25 -10.28
C PRO A 419 -18.52 -20.85 -10.75
N THR A 420 -18.72 -19.95 -9.79
CA THR A 420 -18.99 -18.54 -10.03
C THR A 420 -17.89 -17.79 -10.78
N MET A 421 -16.68 -18.32 -10.75
CA MET A 421 -15.54 -17.76 -11.47
C MET A 421 -14.68 -18.85 -12.06
N VAL A 422 -13.80 -18.50 -12.98
CA VAL A 422 -13.01 -19.50 -13.68
C VAL A 422 -11.67 -18.91 -14.17
N ARG B 24 8.85 -30.58 -12.23
CA ARG B 24 7.96 -29.44 -11.86
C ARG B 24 8.58 -28.51 -10.81
N LEU B 25 8.36 -27.21 -10.97
CA LEU B 25 8.88 -26.20 -10.04
C LEU B 25 8.00 -26.05 -8.81
N VAL B 26 8.57 -25.46 -7.77
CA VAL B 26 7.86 -25.23 -6.52
C VAL B 26 7.83 -23.74 -6.27
N TYR B 27 6.63 -23.19 -6.04
CA TYR B 27 6.49 -21.77 -5.81
C TYR B 27 6.64 -21.39 -4.34
N THR B 28 6.28 -22.30 -3.44
CA THR B 28 6.06 -22.00 -2.03
C THR B 28 7.21 -22.36 -1.09
N HIS B 29 8.28 -22.91 -1.65
CA HIS B 29 9.45 -23.32 -0.88
C HIS B 29 10.58 -23.82 -1.78
N ALA B 30 11.66 -24.25 -1.13
CA ALA B 30 12.85 -24.70 -1.82
C ALA B 30 12.63 -26.06 -2.44
N GLN B 31 13.13 -26.21 -3.66
CA GLN B 31 13.13 -27.51 -4.31
C GLN B 31 14.34 -28.33 -3.83
N THR B 32 14.08 -29.53 -3.32
CA THR B 32 15.13 -30.45 -2.87
C THR B 32 15.96 -30.95 -4.05
N PRO B 33 17.27 -30.66 -4.06
CA PRO B 33 18.13 -31.07 -5.18
C PRO B 33 18.25 -32.59 -5.25
N ASP B 34 17.98 -33.18 -6.41
CA ASP B 34 18.08 -34.64 -6.58
C ASP B 34 19.53 -35.04 -6.87
N VAL B 35 20.19 -35.55 -5.85
CA VAL B 35 21.58 -36.04 -5.97
C VAL B 35 21.69 -37.42 -5.34
N SER B 36 22.76 -38.13 -5.65
CA SER B 36 23.02 -39.42 -5.01
C SER B 36 23.62 -39.14 -3.64
N GLY B 37 23.03 -39.78 -2.62
CA GLY B 37 23.28 -39.40 -1.24
C GLY B 37 22.28 -38.35 -0.78
N VAL B 38 22.50 -37.81 0.41
CA VAL B 38 21.56 -36.88 1.01
C VAL B 38 22.12 -35.47 0.89
N SER B 39 21.34 -34.58 0.25
CA SER B 39 21.75 -33.17 0.13
C SER B 39 21.67 -32.51 1.50
N MET B 40 22.40 -31.40 1.67
CA MET B 40 22.33 -30.61 2.90
C MET B 40 20.91 -30.19 3.28
N LEU B 41 20.10 -29.83 2.29
CA LEU B 41 18.71 -29.44 2.54
C LEU B 41 17.86 -30.56 3.12
N GLU B 42 18.08 -31.79 2.64
CA GLU B 42 17.38 -32.94 3.19
C GLU B 42 17.84 -33.20 4.61
N LYS B 43 19.14 -32.97 4.86
CA LYS B 43 19.71 -33.16 6.17
C LYS B 43 19.16 -32.13 7.15
N ILE B 44 19.00 -30.90 6.69
CA ILE B 44 18.28 -29.89 7.46
C ILE B 44 16.86 -30.35 7.72
N GLN B 45 16.18 -30.82 6.67
CA GLN B 45 14.78 -31.21 6.77
C GLN B 45 14.53 -32.30 7.83
N GLN B 46 15.50 -33.19 7.99
CA GLN B 46 15.38 -34.27 8.98
C GLN B 46 15.46 -33.77 10.42
N ILE B 47 16.33 -32.80 10.67
CA ILE B 47 16.53 -32.27 12.02
C ILE B 47 15.60 -31.10 12.35
N LEU B 48 14.79 -30.68 11.38
CA LEU B 48 13.98 -29.51 11.53
C LEU B 48 12.99 -29.61 12.68
N PRO B 49 12.29 -30.77 12.83
CA PRO B 49 11.36 -30.85 13.96
C PRO B 49 12.00 -30.63 15.34
N GLN B 50 13.25 -31.07 15.50
CA GLN B 50 14.01 -30.85 16.74
C GLN B 50 14.29 -29.38 16.97
N ILE B 51 14.73 -28.70 15.91
CA ILE B 51 14.98 -27.27 15.96
C ILE B 51 13.69 -26.52 16.32
N ALA B 52 12.59 -26.94 15.71
CA ALA B 52 11.29 -26.33 15.94
C ALA B 52 10.84 -26.45 17.40
N LYS B 53 11.16 -27.56 18.06
CA LYS B 53 10.70 -27.79 19.43
C LYS B 53 11.55 -27.04 20.46
N ASN B 54 12.81 -26.80 20.14
CA ASN B 54 13.66 -25.97 20.98
C ASN B 54 13.35 -24.49 20.87
N ALA B 55 12.64 -24.09 19.79
CA ALA B 55 12.38 -22.68 19.50
C ALA B 55 11.88 -21.86 20.69
N GLU B 56 10.95 -22.42 21.45
CA GLU B 56 10.36 -21.69 22.57
C GLU B 56 11.36 -21.50 23.71
N SER B 57 12.10 -22.55 24.06
CA SER B 57 13.16 -22.43 25.07
C SER B 57 14.39 -21.69 24.54
N ALA B 58 14.60 -21.72 23.23
CA ALA B 58 15.65 -20.92 22.59
C ALA B 58 15.42 -19.42 22.78
N GLU B 59 14.14 -19.03 22.74
CA GLU B 59 13.75 -17.65 22.84
C GLU B 59 13.99 -17.14 24.25
N GLN B 60 13.77 -18.00 25.24
CA GLN B 60 13.99 -17.64 26.63
C GLN B 60 15.47 -17.71 27.01
N LEU B 61 16.23 -18.52 26.28
CA LEU B 61 17.66 -18.66 26.48
C LEU B 61 18.42 -17.44 26.00
N ARG B 62 17.83 -16.71 25.04
CA ARG B 62 18.42 -15.51 24.41
C ARG B 62 19.71 -15.84 23.66
N ARG B 63 19.86 -17.10 23.26
CA ARG B 63 20.97 -17.57 22.44
C ARG B 63 20.61 -18.94 21.88
N VAL B 64 21.36 -19.42 20.89
CA VAL B 64 21.08 -20.71 20.28
C VAL B 64 21.39 -21.84 21.27
N PRO B 65 20.42 -22.74 21.52
CA PRO B 65 20.68 -23.90 22.38
C PRO B 65 21.84 -24.75 21.85
N ASP B 66 22.63 -25.30 22.76
CA ASP B 66 23.78 -26.12 22.39
C ASP B 66 23.39 -27.27 21.47
N GLU B 67 22.24 -27.87 21.74
CA GLU B 67 21.70 -28.95 20.92
C GLU B 67 21.56 -28.55 19.45
N ASN B 68 21.10 -27.33 19.20
CA ASN B 68 20.92 -26.82 17.84
C ASN B 68 22.23 -26.69 17.08
N ILE B 69 23.23 -26.10 17.73
CA ILE B 69 24.57 -25.99 17.17
C ILE B 69 25.15 -27.37 16.91
N LYS B 70 24.98 -28.26 17.88
CA LYS B 70 25.44 -29.64 17.77
C LYS B 70 24.85 -30.33 16.54
N LEU B 71 23.52 -30.27 16.41
CA LEU B 71 22.82 -30.86 15.27
C LEU B 71 23.30 -30.28 13.95
N LEU B 72 23.35 -28.95 13.87
CA LEU B 72 23.74 -28.27 12.64
C LEU B 72 25.20 -28.51 12.25
N LYS B 73 26.07 -28.61 13.24
CA LYS B 73 27.47 -28.91 12.98
C LYS B 73 27.67 -30.37 12.61
N GLU B 74 26.82 -31.24 13.16
CA GLU B 74 26.83 -32.66 12.85
C GLU B 74 26.54 -32.96 11.37
N ILE B 75 25.56 -32.24 10.80
CA ILE B 75 25.27 -32.38 9.37
C ILE B 75 26.31 -31.66 8.52
N GLY B 76 27.06 -30.76 9.13
CA GLY B 76 28.21 -30.15 8.49
C GLY B 76 27.96 -28.82 7.82
N LEU B 77 26.84 -28.18 8.16
CA LEU B 77 26.42 -26.92 7.51
C LEU B 77 27.40 -25.78 7.70
N HIS B 78 28.10 -25.77 8.83
CA HIS B 78 29.07 -24.71 9.14
C HIS B 78 30.25 -24.68 8.18
N ARG B 79 30.44 -25.78 7.45
CA ARG B 79 31.55 -25.94 6.51
C ARG B 79 31.09 -25.64 5.09
N ALA B 80 29.91 -25.02 4.97
CA ALA B 80 29.33 -24.60 3.70
C ALA B 80 30.29 -23.81 2.85
N PHE B 81 30.97 -22.84 3.45
CA PHE B 81 31.84 -21.93 2.70
C PHE B 81 33.29 -22.01 3.14
N GLN B 82 33.62 -23.05 3.88
CA GLN B 82 35.01 -23.33 4.24
C GLN B 82 35.68 -23.89 2.99
N PRO B 83 36.91 -23.44 2.69
CA PRO B 83 37.64 -24.03 1.58
C PRO B 83 37.72 -25.55 1.68
N LYS B 84 37.72 -26.22 0.53
CA LYS B 84 37.77 -27.68 0.46
C LYS B 84 39.04 -28.25 1.08
N VAL B 85 40.14 -27.51 0.98
CA VAL B 85 41.44 -27.99 1.48
C VAL B 85 41.43 -28.25 2.99
N TYR B 86 40.51 -27.59 3.71
CA TYR B 86 40.34 -27.79 5.14
C TYR B 86 39.19 -28.74 5.46
N GLY B 87 38.58 -29.30 4.42
CA GLY B 87 37.44 -30.22 4.57
C GLY B 87 36.10 -29.53 4.42
N GLY B 88 36.11 -28.34 3.82
CA GLY B 88 34.88 -27.58 3.57
C GLY B 88 34.13 -28.12 2.35
N LEU B 89 32.87 -27.71 2.23
CA LEU B 89 32.00 -28.19 1.17
C LEU B 89 32.01 -27.30 -0.06
N GLU B 90 32.25 -26.00 0.14
CA GLU B 90 32.09 -24.98 -0.90
C GLU B 90 30.75 -25.11 -1.62
N MET B 91 29.67 -25.07 -0.84
CA MET B 91 28.31 -25.07 -1.37
C MET B 91 28.08 -23.84 -2.23
N SER B 92 27.20 -23.97 -3.23
CA SER B 92 26.78 -22.80 -4.00
C SER B 92 25.93 -21.92 -3.10
N LEU B 93 25.85 -20.64 -3.42
CA LEU B 93 25.00 -19.71 -2.67
C LEU B 93 23.52 -20.12 -2.65
N PRO B 94 22.94 -20.48 -3.82
CA PRO B 94 21.54 -20.89 -3.77
C PRO B 94 21.31 -22.05 -2.79
N ASP B 95 22.12 -23.11 -2.89
CA ASP B 95 21.91 -24.27 -2.04
C ASP B 95 22.02 -23.88 -0.58
N PHE B 96 23.03 -23.08 -0.24
CA PHE B 96 23.18 -22.61 1.11
C PHE B 96 22.00 -21.77 1.58
N ALA B 97 21.70 -20.71 0.82
CA ALA B 97 20.61 -19.81 1.15
C ALA B 97 19.32 -20.61 1.43
N ASN B 98 19.02 -21.59 0.58
CA ASN B 98 17.83 -22.41 0.77
C ASN B 98 17.84 -23.22 2.07
N CYS B 99 19.01 -23.64 2.53
CA CYS B 99 19.12 -24.30 3.83
C CYS B 99 18.74 -23.34 4.96
N ILE B 100 19.18 -22.08 4.83
CA ILE B 100 18.91 -21.08 5.84
C ILE B 100 17.41 -20.69 5.86
N VAL B 101 16.81 -20.63 4.69
CA VAL B 101 15.37 -20.33 4.56
C VAL B 101 14.57 -21.41 5.28
N THR B 102 14.80 -22.67 4.90
CA THR B 102 14.15 -23.79 5.54
C THR B 102 14.36 -23.75 7.04
N LEU B 103 15.60 -23.55 7.46
CA LEU B 103 15.95 -23.54 8.87
C LEU B 103 15.22 -22.43 9.65
N ALA B 104 15.13 -21.24 9.04
CA ALA B 104 14.45 -20.08 9.63
C ALA B 104 13.00 -20.33 9.94
N GLY B 105 12.40 -21.31 9.28
CA GLY B 105 11.00 -21.66 9.50
C GLY B 105 10.81 -22.29 10.86
N ALA B 106 11.82 -22.99 11.33
CA ALA B 106 11.74 -23.65 12.63
C ALA B 106 12.13 -22.72 13.79
N CYS B 107 13.21 -21.95 13.61
CA CYS B 107 13.69 -21.01 14.60
C CYS B 107 14.51 -19.95 13.90
N ALA B 108 13.94 -18.76 13.71
CA ALA B 108 14.59 -17.67 12.97
C ALA B 108 15.96 -17.31 13.54
N GLY B 109 15.99 -17.07 14.85
CA GLY B 109 17.23 -16.74 15.55
C GLY B 109 18.33 -17.75 15.34
N THR B 110 18.01 -19.04 15.44
CA THR B 110 18.98 -20.08 15.14
C THR B 110 19.52 -19.90 13.72
N ALA B 111 18.62 -19.74 12.76
CA ALA B 111 19.01 -19.66 11.36
C ALA B 111 19.81 -18.41 11.08
N TRP B 112 19.43 -17.31 11.72
CA TRP B 112 20.09 -16.03 11.56
C TRP B 112 21.51 -16.07 12.09
N ALA B 113 21.69 -16.56 13.32
CA ALA B 113 23.00 -16.65 13.93
C ALA B 113 23.87 -17.68 13.20
N PHE B 114 23.30 -18.84 12.91
CA PHE B 114 24.09 -19.90 12.26
C PHE B 114 24.48 -19.54 10.83
N SER B 115 23.63 -18.78 10.15
CA SER B 115 23.95 -18.32 8.82
C SER B 115 25.21 -17.45 8.88
N LEU B 116 25.26 -16.57 9.87
CA LEU B 116 26.39 -15.66 10.04
C LEU B 116 27.69 -16.41 10.33
N LEU B 117 27.62 -17.37 11.24
CA LEU B 117 28.78 -18.23 11.50
C LEU B 117 29.25 -18.88 10.21
N CYS B 118 28.32 -19.28 9.35
CA CYS B 118 28.67 -19.92 8.07
C CYS B 118 29.30 -18.95 7.09
N THR B 119 28.65 -17.81 6.86
CA THR B 119 29.10 -16.90 5.80
C THR B 119 30.38 -16.18 6.15
N HIS B 120 30.71 -16.14 7.43
CA HIS B 120 31.98 -15.55 7.86
C HIS B 120 33.15 -16.39 7.35
N SER B 121 32.97 -17.72 7.31
CA SER B 121 34.00 -18.60 6.77
C SER B 121 34.39 -18.21 5.36
N HIS B 122 33.42 -17.72 4.60
CA HIS B 122 33.62 -17.32 3.19
C HIS B 122 34.57 -16.11 3.13
N GLN B 123 34.40 -15.18 4.06
CA GLN B 123 35.29 -14.03 4.18
C GLN B 123 36.70 -14.46 4.61
N ILE B 124 36.75 -15.30 5.65
CA ILE B 124 38.00 -15.83 6.19
C ILE B 124 38.83 -16.52 5.11
N ALA B 125 38.15 -17.04 4.08
CA ALA B 125 38.82 -17.68 2.94
C ALA B 125 39.57 -16.69 2.05
N MET B 126 39.34 -15.39 2.27
CA MET B 126 40.00 -14.34 1.47
C MET B 126 41.13 -13.67 2.23
N PHE B 127 41.25 -13.98 3.53
CA PHE B 127 42.43 -13.62 4.32
C PHE B 127 43.63 -14.50 3.92
N SER B 128 44.78 -14.26 4.52
CA SER B 128 46.00 -15.00 4.19
C SER B 128 45.87 -16.50 4.45
N LYS B 129 46.62 -17.30 3.69
CA LYS B 129 46.72 -18.73 3.95
C LYS B 129 47.12 -18.97 5.40
N GLN B 130 48.00 -18.09 5.89
CA GLN B 130 48.56 -18.16 7.24
C GLN B 130 47.49 -18.10 8.33
N LEU B 131 46.55 -17.16 8.21
CA LEU B 131 45.45 -17.06 9.15
C LEU B 131 44.50 -18.26 9.08
N GLN B 132 44.19 -18.68 7.85
CA GLN B 132 43.27 -19.80 7.63
C GLN B 132 43.85 -21.08 8.19
N ASP B 133 45.15 -21.30 7.97
CA ASP B 133 45.85 -22.45 8.56
C ASP B 133 45.76 -22.40 10.07
N GLU B 134 45.96 -21.20 10.61
CA GLU B 134 45.90 -20.95 12.04
C GLU B 134 44.54 -21.32 12.62
N ILE B 135 43.46 -20.94 11.93
CA ILE B 135 42.11 -21.24 12.39
C ILE B 135 41.74 -22.71 12.15
N TRP B 136 41.96 -23.21 10.94
CA TRP B 136 41.35 -24.47 10.52
C TRP B 136 42.18 -25.75 10.59
N LEU B 137 43.50 -25.63 10.55
CA LEU B 137 44.36 -26.82 10.72
C LEU B 137 44.28 -27.27 12.16
N LYS B 138 44.29 -26.29 13.05
CA LYS B 138 44.11 -26.47 14.48
C LYS B 138 42.72 -27.07 14.79
N ASP B 139 41.66 -26.37 14.36
CA ASP B 139 40.28 -26.80 14.55
C ASP B 139 39.50 -26.64 13.25
N PRO B 140 39.23 -27.76 12.55
CA PRO B 140 38.49 -27.73 11.28
C PRO B 140 37.05 -27.26 11.44
N ASP B 141 36.48 -27.41 12.64
CA ASP B 141 35.09 -27.02 12.90
C ASP B 141 34.95 -25.62 13.52
N ALA B 142 36.03 -24.85 13.51
CA ALA B 142 36.03 -23.50 14.08
C ALA B 142 35.30 -22.48 13.21
N THR B 143 34.60 -21.56 13.86
CA THR B 143 33.82 -20.51 13.18
C THR B 143 34.06 -19.15 13.85
N ALA B 144 33.66 -18.10 13.16
CA ALA B 144 33.75 -16.74 13.68
C ALA B 144 32.37 -16.09 13.75
N SER B 145 32.14 -15.29 14.79
CA SER B 145 31.01 -14.38 14.78
C SER B 145 31.60 -13.03 14.41
N SER B 146 30.83 -11.95 14.49
CA SER B 146 31.32 -10.66 14.00
C SER B 146 30.69 -9.46 14.69
N SER B 147 31.29 -8.30 14.45
CA SER B 147 30.74 -7.01 14.79
C SER B 147 31.46 -6.04 13.86
N ILE B 148 30.78 -5.61 12.81
CA ILE B 148 31.47 -5.04 11.66
C ILE B 148 31.49 -3.51 11.62
N ALA B 149 30.55 -2.87 12.31
CA ALA B 149 30.49 -1.41 12.34
C ALA B 149 31.74 -0.88 13.04
N PRO B 150 32.47 0.02 12.35
CA PRO B 150 33.79 0.49 12.80
C PRO B 150 33.74 1.48 13.98
N PHE B 151 33.35 1.00 15.14
CA PHE B 151 33.25 1.86 16.32
C PHE B 151 34.53 1.92 17.14
N GLY B 152 35.46 0.99 16.88
CA GLY B 152 36.69 0.89 17.65
C GLY B 152 37.67 2.01 17.38
N LYS B 153 38.47 2.33 18.39
CA LYS B 153 39.56 3.30 18.26
C LYS B 153 40.81 2.50 17.95
N VAL B 154 41.52 2.92 16.90
CA VAL B 154 42.69 2.18 16.44
C VAL B 154 43.98 3.00 16.57
N GLU B 155 44.95 2.42 17.28
CA GLU B 155 46.29 2.95 17.36
C GLU B 155 47.18 2.12 16.46
N GLU B 156 47.85 2.76 15.52
CA GLU B 156 48.83 2.08 14.68
C GLU B 156 50.11 1.84 15.47
N VAL B 157 50.34 0.58 15.82
CA VAL B 157 51.61 0.16 16.38
C VAL B 157 52.34 -0.55 15.25
N GLU B 158 53.56 -1.01 15.50
CA GLU B 158 54.26 -1.71 14.42
C GLU B 158 53.98 -3.20 14.45
N GLY B 159 53.73 -3.76 13.27
CA GLY B 159 53.35 -5.15 13.13
C GLY B 159 51.84 -5.33 13.10
N GLY B 160 51.09 -4.26 13.32
CA GLY B 160 49.63 -4.32 13.33
C GLY B 160 48.95 -3.13 13.97
N ILE B 161 47.85 -3.38 14.68
CA ILE B 161 47.13 -2.32 15.39
C ILE B 161 46.73 -2.74 16.80
N ILE B 162 46.46 -1.75 17.65
CA ILE B 162 45.82 -1.99 18.93
C ILE B 162 44.42 -1.43 18.82
N LEU B 163 43.43 -2.30 19.04
CA LEU B 163 42.03 -1.92 18.91
C LEU B 163 41.30 -1.89 20.25
N ASN B 164 40.51 -0.84 20.46
CA ASN B 164 39.74 -0.67 21.68
C ASN B 164 38.30 -0.30 21.37
N GLY B 165 37.36 -0.91 22.09
CA GLY B 165 35.97 -0.50 22.00
C GLY B 165 34.92 -1.55 22.27
N ASP B 166 33.68 -1.08 22.47
CA ASP B 166 32.52 -1.94 22.65
C ASP B 166 31.92 -2.27 21.29
N TYR B 167 31.89 -3.55 20.97
CA TYR B 167 31.48 -3.99 19.63
C TYR B 167 30.14 -4.73 19.68
N GLY B 168 29.06 -3.96 19.58
CA GLY B 168 27.71 -4.51 19.73
C GLY B 168 27.26 -5.50 18.68
N TRP B 169 26.23 -6.26 19.04
CA TRP B 169 25.49 -7.15 18.13
C TRP B 169 26.35 -8.20 17.50
N SER B 170 26.79 -9.20 18.26
CA SER B 170 27.52 -10.28 17.63
C SER B 170 26.71 -11.57 17.68
N SER B 171 25.85 -11.75 16.67
CA SER B 171 25.03 -12.94 16.57
C SER B 171 25.87 -14.21 16.61
N GLY B 172 25.49 -15.12 17.48
CA GLY B 172 26.16 -16.40 17.62
C GLY B 172 27.50 -16.32 18.35
N CYS B 173 27.78 -15.18 18.98
CA CYS B 173 29.08 -14.95 19.58
C CYS B 173 29.48 -15.99 20.62
N ASP B 174 28.49 -16.54 21.31
CA ASP B 174 28.72 -17.56 22.33
C ASP B 174 29.25 -18.87 21.77
N HIS B 175 29.03 -19.11 20.49
CA HIS B 175 29.39 -20.41 19.92
C HIS B 175 30.60 -20.33 19.00
N ALA B 176 31.18 -19.14 18.89
CA ALA B 176 32.28 -18.89 17.97
C ALA B 176 33.62 -18.93 18.67
N GLU B 177 34.65 -19.34 17.92
CA GLU B 177 36.01 -19.44 18.43
C GLU B 177 36.78 -18.16 18.12
N TYR B 178 36.20 -17.32 17.27
CA TYR B 178 36.85 -16.11 16.80
C TYR B 178 35.80 -15.02 16.58
N ALA B 179 36.25 -13.78 16.36
CA ALA B 179 35.35 -12.71 15.96
C ALA B 179 35.97 -11.92 14.82
N ILE B 180 35.14 -11.59 13.83
CA ILE B 180 35.57 -10.68 12.78
C ILE B 180 35.11 -9.30 13.16
N VAL B 181 36.06 -8.40 13.26
CA VAL B 181 35.80 -7.10 13.85
C VAL B 181 36.18 -6.00 12.83
N GLY B 182 35.30 -5.02 12.68
CA GLY B 182 35.50 -3.97 11.70
C GLY B 182 36.04 -2.70 12.30
N PHE B 183 36.89 -2.01 11.56
CA PHE B 183 37.51 -0.76 12.03
C PHE B 183 38.04 0.05 10.87
N ASN B 184 38.19 1.35 11.08
CA ASN B 184 38.81 2.22 10.08
C ASN B 184 40.25 2.53 10.43
N ARG B 185 41.14 2.26 9.48
CA ARG B 185 42.50 2.72 9.56
C ARG B 185 42.56 3.93 8.67
N PHE B 186 43.69 4.61 8.65
CA PHE B 186 43.81 5.74 7.77
C PHE B 186 45.03 5.66 6.85
N ASP B 187 45.23 6.76 6.13
CA ASP B 187 45.79 6.71 4.80
C ASP B 187 46.56 8.01 4.74
N ALA B 188 47.66 8.02 4.00
CA ALA B 188 48.54 9.20 3.95
C ALA B 188 47.78 10.54 3.96
N ASP B 189 46.60 10.55 3.33
CA ASP B 189 45.79 11.76 3.17
C ASP B 189 44.58 11.85 4.12
N GLY B 190 44.47 10.91 5.05
CA GLY B 190 43.38 10.90 6.04
C GLY B 190 42.09 10.25 5.59
N ASN B 191 42.13 9.56 4.45
CA ASN B 191 40.98 8.79 4.00
C ASN B 191 40.79 7.54 4.89
N LYS B 192 39.53 7.13 5.05
CA LYS B 192 39.20 5.92 5.79
C LYS B 192 39.63 4.69 5.01
N ILE B 193 40.31 3.76 5.69
CA ILE B 193 40.56 2.44 5.12
C ILE B 193 39.78 1.41 5.94
N TYR B 194 38.57 1.08 5.47
CA TYR B 194 37.73 0.13 6.19
C TYR B 194 38.35 -1.25 6.14
N SER B 195 38.60 -1.80 7.33
CA SER B 195 39.35 -3.03 7.49
C SER B 195 38.69 -4.00 8.45
N PHE B 196 38.97 -5.29 8.23
CA PHE B 196 38.49 -6.35 9.11
C PHE B 196 39.64 -7.07 9.79
N GLY B 197 39.51 -7.28 11.08
CA GLY B 197 40.48 -8.09 11.80
C GLY B 197 39.83 -9.32 12.39
N VAL B 198 40.55 -10.45 12.38
CA VAL B 198 40.06 -11.68 12.97
C VAL B 198 40.78 -11.94 14.28
N ILE B 199 40.02 -12.00 15.39
CA ILE B 199 40.60 -12.13 16.72
C ILE B 199 40.09 -13.36 17.48
N PRO B 200 40.95 -14.01 18.27
CA PRO B 200 40.52 -15.20 19.01
C PRO B 200 39.60 -14.89 20.19
N ARG B 201 38.73 -15.83 20.51
CA ARG B 201 37.79 -15.71 21.62
C ARG B 201 38.45 -15.21 22.92
N SER B 202 39.71 -15.56 23.13
CA SER B 202 40.44 -15.16 24.34
C SER B 202 40.75 -13.66 24.42
N ASP B 203 40.71 -12.96 23.29
CA ASP B 203 41.04 -11.53 23.23
C ASP B 203 39.89 -10.57 23.58
N TYR B 204 38.68 -11.10 23.75
CA TYR B 204 37.52 -10.25 24.05
C TYR B 204 36.55 -10.88 25.02
N GLU B 205 35.81 -10.02 25.73
CA GLU B 205 34.81 -10.45 26.68
C GLU B 205 33.43 -10.31 26.05
N ILE B 206 32.60 -11.34 26.20
CA ILE B 206 31.22 -11.27 25.71
C ILE B 206 30.37 -10.66 26.79
N VAL B 207 29.88 -9.43 26.53
CA VAL B 207 29.03 -8.73 27.48
C VAL B 207 27.58 -9.00 27.13
N ASP B 208 26.86 -9.60 28.07
CA ASP B 208 25.48 -10.04 27.80
C ASP B 208 24.47 -8.93 28.01
N ASN B 209 24.30 -8.10 26.97
CA ASN B 209 23.32 -7.02 27.00
C ASN B 209 22.21 -7.27 25.98
N TRP B 210 22.08 -8.52 25.56
CA TRP B 210 21.15 -8.88 24.49
C TRP B 210 19.74 -9.12 25.04
N TYR B 211 18.96 -8.05 25.10
CA TYR B 211 17.57 -8.12 25.51
C TYR B 211 16.73 -7.42 24.47
N ALA B 212 16.28 -8.21 23.50
CA ALA B 212 15.62 -7.68 22.30
C ALA B 212 14.20 -8.18 22.21
N GLN B 213 13.43 -7.63 21.27
CA GLN B 213 12.04 -8.04 21.12
C GLN B 213 11.80 -8.94 19.92
N ALA B 214 12.85 -9.29 19.21
CA ALA B 214 12.75 -10.20 18.08
C ALA B 214 14.06 -10.92 17.90
N ILE B 215 14.03 -12.07 17.22
CA ILE B 215 15.22 -12.88 16.96
C ILE B 215 16.05 -13.05 18.24
N LYS B 216 15.35 -13.24 19.36
CA LYS B 216 15.96 -13.36 20.67
C LYS B 216 16.98 -14.48 20.70
N SER B 217 16.68 -15.60 20.06
CA SER B 217 17.55 -16.77 20.14
C SER B 217 18.84 -16.66 19.35
N SER B 218 19.08 -15.53 18.70
CA SER B 218 20.32 -15.33 17.95
C SER B 218 21.53 -15.02 18.84
N GLY B 219 21.26 -14.69 20.10
CA GLY B 219 22.33 -14.35 21.06
C GLY B 219 23.27 -13.28 20.55
N SER B 220 22.71 -12.17 20.10
CA SER B 220 23.49 -11.08 19.52
C SER B 220 24.12 -10.16 20.58
N LYS B 221 24.81 -10.77 21.55
CA LYS B 221 25.48 -10.05 22.61
C LYS B 221 26.61 -9.12 22.10
N MET B 222 27.19 -8.32 22.99
CA MET B 222 28.25 -7.39 22.62
C MET B 222 29.63 -7.93 22.96
N LEU B 223 30.61 -7.59 22.13
CA LEU B 223 31.99 -7.98 22.36
C LEU B 223 32.79 -6.80 22.89
N LYS B 224 33.48 -6.98 24.01
CA LYS B 224 34.28 -5.92 24.60
C LYS B 224 35.74 -6.13 24.30
N LEU B 225 36.35 -5.15 23.66
CA LEU B 225 37.75 -5.22 23.26
C LEU B 225 38.58 -4.21 24.04
N VAL B 226 39.56 -4.73 24.80
CA VAL B 226 40.45 -3.88 25.62
C VAL B 226 41.89 -4.09 25.18
N ASN B 227 42.45 -3.05 24.59
CA ASN B 227 43.84 -3.04 24.10
C ASN B 227 44.19 -4.34 23.34
N VAL B 228 43.35 -4.68 22.37
CA VAL B 228 43.51 -5.91 21.62
C VAL B 228 44.49 -5.69 20.47
N PHE B 229 45.60 -6.42 20.50
CA PHE B 229 46.55 -6.35 19.40
C PHE B 229 46.11 -7.24 18.26
N ILE B 230 46.06 -6.67 17.06
CA ILE B 230 45.82 -7.45 15.86
C ILE B 230 47.00 -7.31 14.90
N PRO B 231 47.74 -8.41 14.68
CA PRO B 231 48.86 -8.39 13.73
C PRO B 231 48.39 -8.23 12.28
N GLU B 232 49.24 -7.67 11.44
CA GLU B 232 48.94 -7.35 10.05
C GLU B 232 48.36 -8.49 9.21
N TYR B 233 48.81 -9.72 9.45
CA TYR B 233 48.35 -10.86 8.65
C TYR B 233 46.90 -11.27 8.98
N ARG B 234 46.38 -10.79 10.10
CA ARG B 234 44.99 -11.04 10.48
C ARG B 234 44.12 -9.82 10.20
N ILE B 235 44.64 -8.88 9.41
CA ILE B 235 43.88 -7.71 8.97
C ILE B 235 43.75 -7.72 7.45
N SER B 236 42.51 -7.54 6.97
CA SER B 236 42.25 -7.38 5.54
C SER B 236 41.41 -6.16 5.26
N LYS B 237 41.72 -5.50 4.14
CA LYS B 237 40.93 -4.38 3.66
C LYS B 237 39.61 -4.88 3.06
N ALA B 238 38.51 -4.23 3.44
CA ALA B 238 37.20 -4.54 2.89
C ALA B 238 37.19 -4.47 1.37
N LYS B 239 37.70 -3.37 0.82
CA LYS B 239 37.75 -3.13 -0.61
C LYS B 239 38.51 -4.23 -1.34
N ASP B 240 39.59 -4.73 -0.72
CA ASP B 240 40.39 -5.81 -1.29
C ASP B 240 39.61 -7.12 -1.40
N MET B 241 38.70 -7.34 -0.46
CA MET B 241 37.90 -8.56 -0.44
C MET B 241 36.63 -8.40 -1.27
N MET B 242 36.37 -7.16 -1.70
CA MET B 242 35.31 -6.86 -2.64
C MET B 242 35.80 -7.00 -4.07
N GLU B 243 37.12 -6.96 -4.25
CA GLU B 243 37.69 -6.79 -5.58
C GLU B 243 38.74 -7.82 -6.00
N GLY B 244 38.91 -8.85 -5.17
CA GLY B 244 39.88 -9.91 -5.46
C GLY B 244 41.31 -9.41 -5.43
N LYS B 245 41.66 -8.72 -4.34
CA LYS B 245 42.99 -8.15 -4.17
C LYS B 245 43.52 -8.39 -2.76
N SER B 246 42.84 -9.26 -2.02
CA SER B 246 43.24 -9.58 -0.66
C SER B 246 44.27 -10.70 -0.65
N ALA B 247 44.89 -10.93 0.51
CA ALA B 247 45.96 -11.91 0.65
C ALA B 247 45.59 -13.32 0.24
N GLY B 248 44.31 -13.66 0.33
CA GLY B 248 43.84 -15.01 0.01
C GLY B 248 43.45 -15.23 -1.44
N PHE B 249 43.51 -14.18 -2.25
CA PHE B 249 43.13 -14.30 -3.63
C PHE B 249 44.03 -15.27 -4.38
N GLY B 250 43.41 -16.21 -5.07
CA GLY B 250 44.16 -17.13 -5.90
C GLY B 250 44.48 -18.44 -5.24
N LEU B 251 44.25 -18.52 -3.93
CA LEU B 251 44.56 -19.72 -3.15
C LEU B 251 43.87 -20.97 -3.68
N TYR B 252 42.61 -20.81 -4.10
CA TYR B 252 41.77 -21.94 -4.50
C TYR B 252 41.26 -21.80 -5.95
N PRO B 253 42.12 -22.10 -6.93
CA PRO B 253 41.84 -21.76 -8.32
C PRO B 253 40.73 -22.58 -8.95
N ASP B 254 40.31 -23.66 -8.28
CA ASP B 254 39.22 -24.50 -8.79
C ASP B 254 37.90 -24.17 -8.11
N SER B 255 37.91 -23.18 -7.22
CA SER B 255 36.74 -22.81 -6.43
C SER B 255 35.72 -22.04 -7.22
N LYS B 256 34.45 -22.34 -6.98
CA LYS B 256 33.36 -21.71 -7.70
C LYS B 256 32.70 -20.62 -6.86
N ILE B 257 33.28 -20.34 -5.69
CA ILE B 257 32.68 -19.41 -4.74
C ILE B 257 33.61 -18.33 -4.18
N PHE B 258 34.93 -18.51 -4.32
CA PHE B 258 35.89 -17.60 -3.68
C PHE B 258 36.35 -16.46 -4.56
N TYR B 259 36.19 -16.60 -5.87
CA TYR B 259 36.50 -15.53 -6.80
C TYR B 259 35.26 -14.65 -6.95
N THR B 260 34.98 -13.86 -5.92
CA THR B 260 33.75 -13.07 -5.86
C THR B 260 33.83 -12.08 -4.67
N PRO B 261 33.08 -10.96 -4.71
CA PRO B 261 33.10 -10.04 -3.57
C PRO B 261 32.59 -10.71 -2.30
N TYR B 262 33.14 -10.33 -1.15
CA TYR B 262 32.85 -11.01 0.10
C TYR B 262 31.45 -10.65 0.58
N ARG B 263 31.04 -9.43 0.32
CA ARG B 263 29.88 -8.88 1.04
C ARG B 263 28.55 -9.52 0.68
N PRO B 264 28.27 -9.73 -0.63
CA PRO B 264 27.03 -10.41 -1.02
C PRO B 264 26.81 -11.77 -0.36
N TYR B 265 27.87 -12.52 -0.10
CA TYR B 265 27.76 -13.77 0.64
C TYR B 265 27.62 -13.48 2.14
N PHE B 266 28.54 -12.67 2.66
CA PHE B 266 28.49 -12.15 4.02
C PHE B 266 27.04 -11.91 4.45
N ALA B 267 26.33 -11.10 3.67
CA ALA B 267 25.01 -10.60 4.05
C ALA B 267 23.84 -11.30 3.33
N SER B 268 24.08 -12.50 2.82
CA SER B 268 23.07 -13.23 2.07
C SER B 268 21.98 -13.81 2.97
N GLY B 269 22.30 -13.95 4.26
CA GLY B 269 21.43 -14.71 5.16
C GLY B 269 20.22 -13.98 5.72
N PHE B 270 20.26 -12.66 5.76
CA PHE B 270 19.19 -11.88 6.35
C PHE B 270 17.90 -12.15 5.61
N SER B 271 17.91 -11.89 4.30
CA SER B 271 16.73 -12.10 3.47
C SER B 271 16.36 -13.57 3.44
N ALA B 272 17.36 -14.45 3.45
CA ALA B 272 17.08 -15.87 3.52
C ALA B 272 16.19 -16.17 4.74
N VAL B 273 16.60 -15.67 5.90
CA VAL B 273 15.84 -15.81 7.13
C VAL B 273 14.45 -15.20 6.99
N SER B 274 14.39 -14.04 6.34
CA SER B 274 13.14 -13.30 6.18
C SER B 274 12.17 -14.14 5.38
N LEU B 275 12.68 -14.80 4.34
CA LEU B 275 11.84 -15.65 3.49
C LEU B 275 11.34 -16.89 4.24
N GLY B 276 12.24 -17.54 4.96
CA GLY B 276 11.89 -18.70 5.77
C GLY B 276 10.77 -18.39 6.74
N ILE B 277 10.87 -17.24 7.42
CA ILE B 277 9.82 -16.82 8.36
C ILE B 277 8.50 -16.64 7.65
N ALA B 278 8.52 -16.00 6.47
CA ALA B 278 7.28 -15.66 5.77
C ALA B 278 6.60 -16.89 5.19
N GLU B 279 7.39 -17.81 4.64
CA GLU B 279 6.82 -19.07 4.19
C GLU B 279 6.24 -19.88 5.35
N ARG B 280 6.88 -19.81 6.52
CA ARG B 280 6.38 -20.48 7.70
C ARG B 280 5.11 -19.81 8.18
N MET B 281 5.05 -18.48 8.05
CA MET B 281 3.88 -17.75 8.52
C MET B 281 2.66 -18.22 7.75
N ILE B 282 2.78 -18.35 6.43
CA ILE B 282 1.65 -18.77 5.60
C ILE B 282 1.18 -20.14 6.06
N GLU B 283 2.12 -21.05 6.35
CA GLU B 283 1.73 -22.38 6.76
C GLU B 283 1.08 -22.31 8.14
N ALA B 284 1.68 -21.54 9.04
CA ALA B 284 1.21 -21.46 10.39
C ALA B 284 -0.20 -20.86 10.42
N PHE B 285 -0.39 -19.80 9.64
CA PHE B 285 -1.68 -19.14 9.52
C PHE B 285 -2.72 -20.08 8.94
N LYS B 286 -2.37 -20.81 7.89
CA LYS B 286 -3.31 -21.76 7.29
C LYS B 286 -3.77 -22.79 8.31
N GLU B 287 -2.82 -23.43 9.01
CA GLU B 287 -3.10 -24.43 10.06
C GLU B 287 -4.10 -23.88 11.08
N LYS B 288 -3.82 -22.68 11.61
CA LYS B 288 -4.62 -22.11 12.70
C LYS B 288 -5.92 -21.48 12.27
N GLN B 289 -6.05 -21.18 10.98
CA GLN B 289 -7.26 -20.56 10.46
C GLN B 289 -8.38 -21.57 10.26
N ARG B 290 -8.07 -22.75 9.74
CA ARG B 290 -9.10 -23.73 9.34
C ARG B 290 -10.31 -23.71 10.28
N ASN B 291 -10.02 -23.90 11.56
CA ASN B 291 -10.99 -24.17 12.60
C ASN B 291 -11.51 -22.92 13.33
N ARG B 292 -10.98 -21.77 12.92
CA ARG B 292 -11.27 -20.47 13.54
C ARG B 292 -12.76 -20.16 13.64
N VAL B 293 -13.22 -19.86 14.85
CA VAL B 293 -14.60 -19.38 15.07
C VAL B 293 -14.64 -17.89 15.48
N ARG B 294 -15.63 -17.14 15.00
CA ARG B 294 -15.87 -15.79 15.51
C ARG B 294 -16.30 -15.92 16.95
N ALA B 295 -15.62 -15.20 17.84
CA ALA B 295 -16.00 -15.16 19.25
C ALA B 295 -17.46 -14.74 19.43
N TYR B 296 -17.88 -13.71 18.71
CA TYR B 296 -19.17 -13.05 18.94
C TYR B 296 -20.37 -13.73 18.29
N THR B 297 -20.15 -14.51 17.23
CA THR B 297 -21.25 -15.10 16.47
C THR B 297 -21.24 -16.62 16.46
N GLY B 298 -20.13 -17.21 16.88
CA GLY B 298 -19.96 -18.66 16.89
C GLY B 298 -19.88 -19.28 15.50
N ALA B 299 -19.78 -18.45 14.47
CA ALA B 299 -19.69 -18.92 13.11
C ALA B 299 -18.33 -19.59 12.92
N ASN B 300 -18.31 -20.71 12.20
CA ASN B 300 -17.05 -21.30 11.73
C ASN B 300 -16.60 -20.50 10.53
N VAL B 301 -15.45 -19.86 10.67
CA VAL B 301 -15.14 -18.73 9.83
C VAL B 301 -13.77 -18.83 9.12
N GLY B 302 -13.16 -20.01 9.20
CA GLY B 302 -11.81 -20.23 8.71
C GLY B 302 -11.66 -20.14 7.21
N LEU B 303 -12.75 -20.40 6.49
CA LEU B 303 -12.72 -20.43 5.04
C LEU B 303 -13.48 -19.26 4.43
N ALA B 304 -13.64 -18.18 5.19
CA ALA B 304 -14.32 -17.00 4.68
C ALA B 304 -13.47 -16.36 3.60
N THR B 305 -14.12 -15.74 2.62
CA THR B 305 -13.45 -15.13 1.48
C THR B 305 -12.31 -14.18 1.88
N PRO B 306 -12.55 -13.21 2.78
CA PRO B 306 -11.44 -12.32 3.08
C PRO B 306 -10.16 -13.05 3.50
N ALA B 307 -10.28 -14.07 4.36
CA ALA B 307 -9.13 -14.86 4.78
C ALA B 307 -8.49 -15.62 3.61
N LEU B 308 -9.33 -16.22 2.76
CA LEU B 308 -8.85 -16.91 1.57
C LEU B 308 -8.04 -16.00 0.68
N MET B 309 -8.55 -14.80 0.47
CA MET B 309 -7.87 -13.84 -0.39
C MET B 309 -6.54 -13.39 0.20
N ARG B 310 -6.50 -13.23 1.51
CA ARG B 310 -5.26 -12.87 2.20
C ARG B 310 -4.22 -13.97 2.07
N ILE B 311 -4.64 -15.22 2.26
CA ILE B 311 -3.74 -16.33 2.16
C ILE B 311 -3.17 -16.39 0.73
N ALA B 312 -4.05 -16.17 -0.25
CA ALA B 312 -3.62 -16.15 -1.64
C ALA B 312 -2.63 -15.04 -1.89
N GLU B 313 -2.95 -13.81 -1.48
CA GLU B 313 -2.07 -12.70 -1.82
C GLU B 313 -0.70 -12.81 -1.14
N SER B 314 -0.69 -13.14 0.15
CA SER B 314 0.56 -13.38 0.85
C SER B 314 1.37 -14.50 0.21
N THR B 315 0.69 -15.52 -0.31
CA THR B 315 1.35 -16.62 -1.02
C THR B 315 2.01 -16.12 -2.30
N HIS B 316 1.28 -15.34 -3.08
CA HIS B 316 1.84 -14.72 -4.28
C HIS B 316 3.00 -13.77 -3.90
N GLN B 317 2.79 -12.92 -2.91
CA GLN B 317 3.84 -11.99 -2.52
C GLN B 317 5.15 -12.69 -2.14
N VAL B 318 5.11 -13.73 -1.29
CA VAL B 318 6.36 -14.37 -0.96
C VAL B 318 6.93 -15.26 -2.07
N ALA B 319 6.06 -15.77 -2.93
CA ALA B 319 6.50 -16.53 -4.12
C ALA B 319 7.28 -15.62 -5.03
N ALA B 320 6.82 -14.37 -5.14
CA ALA B 320 7.48 -13.38 -5.99
C ALA B 320 8.80 -13.01 -5.34
N ALA B 321 8.77 -12.86 -4.02
CA ALA B 321 9.96 -12.58 -3.24
C ALA B 321 10.94 -13.72 -3.42
N ARG B 322 10.46 -14.97 -3.39
CA ARG B 322 11.33 -16.12 -3.59
C ARG B 322 11.97 -16.10 -4.98
N ALA B 323 11.16 -15.87 -6.00
CA ALA B 323 11.62 -15.87 -7.38
C ALA B 323 12.75 -14.84 -7.60
N LEU B 324 12.59 -13.65 -7.05
CA LEU B 324 13.61 -12.65 -7.13
C LEU B 324 14.90 -13.12 -6.44
N LEU B 325 14.76 -13.65 -5.23
CA LEU B 325 15.92 -14.17 -4.50
C LEU B 325 16.61 -15.30 -5.24
N GLU B 326 15.82 -16.23 -5.75
CA GLU B 326 16.39 -17.39 -6.46
C GLU B 326 17.14 -16.93 -7.70
N LYS B 327 16.57 -15.95 -8.40
CA LYS B 327 17.19 -15.41 -9.60
C LYS B 327 18.49 -14.73 -9.22
N THR B 328 18.44 -13.89 -8.19
CA THR B 328 19.65 -13.20 -7.71
C THR B 328 20.74 -14.19 -7.28
N TRP B 329 20.37 -15.20 -6.49
CA TRP B 329 21.31 -16.22 -6.06
C TRP B 329 21.93 -16.93 -7.26
N GLU B 330 21.12 -17.15 -8.29
CA GLU B 330 21.59 -17.78 -9.51
C GLU B 330 22.67 -16.92 -10.16
N ASP B 331 22.39 -15.61 -10.22
CA ASP B 331 23.30 -14.64 -10.78
C ASP B 331 24.62 -14.67 -10.01
N HIS B 332 24.55 -14.77 -8.68
CA HIS B 332 25.76 -14.92 -7.87
C HIS B 332 26.53 -16.16 -8.29
N ARG B 333 25.81 -17.27 -8.44
CA ARG B 333 26.41 -18.58 -8.67
C ARG B 333 27.18 -18.55 -9.98
N ILE B 334 26.49 -18.12 -11.03
CA ILE B 334 27.07 -17.97 -12.37
C ILE B 334 28.35 -17.13 -12.36
N HIS B 335 28.32 -15.98 -11.68
CA HIS B 335 29.51 -15.13 -11.55
C HIS B 335 30.67 -15.89 -10.90
N GLY B 336 30.43 -16.53 -9.76
CA GLY B 336 31.44 -17.31 -9.04
C GLY B 336 32.06 -18.42 -9.87
N LEU B 337 31.23 -19.12 -10.64
CA LEU B 337 31.68 -20.17 -11.54
C LEU B 337 32.71 -19.67 -12.51
N ASN B 338 32.42 -18.51 -13.11
CA ASN B 338 33.25 -17.92 -14.13
C ASN B 338 34.38 -17.08 -13.55
N HIS B 339 34.48 -17.04 -12.23
CA HIS B 339 35.49 -16.21 -11.54
C HIS B 339 35.36 -14.74 -11.96
N GLN B 340 34.14 -14.34 -12.29
CA GLN B 340 33.86 -13.01 -12.80
C GLN B 340 33.33 -12.11 -11.69
N TYR B 341 34.01 -10.98 -11.51
CA TYR B 341 33.55 -10.00 -10.56
C TYR B 341 32.45 -9.15 -11.19
N PRO B 342 31.39 -8.84 -10.43
CA PRO B 342 30.25 -8.11 -10.98
C PRO B 342 30.59 -6.67 -11.32
N ASN B 343 29.95 -6.15 -12.37
CA ASN B 343 30.08 -4.74 -12.71
C ASN B 343 29.20 -3.88 -11.80
N LYS B 344 29.32 -2.56 -11.92
CA LYS B 344 28.64 -1.64 -11.02
C LYS B 344 27.16 -1.94 -10.92
N GLU B 345 26.53 -2.20 -12.07
CA GLU B 345 25.09 -2.41 -12.15
C GLU B 345 24.63 -3.66 -11.43
N THR B 346 25.28 -4.80 -11.70
CA THR B 346 24.81 -6.04 -11.08
C THR B 346 25.07 -6.01 -9.59
N LEU B 347 26.17 -5.39 -9.22
CA LEU B 347 26.53 -5.19 -7.83
C LEU B 347 25.45 -4.41 -7.07
N ALA B 348 24.92 -3.36 -7.70
CA ALA B 348 23.85 -2.57 -7.09
C ALA B 348 22.60 -3.43 -6.90
N PHE B 349 22.29 -4.28 -7.88
CA PHE B 349 21.17 -5.21 -7.76
C PHE B 349 21.41 -6.25 -6.67
N TRP B 350 22.60 -6.84 -6.62
CA TRP B 350 22.95 -7.80 -5.57
C TRP B 350 22.84 -7.17 -4.19
N ARG B 351 23.27 -5.92 -4.08
CA ARG B 351 23.23 -5.19 -2.83
C ARG B 351 21.80 -4.95 -2.36
N THR B 352 20.89 -4.72 -3.32
CA THR B 352 19.57 -4.17 -2.98
C THR B 352 18.39 -5.12 -3.11
N ASN B 353 18.43 -6.06 -4.08
CA ASN B 353 17.31 -7.00 -4.29
C ASN B 353 16.84 -7.67 -3.01
N GLN B 354 17.80 -8.09 -2.18
CA GLN B 354 17.50 -8.74 -0.92
C GLN B 354 16.70 -7.83 0.01
N ALA B 355 16.94 -6.53 -0.06
CA ALA B 355 16.19 -5.59 0.78
C ALA B 355 14.75 -5.48 0.32
N TYR B 356 14.56 -5.50 -0.99
CA TYR B 356 13.20 -5.51 -1.53
C TYR B 356 12.51 -6.81 -1.13
N ALA B 357 13.21 -7.93 -1.28
CA ALA B 357 12.66 -9.23 -0.88
C ALA B 357 12.19 -9.21 0.58
N VAL B 358 13.01 -8.64 1.46
CA VAL B 358 12.68 -8.56 2.88
C VAL B 358 11.42 -7.72 3.08
N LYS B 359 11.32 -6.62 2.34
CA LYS B 359 10.16 -5.75 2.48
C LYS B 359 8.87 -6.43 2.01
N MET B 360 9.00 -7.26 0.97
CA MET B 360 7.84 -8.00 0.43
C MET B 360 7.37 -9.03 1.43
N CYS B 361 8.33 -9.75 2.00
CA CYS B 361 8.04 -10.79 2.98
C CYS B 361 7.34 -10.21 4.23
N ILE B 362 7.82 -9.06 4.69
CA ILE B 362 7.22 -8.42 5.84
C ILE B 362 5.78 -8.01 5.52
N GLU B 363 5.53 -7.55 4.30
CA GLU B 363 4.15 -7.21 3.89
C GLU B 363 3.29 -8.45 3.92
N ALA B 364 3.81 -9.54 3.37
CA ALA B 364 3.10 -10.79 3.34
C ALA B 364 2.74 -11.28 4.75
N VAL B 365 3.67 -11.11 5.69
CA VAL B 365 3.44 -11.55 7.07
C VAL B 365 2.41 -10.62 7.73
N ASP B 366 2.57 -9.32 7.53
CA ASP B 366 1.69 -8.34 8.16
C ASP B 366 0.27 -8.53 7.73
N ARG B 367 0.07 -8.91 6.46
CA ARG B 367 -1.27 -9.08 5.89
C ARG B 367 -1.97 -10.22 6.58
N LEU B 368 -1.23 -11.26 6.90
CA LEU B 368 -1.79 -12.38 7.64
C LEU B 368 -1.95 -12.05 9.11
N MET B 369 -0.97 -11.36 9.69
CA MET B 369 -1.09 -11.03 11.11
C MET B 369 -2.29 -10.14 11.35
N ALA B 370 -2.59 -9.23 10.40
CA ALA B 370 -3.68 -8.26 10.55
C ALA B 370 -5.03 -8.94 10.65
N ALA B 371 -5.10 -10.19 10.20
CA ALA B 371 -6.33 -10.97 10.21
C ALA B 371 -6.25 -12.17 11.17
N ALA B 372 -5.20 -12.21 11.98
CA ALA B 372 -4.95 -13.33 12.87
C ALA B 372 -5.75 -13.27 14.17
N GLY B 373 -6.22 -12.08 14.51
CA GLY B 373 -6.97 -11.88 15.76
C GLY B 373 -6.13 -11.89 17.02
N ALA B 374 -6.75 -11.46 18.11
CA ALA B 374 -6.12 -11.30 19.41
C ALA B 374 -5.40 -12.52 19.93
N THR B 375 -5.99 -13.70 19.75
CA THR B 375 -5.38 -14.96 20.18
C THR B 375 -3.94 -15.14 19.67
N SER B 376 -3.66 -14.59 18.51
CA SER B 376 -2.36 -14.73 17.87
C SER B 376 -1.29 -13.84 18.48
N PHE B 377 -1.70 -12.94 19.37
CA PHE B 377 -0.75 -12.08 20.06
C PHE B 377 -0.38 -12.59 21.46
N MET B 378 -0.92 -13.76 21.81
CA MET B 378 -0.58 -14.44 23.06
C MET B 378 0.79 -15.13 22.95
N ASP B 379 1.48 -15.23 24.08
CA ASP B 379 2.80 -15.86 24.14
C ASP B 379 2.77 -17.31 23.65
N ASN B 380 1.61 -17.94 23.76
CA ASN B 380 1.48 -19.34 23.36
C ASN B 380 1.10 -19.53 21.89
N SER B 381 1.21 -18.46 21.10
CA SER B 381 0.96 -18.53 19.67
C SER B 381 2.22 -18.24 18.91
N GLU B 382 2.57 -19.14 17.99
CA GLU B 382 3.74 -19.01 17.14
C GLU B 382 3.66 -17.78 16.24
N LEU B 383 2.45 -17.38 15.85
CA LEU B 383 2.27 -16.30 14.89
C LEU B 383 2.98 -15.04 15.38
N GLN B 384 2.69 -14.71 16.62
CA GLN B 384 3.29 -13.59 17.32
C GLN B 384 4.84 -13.60 17.23
N ARG B 385 5.46 -14.78 17.32
CA ARG B 385 6.92 -14.90 17.20
C ARG B 385 7.37 -14.64 15.78
N LEU B 386 6.54 -15.07 14.82
CA LEU B 386 6.90 -14.99 13.41
C LEU B 386 6.81 -13.54 12.98
N PHE B 387 5.73 -12.88 13.37
CA PHE B 387 5.54 -11.46 13.18
C PHE B 387 6.76 -10.65 13.69
N ARG B 388 7.08 -10.80 14.98
CA ARG B 388 8.19 -10.04 15.58
C ARG B 388 9.50 -10.34 14.86
N ASP B 389 9.79 -11.62 14.63
CA ASP B 389 11.01 -12.00 13.96
C ASP B 389 11.09 -11.46 12.54
N ALA B 390 9.97 -11.46 11.83
CA ALA B 390 9.90 -10.96 10.47
C ALA B 390 10.31 -9.50 10.46
N HIS B 391 9.73 -8.73 11.37
CA HIS B 391 9.98 -7.29 11.38
C HIS B 391 11.45 -6.95 11.68
N MET B 392 12.05 -7.72 12.58
CA MET B 392 13.45 -7.56 12.92
C MET B 392 14.32 -7.73 11.68
N THR B 393 13.95 -8.63 10.77
CA THR B 393 14.79 -8.89 9.60
C THR B 393 14.92 -7.67 8.72
N GLY B 394 13.98 -6.75 8.86
CA GLY B 394 14.02 -5.53 8.06
C GLY B 394 14.57 -4.37 8.85
N ALA B 395 15.11 -4.66 10.04
CA ALA B 395 15.70 -3.63 10.90
C ALA B 395 17.20 -3.61 10.85
N HIS B 396 17.81 -4.68 10.34
CA HIS B 396 19.24 -4.71 10.10
C HIS B 396 19.67 -3.59 9.15
N ALA B 397 20.79 -2.94 9.46
CA ALA B 397 21.34 -1.87 8.61
C ALA B 397 21.51 -2.29 7.14
N TYR B 398 21.66 -3.58 6.88
CA TYR B 398 21.87 -4.07 5.51
C TYR B 398 20.58 -4.23 4.72
N THR B 399 19.45 -4.33 5.44
CA THR B 399 18.16 -4.62 4.80
C THR B 399 17.26 -3.40 4.77
N ASP B 400 17.79 -2.27 5.24
CA ASP B 400 17.08 -1.00 5.27
C ASP B 400 16.76 -0.60 3.84
N TYR B 401 15.49 -0.49 3.51
CA TYR B 401 15.12 -0.26 2.11
C TYR B 401 15.29 1.20 1.65
N ASP B 402 15.05 2.16 2.54
CA ASP B 402 15.34 3.56 2.23
C ASP B 402 16.79 3.72 1.71
N VAL B 403 17.73 3.11 2.43
CA VAL B 403 19.12 3.13 2.00
C VAL B 403 19.29 2.44 0.65
N CYS B 404 18.69 1.25 0.50
CA CYS B 404 18.80 0.49 -0.74
C CYS B 404 18.12 1.12 -1.94
N ALA B 405 17.00 1.78 -1.74
CA ALA B 405 16.34 2.49 -2.80
C ALA B 405 17.27 3.58 -3.32
N GLN B 406 17.98 4.21 -2.40
CA GLN B 406 18.88 5.29 -2.78
C GLN B 406 20.08 4.77 -3.52
N ILE B 407 20.62 3.62 -3.06
CA ILE B 407 21.81 3.05 -3.66
C ILE B 407 21.51 2.66 -5.10
N LEU B 408 20.39 1.96 -5.30
CA LEU B 408 20.02 1.52 -6.64
C LEU B 408 19.69 2.71 -7.51
N GLY B 409 18.83 3.60 -7.01
CA GLY B 409 18.37 4.76 -7.76
C GLY B 409 19.55 5.54 -8.35
N ARG B 410 20.54 5.80 -7.50
CA ARG B 410 21.72 6.55 -7.92
C ARG B 410 22.48 5.84 -9.03
N GLU B 411 22.62 4.51 -8.90
CA GLU B 411 23.31 3.72 -9.91
C GLU B 411 22.55 3.71 -11.24
N LEU B 412 21.23 3.56 -11.16
CA LEU B 412 20.40 3.52 -12.36
C LEU B 412 20.45 4.83 -13.16
N MET B 413 20.75 5.93 -12.47
CA MET B 413 20.80 7.24 -13.11
C MET B 413 22.24 7.66 -13.41
N GLY B 414 23.16 6.73 -13.23
CA GLY B 414 24.57 6.95 -13.50
C GLY B 414 25.20 8.00 -12.61
N MET B 415 24.72 8.10 -11.37
CA MET B 415 25.29 9.01 -10.39
C MET B 415 26.41 8.32 -9.60
N GLU B 416 27.34 9.11 -9.09
CA GLU B 416 28.36 8.63 -8.17
C GLU B 416 27.72 8.16 -6.84
N PRO B 417 28.28 7.11 -6.22
CA PRO B 417 27.72 6.62 -4.97
C PRO B 417 27.73 7.68 -3.87
N ASP B 418 26.71 7.65 -3.01
CA ASP B 418 26.61 8.54 -1.88
C ASP B 418 27.38 7.91 -0.72
N PRO B 419 28.52 8.53 -0.32
CA PRO B 419 29.36 7.96 0.74
C PRO B 419 28.70 7.94 2.13
N THR B 420 27.60 8.67 2.25
CA THR B 420 26.75 8.69 3.45
C THR B 420 26.14 7.32 3.81
N MET B 421 26.07 6.43 2.83
CA MET B 421 25.53 5.09 3.02
C MET B 421 26.33 4.11 2.21
N VAL B 422 26.20 2.82 2.53
CA VAL B 422 27.00 1.80 1.87
C VAL B 422 26.28 0.45 1.84
N ARG C 24 -7.46 28.73 17.06
CA ARG C 24 -6.80 27.84 16.06
C ARG C 24 -6.94 26.35 16.38
N LEU C 25 -7.09 25.54 15.34
CA LEU C 25 -7.24 24.10 15.48
C LEU C 25 -5.89 23.41 15.64
N VAL C 26 -5.93 22.18 16.17
CA VAL C 26 -4.74 21.36 16.37
C VAL C 26 -4.90 20.08 15.56
N TYR C 27 -3.91 19.77 14.72
CA TYR C 27 -3.98 18.59 13.87
C TYR C 27 -3.39 17.36 14.54
N THR C 28 -2.41 17.57 15.42
CA THR C 28 -1.53 16.51 15.94
C THR C 28 -1.91 15.95 17.32
N HIS C 29 -2.96 16.51 17.93
CA HIS C 29 -3.44 16.06 19.22
C HIS C 29 -4.74 16.73 19.62
N ALA C 30 -5.20 16.42 20.83
CA ALA C 30 -6.46 16.91 21.36
C ALA C 30 -6.35 18.36 21.74
N GLN C 31 -7.36 19.14 21.40
CA GLN C 31 -7.44 20.52 21.85
C GLN C 31 -8.00 20.59 23.27
N THR C 32 -7.26 21.24 24.17
CA THR C 32 -7.70 21.39 25.55
C THR C 32 -8.92 22.33 25.63
N PRO C 33 -10.07 21.80 26.12
CA PRO C 33 -11.29 22.63 26.18
C PRO C 33 -11.09 23.80 27.15
N ASP C 34 -11.20 25.02 26.63
CA ASP C 34 -11.04 26.21 27.47
C ASP C 34 -12.35 26.56 28.20
N VAL C 35 -12.61 25.82 29.28
CA VAL C 35 -13.73 26.12 30.18
C VAL C 35 -13.20 26.51 31.55
N SER C 36 -13.64 27.68 32.05
CA SER C 36 -13.11 28.26 33.29
C SER C 36 -13.05 27.25 34.43
N GLY C 37 -11.82 26.80 34.71
CA GLY C 37 -11.55 25.71 35.65
C GLY C 37 -10.56 24.72 35.05
N VAL C 38 -10.49 23.53 35.64
CA VAL C 38 -9.66 22.44 35.11
C VAL C 38 -10.52 21.36 34.47
N SER C 39 -10.35 21.19 33.16
CA SER C 39 -11.01 20.11 32.44
C SER C 39 -10.33 18.79 32.73
N MET C 40 -11.07 17.70 32.55
CA MET C 40 -10.54 16.35 32.75
C MET C 40 -9.25 16.12 31.97
N LEU C 41 -9.18 16.64 30.75
CA LEU C 41 -8.00 16.48 29.90
C LEU C 41 -6.74 17.14 30.48
N GLU C 42 -6.92 18.31 31.07
CA GLU C 42 -5.83 18.98 31.77
C GLU C 42 -5.39 18.16 32.98
N LYS C 43 -6.38 17.60 33.68
CA LYS C 43 -6.10 16.76 34.84
C LYS C 43 -5.33 15.51 34.45
N ILE C 44 -5.69 14.92 33.31
CA ILE C 44 -4.92 13.82 32.74
C ILE C 44 -3.51 14.28 32.42
N GLN C 45 -3.40 15.43 31.76
CA GLN C 45 -2.11 15.96 31.32
C GLN C 45 -1.14 16.18 32.47
N GLN C 46 -1.65 16.56 33.64
CA GLN C 46 -0.82 16.76 34.83
C GLN C 46 -0.23 15.47 35.37
N ILE C 47 -1.02 14.38 35.36
CA ILE C 47 -0.58 13.10 35.92
C ILE C 47 0.10 12.22 34.88
N LEU C 48 0.16 12.70 33.65
CA LEU C 48 0.67 11.91 32.55
C LEU C 48 2.13 11.47 32.75
N PRO C 49 3.03 12.37 33.20
CA PRO C 49 4.40 11.94 33.43
C PRO C 49 4.54 10.76 34.42
N GLN C 50 3.69 10.73 35.44
CA GLN C 50 3.68 9.64 36.42
C GLN C 50 3.28 8.33 35.78
N ILE C 51 2.22 8.38 34.97
CA ILE C 51 1.74 7.21 34.22
C ILE C 51 2.82 6.72 33.27
N ALA C 52 3.49 7.66 32.60
CA ALA C 52 4.57 7.35 31.68
C ALA C 52 5.73 6.62 32.34
N LYS C 53 6.05 6.98 33.57
CA LYS C 53 7.20 6.38 34.26
C LYS C 53 6.90 4.99 34.81
N ASN C 54 5.63 4.74 35.12
CA ASN C 54 5.21 3.40 35.54
C ASN C 54 5.09 2.42 34.38
N ALA C 55 5.02 2.96 33.17
CA ALA C 55 4.81 2.15 31.96
C ALA C 55 5.68 0.89 31.88
N GLU C 56 6.97 1.04 32.16
CA GLU C 56 7.91 -0.07 32.04
C GLU C 56 7.65 -1.17 33.08
N SER C 57 7.44 -0.76 34.33
CA SER C 57 7.08 -1.71 35.39
C SER C 57 5.63 -2.21 35.29
N ALA C 58 4.77 -1.42 34.65
CA ALA C 58 3.40 -1.83 34.36
C ALA C 58 3.38 -3.01 33.40
N GLU C 59 4.28 -2.98 32.42
CA GLU C 59 4.39 -4.01 31.40
C GLU C 59 4.86 -5.32 32.04
N GLN C 60 5.77 -5.24 33.00
CA GLN C 60 6.24 -6.43 33.70
C GLN C 60 5.25 -6.95 34.74
N LEU C 61 4.38 -6.06 35.20
CA LEU C 61 3.35 -6.41 36.18
C LEU C 61 2.22 -7.17 35.53
N ARG C 62 2.03 -6.98 34.22
CA ARG C 62 0.97 -7.60 33.42
C ARG C 62 -0.43 -7.18 33.90
N ARG C 63 -0.49 -6.01 34.52
CA ARG C 63 -1.74 -5.38 34.97
C ARG C 63 -1.46 -3.93 35.32
N VAL C 64 -2.51 -3.14 35.48
CA VAL C 64 -2.34 -1.72 35.77
C VAL C 64 -1.83 -1.56 37.20
N PRO C 65 -0.71 -0.83 37.38
CA PRO C 65 -0.22 -0.54 38.73
C PRO C 65 -1.29 0.16 39.57
N ASP C 66 -1.34 -0.18 40.87
CA ASP C 66 -2.30 0.43 41.79
C ASP C 66 -2.23 1.95 41.77
N GLU C 67 -1.01 2.49 41.72
CA GLU C 67 -0.78 3.92 41.64
C GLU C 67 -1.54 4.58 40.49
N ASN C 68 -1.52 3.94 39.31
CA ASN C 68 -2.23 4.45 38.13
C ASN C 68 -3.74 4.53 38.31
N ILE C 69 -4.34 3.47 38.82
CA ILE C 69 -5.77 3.44 39.13
C ILE C 69 -6.08 4.52 40.16
N LYS C 70 -5.25 4.60 41.20
CA LYS C 70 -5.40 5.60 42.25
C LYS C 70 -5.42 7.01 41.67
N LEU C 71 -4.41 7.35 40.87
CA LEU C 71 -4.32 8.66 40.23
C LEU C 71 -5.53 8.95 39.35
N LEU C 72 -5.89 7.99 38.51
CA LEU C 72 -7.01 8.16 37.58
C LEU C 72 -8.36 8.26 38.27
N LYS C 73 -8.54 7.51 39.35
CA LYS C 73 -9.77 7.60 40.13
C LYS C 73 -9.82 8.91 40.93
N GLU C 74 -8.65 9.41 41.33
CA GLU C 74 -8.52 10.65 42.08
C GLU C 74 -9.01 11.86 41.27
N ILE C 75 -8.65 11.91 40.00
CA ILE C 75 -9.15 12.97 39.12
C ILE C 75 -10.61 12.74 38.72
N GLY C 76 -11.08 11.51 38.90
CA GLY C 76 -12.49 11.18 38.75
C GLY C 76 -12.91 10.67 37.38
N LEU C 77 -11.94 10.26 36.57
CA LEU C 77 -12.21 9.82 35.21
C LEU C 77 -13.16 8.62 35.12
N HIS C 78 -13.14 7.77 36.14
CA HIS C 78 -13.96 6.55 36.14
C HIS C 78 -15.45 6.87 36.23
N ARG C 79 -15.76 8.11 36.60
CA ARG C 79 -17.14 8.57 36.75
C ARG C 79 -17.58 9.33 35.50
N ALA C 80 -16.83 9.15 34.42
CA ALA C 80 -17.10 9.78 33.13
C ALA C 80 -18.52 9.52 32.63
N PHE C 81 -18.94 8.27 32.71
CA PHE C 81 -20.25 7.87 32.19
C PHE C 81 -21.19 7.33 33.25
N GLN C 82 -20.85 7.56 34.51
CA GLN C 82 -21.73 7.28 35.63
C GLN C 82 -22.84 8.33 35.65
N PRO C 83 -24.10 7.91 35.82
CA PRO C 83 -25.17 8.90 35.93
C PRO C 83 -24.87 9.95 36.99
N LYS C 84 -25.34 11.18 36.75
CA LYS C 84 -25.11 12.30 37.66
C LYS C 84 -25.71 12.07 39.05
N VAL C 85 -26.82 11.34 39.11
CA VAL C 85 -27.53 11.12 40.37
C VAL C 85 -26.67 10.37 41.39
N TYR C 86 -25.66 9.65 40.90
CA TYR C 86 -24.73 8.92 41.76
C TYR C 86 -23.41 9.67 41.94
N GLY C 87 -23.34 10.88 41.38
CA GLY C 87 -22.12 11.70 41.44
C GLY C 87 -21.23 11.56 40.20
N GLY C 88 -21.80 11.03 39.12
CA GLY C 88 -21.09 10.92 37.86
C GLY C 88 -21.00 12.24 37.12
N LEU C 89 -20.12 12.28 36.11
CA LEU C 89 -19.87 13.50 35.34
C LEU C 89 -20.72 13.61 34.08
N GLU C 90 -21.09 12.45 33.52
CA GLU C 90 -21.73 12.37 32.21
C GLU C 90 -20.98 13.20 31.16
N MET C 91 -19.70 12.92 31.01
CA MET C 91 -18.86 13.57 29.99
C MET C 91 -19.38 13.21 28.60
N SER C 92 -19.21 14.14 27.66
CA SER C 92 -19.50 13.86 26.25
C SER C 92 -18.49 12.83 25.75
N LEU C 93 -18.87 12.11 24.69
CA LEU C 93 -17.96 11.11 24.11
C LEU C 93 -16.64 11.73 23.63
N PRO C 94 -16.70 12.85 22.87
CA PRO C 94 -15.44 13.45 22.40
C PRO C 94 -14.47 13.74 23.55
N ASP C 95 -14.96 14.42 24.58
CA ASP C 95 -14.13 14.79 25.73
C ASP C 95 -13.51 13.56 26.39
N PHE C 96 -14.32 12.52 26.56
CA PHE C 96 -13.82 11.27 27.14
C PHE C 96 -12.79 10.60 26.24
N ALA C 97 -13.17 10.36 24.99
CA ALA C 97 -12.28 9.70 24.07
C ALA C 97 -10.91 10.41 24.06
N ASN C 98 -10.92 11.75 24.01
CA ASN C 98 -9.67 12.51 23.99
C ASN C 98 -8.82 12.32 25.24
N CYS C 99 -9.46 12.09 26.39
CA CYS C 99 -8.73 11.73 27.59
C CYS C 99 -8.01 10.38 27.45
N ILE C 100 -8.68 9.42 26.82
CA ILE C 100 -8.12 8.10 26.63
C ILE C 100 -6.98 8.13 25.62
N VAL C 101 -7.11 8.98 24.60
CA VAL C 101 -6.08 9.13 23.57
C VAL C 101 -4.80 9.63 24.23
N THR C 102 -4.92 10.76 24.92
CA THR C 102 -3.80 11.35 25.65
C THR C 102 -3.18 10.33 26.61
N LEU C 103 -4.02 9.62 27.35
CA LEU C 103 -3.57 8.65 28.33
C LEU C 103 -2.80 7.51 27.66
N ALA C 104 -3.30 7.04 26.52
CA ALA C 104 -2.68 5.94 25.79
C ALA C 104 -1.25 6.25 25.36
N GLY C 105 -0.93 7.52 25.23
CA GLY C 105 0.42 7.93 24.86
C GLY C 105 1.46 7.62 25.91
N ALA C 106 1.02 7.59 27.18
CA ALA C 106 1.90 7.30 28.31
C ALA C 106 1.99 5.79 28.59
N CYS C 107 0.85 5.11 28.56
CA CYS C 107 0.79 3.66 28.79
C CYS C 107 -0.50 3.14 28.16
N ALA C 108 -0.36 2.47 27.02
CA ALA C 108 -1.51 1.99 26.25
C ALA C 108 -2.41 1.07 27.07
N GLY C 109 -1.81 0.06 27.69
CA GLY C 109 -2.53 -0.89 28.54
C GLY C 109 -3.33 -0.25 29.66
N THR C 110 -2.74 0.72 30.34
CA THR C 110 -3.48 1.48 31.35
C THR C 110 -4.70 2.16 30.71
N ALA C 111 -4.50 2.85 29.60
CA ALA C 111 -5.57 3.56 28.92
C ALA C 111 -6.66 2.61 28.40
N TRP C 112 -6.23 1.47 27.89
CA TRP C 112 -7.13 0.47 27.32
C TRP C 112 -8.02 -0.13 28.41
N ALA C 113 -7.41 -0.58 29.49
CA ALA C 113 -8.14 -1.18 30.58
C ALA C 113 -9.01 -0.14 31.26
N PHE C 114 -8.45 1.05 31.53
CA PHE C 114 -9.22 2.05 32.26
C PHE C 114 -10.39 2.59 31.44
N SER C 115 -10.21 2.62 30.12
CA SER C 115 -11.27 3.05 29.23
C SER C 115 -12.45 2.11 29.36
N LEU C 116 -12.15 0.81 29.39
CA LEU C 116 -13.17 -0.22 29.52
C LEU C 116 -13.92 -0.11 30.84
N LEU C 117 -13.20 0.09 31.94
CA LEU C 117 -13.83 0.28 33.23
C LEU C 117 -14.78 1.48 33.18
N CYS C 118 -14.36 2.52 32.47
CA CYS C 118 -15.20 3.71 32.33
C CYS C 118 -16.44 3.45 31.49
N THR C 119 -16.27 2.88 30.30
CA THR C 119 -17.38 2.77 29.36
C THR C 119 -18.40 1.73 29.79
N HIS C 120 -18.02 0.81 30.65
CA HIS C 120 -18.96 -0.15 31.20
C HIS C 120 -20.00 0.54 32.08
N SER C 121 -19.61 1.59 32.80
CA SER C 121 -20.56 2.39 33.57
C SER C 121 -21.72 2.90 32.72
N HIS C 122 -21.42 3.23 31.46
CA HIS C 122 -22.41 3.76 30.51
C HIS C 122 -23.47 2.70 30.18
N GLN C 123 -23.04 1.45 30.07
CA GLN C 123 -23.94 0.31 29.89
C GLN C 123 -24.77 0.07 31.15
N ILE C 124 -24.08 0.03 32.29
CA ILE C 124 -24.72 -0.21 33.57
C ILE C 124 -25.83 0.81 33.84
N ALA C 125 -25.73 1.99 33.22
CA ALA C 125 -26.75 3.04 33.33
C ALA C 125 -28.04 2.69 32.60
N MET C 126 -27.99 1.64 31.79
CA MET C 126 -29.16 1.20 31.02
C MET C 126 -29.84 -0.04 31.63
N PHE C 127 -29.20 -0.62 32.63
CA PHE C 127 -29.82 -1.65 33.46
C PHE C 127 -30.82 -0.99 34.41
N SER C 128 -31.50 -1.80 35.22
CA SER C 128 -32.52 -1.29 36.14
C SER C 128 -31.96 -0.30 37.15
N LYS C 129 -32.81 0.61 37.63
CA LYS C 129 -32.46 1.49 38.74
C LYS C 129 -32.00 0.65 39.92
N GLN C 130 -32.63 -0.51 40.09
CA GLN C 130 -32.35 -1.40 41.21
C GLN C 130 -30.91 -1.88 41.23
N LEU C 131 -30.39 -2.28 40.07
CA LEU C 131 -29.00 -2.72 39.96
C LEU C 131 -28.02 -1.57 40.17
N GLN C 132 -28.32 -0.42 39.58
CA GLN C 132 -27.46 0.74 39.68
C GLN C 132 -27.36 1.23 41.13
N ASP C 133 -28.50 1.25 41.82
CA ASP C 133 -28.52 1.57 43.24
C ASP C 133 -27.64 0.59 44.00
N GLU C 134 -27.79 -0.69 43.66
CA GLU C 134 -27.03 -1.76 44.29
C GLU C 134 -25.52 -1.58 44.12
N ILE C 135 -25.09 -1.19 42.92
CA ILE C 135 -23.67 -0.94 42.69
C ILE C 135 -23.19 0.40 43.31
N TRP C 136 -23.92 1.49 43.06
CA TRP C 136 -23.37 2.84 43.28
C TRP C 136 -23.75 3.57 44.56
N LEU C 137 -24.89 3.24 45.16
CA LEU C 137 -25.25 3.83 46.45
C LEU C 137 -24.33 3.28 47.52
N LYS C 138 -24.09 1.98 47.43
CA LYS C 138 -23.12 1.25 48.25
C LYS C 138 -21.71 1.80 48.06
N ASP C 139 -21.21 1.77 46.82
CA ASP C 139 -19.88 2.28 46.48
C ASP C 139 -19.95 3.14 45.21
N PRO C 140 -19.89 4.47 45.37
CA PRO C 140 -19.96 5.40 44.24
C PRO C 140 -18.78 5.26 43.27
N ASP C 141 -17.66 4.73 43.74
CA ASP C 141 -16.45 4.60 42.93
C ASP C 141 -16.30 3.20 42.30
N ALA C 142 -17.34 2.38 42.40
CA ALA C 142 -17.28 1.01 41.88
C ALA C 142 -17.35 0.97 40.35
N THR C 143 -16.66 0.02 39.76
CA THR C 143 -16.61 -0.18 38.32
C THR C 143 -16.71 -1.66 37.97
N ALA C 144 -16.97 -1.94 36.69
CA ALA C 144 -17.02 -3.31 36.19
C ALA C 144 -16.02 -3.54 35.07
N SER C 145 -15.42 -4.73 35.05
CA SER C 145 -14.71 -5.18 33.88
C SER C 145 -15.67 -6.08 33.12
N SER C 146 -15.22 -6.70 32.03
CA SER C 146 -16.15 -7.48 31.23
C SER C 146 -15.53 -8.69 30.54
N SER C 147 -16.40 -9.56 30.04
CA SER C 147 -16.04 -10.63 29.12
C SER C 147 -17.32 -10.91 28.34
N ILE C 148 -17.40 -10.38 27.12
CA ILE C 148 -18.70 -10.27 26.44
C ILE C 148 -19.04 -11.39 25.45
N ALA C 149 -18.04 -12.09 24.93
CA ALA C 149 -18.27 -13.21 24.02
C ALA C 149 -19.03 -14.31 24.75
N PRO C 150 -20.19 -14.73 24.19
CA PRO C 150 -21.13 -15.63 24.85
C PRO C 150 -20.67 -17.08 24.86
N PHE C 151 -19.65 -17.39 25.65
CA PHE C 151 -19.11 -18.74 25.71
C PHE C 151 -19.74 -19.59 26.81
N GLY C 152 -20.43 -18.94 27.73
CA GLY C 152 -21.01 -19.62 28.89
C GLY C 152 -22.20 -20.47 28.55
N LYS C 153 -22.41 -21.51 29.37
CA LYS C 153 -23.55 -22.39 29.24
C LYS C 153 -24.61 -21.91 30.23
N VAL C 154 -25.82 -21.71 29.73
CA VAL C 154 -26.88 -21.13 30.55
C VAL C 154 -28.04 -22.10 30.78
N GLU C 155 -28.32 -22.33 32.05
CA GLU C 155 -29.48 -23.06 32.48
C GLU C 155 -30.51 -22.06 32.97
N GLU C 156 -31.69 -22.09 32.36
CA GLU C 156 -32.82 -21.28 32.84
C GLU C 156 -33.39 -21.87 34.12
N VAL C 157 -33.13 -21.20 35.23
CA VAL C 157 -33.80 -21.51 36.49
C VAL C 157 -34.86 -20.43 36.67
N GLU C 158 -35.64 -20.49 37.74
CA GLU C 158 -36.63 -19.45 37.94
C GLU C 158 -36.08 -18.28 38.78
N GLY C 159 -36.40 -17.07 38.32
CA GLY C 159 -35.85 -15.85 38.90
C GLY C 159 -34.59 -15.39 38.19
N GLY C 160 -34.08 -16.19 37.26
CA GLY C 160 -32.88 -15.84 36.51
C GLY C 160 -32.22 -16.99 35.78
N ILE C 161 -30.89 -17.00 35.79
CA ILE C 161 -30.13 -18.08 35.14
C ILE C 161 -28.96 -18.55 35.99
N ILE C 162 -28.50 -19.77 35.70
CA ILE C 162 -27.24 -20.25 36.25
C ILE C 162 -26.26 -20.30 35.10
N LEU C 163 -25.14 -19.57 35.25
CA LEU C 163 -24.15 -19.46 34.19
C LEU C 163 -22.85 -20.17 34.56
N ASN C 164 -22.30 -20.90 33.59
CA ASN C 164 -21.05 -21.64 33.77
C ASN C 164 -20.10 -21.40 32.60
N GLY C 165 -18.83 -21.19 32.89
CA GLY C 165 -17.83 -21.12 31.84
C GLY C 165 -16.60 -20.28 32.09
N ASP C 166 -15.59 -20.50 31.26
CA ASP C 166 -14.36 -19.74 31.30
C ASP C 166 -14.49 -18.50 30.41
N TYR C 167 -14.40 -17.32 31.03
CA TYR C 167 -14.68 -16.07 30.33
C TYR C 167 -13.42 -15.24 30.13
N GLY C 168 -12.75 -15.50 29.02
CA GLY C 168 -11.44 -14.91 28.76
C GLY C 168 -11.42 -13.41 28.52
N TRP C 169 -10.22 -12.84 28.63
CA TRP C 169 -9.93 -11.44 28.29
C TRP C 169 -10.77 -10.45 29.06
N SER C 170 -10.51 -10.28 30.34
CA SER C 170 -11.21 -9.23 31.07
C SER C 170 -10.24 -8.14 31.49
N SER C 171 -10.03 -7.19 30.58
CA SER C 171 -9.16 -6.05 30.84
C SER C 171 -9.57 -5.31 32.10
N GLY C 172 -8.58 -5.08 32.96
CA GLY C 172 -8.77 -4.39 34.22
C GLY C 172 -9.52 -5.18 35.27
N CYS C 173 -9.66 -6.50 35.08
CA CYS C 173 -10.48 -7.32 35.97
C CYS C 173 -10.03 -7.29 37.42
N ASP C 174 -8.73 -7.13 37.64
CA ASP C 174 -8.15 -7.04 38.98
C ASP C 174 -8.61 -5.82 39.76
N HIS C 175 -9.05 -4.77 39.06
CA HIS C 175 -9.39 -3.51 39.73
C HIS C 175 -10.88 -3.23 39.76
N ALA C 176 -11.67 -4.19 39.29
CA ALA C 176 -13.12 -4.04 39.20
C ALA C 176 -13.83 -4.72 40.35
N GLU C 177 -14.98 -4.17 40.72
CA GLU C 177 -15.81 -4.75 41.78
C GLU C 177 -16.86 -5.70 41.21
N TYR C 178 -17.02 -5.68 39.88
CA TYR C 178 -18.06 -6.42 39.20
C TYR C 178 -17.55 -6.85 37.83
N ALA C 179 -18.28 -7.73 37.17
CA ALA C 179 -17.99 -8.07 35.78
C ALA C 179 -19.28 -8.09 34.97
N ILE C 180 -19.19 -7.58 33.75
CA ILE C 180 -20.30 -7.66 32.80
C ILE C 180 -19.99 -8.82 31.89
N VAL C 181 -20.90 -9.76 31.87
CA VAL C 181 -20.64 -11.05 31.29
C VAL C 181 -21.72 -11.32 30.24
N GLY C 182 -21.29 -11.77 29.06
CA GLY C 182 -22.21 -11.96 27.95
C GLY C 182 -22.59 -13.42 27.79
N PHE C 183 -23.85 -13.66 27.42
CA PHE C 183 -24.35 -15.01 27.19
C PHE C 183 -25.58 -15.01 26.29
N ASN C 184 -25.86 -16.15 25.64
CA ASN C 184 -27.06 -16.32 24.85
C ASN C 184 -28.14 -17.07 25.60
N ARG C 185 -29.31 -16.45 25.71
CA ARG C 185 -30.47 -17.14 26.18
C ARG C 185 -31.25 -17.55 24.96
N PHE C 186 -32.29 -18.34 25.17
CA PHE C 186 -33.06 -18.85 24.06
C PHE C 186 -34.55 -18.60 24.20
N ASP C 187 -35.30 -19.29 23.36
CA ASP C 187 -36.47 -18.72 22.75
C ASP C 187 -37.51 -19.80 22.55
N ALA C 188 -38.77 -19.40 22.47
CA ALA C 188 -39.81 -20.31 22.00
C ALA C 188 -39.31 -21.07 20.76
N ASP C 189 -38.66 -20.35 19.85
CA ASP C 189 -38.19 -20.91 18.57
C ASP C 189 -36.72 -21.38 18.58
N GLY C 190 -36.01 -21.13 19.68
CA GLY C 190 -34.60 -21.51 19.77
C GLY C 190 -33.65 -20.49 19.15
N ASN C 191 -34.15 -19.27 18.96
CA ASN C 191 -33.32 -18.15 18.49
C ASN C 191 -32.54 -17.51 19.63
N LYS C 192 -31.33 -17.04 19.31
CA LYS C 192 -30.43 -16.48 20.31
C LYS C 192 -30.96 -15.15 20.85
N ILE C 193 -30.95 -15.03 22.17
CA ILE C 193 -31.17 -13.75 22.83
C ILE C 193 -29.87 -13.34 23.52
N TYR C 194 -29.05 -12.56 22.83
CA TYR C 194 -27.79 -12.12 23.39
C TYR C 194 -28.03 -11.17 24.55
N SER C 195 -27.52 -11.57 25.72
CA SER C 195 -27.78 -10.90 26.98
C SER C 195 -26.52 -10.65 27.79
N PHE C 196 -26.58 -9.61 28.62
CA PHE C 196 -25.50 -9.25 29.53
C PHE C 196 -25.95 -9.38 30.97
N GLY C 197 -25.14 -10.04 31.78
CA GLY C 197 -25.38 -10.08 33.22
C GLY C 197 -24.28 -9.37 34.00
N VAL C 198 -24.66 -8.70 35.08
CA VAL C 198 -23.69 -8.02 35.93
C VAL C 198 -23.50 -8.80 37.22
N ILE C 199 -22.28 -9.26 37.45
CA ILE C 199 -22.01 -10.12 38.61
C ILE C 199 -20.94 -9.54 39.55
N PRO C 200 -21.10 -9.77 40.87
CA PRO C 200 -20.12 -9.24 41.81
C PRO C 200 -18.82 -10.01 41.79
N ARG C 201 -17.73 -9.32 42.10
CA ARG C 201 -16.39 -9.90 42.18
C ARG C 201 -16.33 -11.25 42.95
N SER C 202 -17.18 -11.38 43.96
CA SER C 202 -17.21 -12.59 44.79
C SER C 202 -17.73 -13.84 44.04
N ASP C 203 -18.44 -13.65 42.93
CA ASP C 203 -19.03 -14.76 42.18
C ASP C 203 -18.10 -15.44 41.19
N TYR C 204 -16.91 -14.89 40.97
CA TYR C 204 -15.99 -15.45 39.98
C TYR C 204 -14.54 -15.39 40.40
N GLU C 205 -13.74 -16.32 39.91
CA GLU C 205 -12.31 -16.36 40.18
C GLU C 205 -11.55 -15.76 39.00
N ILE C 206 -10.60 -14.89 39.29
CA ILE C 206 -9.72 -14.37 38.25
C ILE C 206 -8.58 -15.35 38.05
N VAL C 207 -8.58 -15.98 36.89
CA VAL C 207 -7.51 -16.91 36.50
C VAL C 207 -6.45 -16.17 35.69
N ASP C 208 -5.25 -16.10 36.25
CA ASP C 208 -4.18 -15.33 35.63
C ASP C 208 -3.46 -16.12 34.53
N ASN C 209 -4.04 -16.07 33.34
CA ASN C 209 -3.43 -16.67 32.14
C ASN C 209 -3.01 -15.60 31.13
N TRP C 210 -2.90 -14.35 31.59
CA TRP C 210 -2.59 -13.23 30.72
C TRP C 210 -1.09 -13.10 30.45
N TYR C 211 -0.66 -13.81 29.41
CA TYR C 211 0.72 -13.69 28.95
C TYR C 211 0.68 -13.35 27.46
N ALA C 212 0.73 -12.04 27.16
CA ALA C 212 0.54 -11.53 25.81
C ALA C 212 1.77 -10.79 25.32
N GLN C 213 1.78 -10.45 24.04
CA GLN C 213 2.93 -9.75 23.48
C GLN C 213 2.67 -8.27 23.22
N ALA C 214 1.49 -7.80 23.58
CA ALA C 214 1.17 -6.40 23.47
C ALA C 214 0.17 -6.03 24.54
N ILE C 215 0.09 -4.73 24.85
CA ILE C 215 -0.86 -4.19 25.83
C ILE C 215 -0.84 -5.06 27.10
N LYS C 216 0.37 -5.42 27.52
CA LYS C 216 0.57 -6.33 28.64
C LYS C 216 -0.02 -5.76 29.92
N SER C 217 0.10 -4.45 30.09
CA SER C 217 -0.31 -3.80 31.32
C SER C 217 -1.81 -3.69 31.51
N SER C 218 -2.59 -4.17 30.55
CA SER C 218 -4.04 -4.12 30.65
C SER C 218 -4.62 -5.16 31.62
N GLY C 219 -3.80 -6.14 32.00
CA GLY C 219 -4.23 -7.24 32.88
C GLY C 219 -5.49 -7.91 32.42
N SER C 220 -5.48 -8.36 31.17
CA SER C 220 -6.67 -8.97 30.54
C SER C 220 -6.83 -10.45 30.90
N LYS C 221 -6.78 -10.75 32.19
CA LYS C 221 -6.94 -12.10 32.70
C LYS C 221 -8.32 -12.69 32.43
N MET C 222 -8.48 -13.99 32.71
CA MET C 222 -9.74 -14.68 32.47
C MET C 222 -10.56 -14.77 33.75
N LEU C 223 -11.89 -14.73 33.58
CA LEU C 223 -12.83 -14.89 34.70
C LEU C 223 -13.47 -16.27 34.68
N LYS C 224 -13.38 -16.99 35.80
CA LYS C 224 -13.95 -18.33 35.86
C LYS C 224 -15.26 -18.33 36.63
N LEU C 225 -16.32 -18.78 35.95
CA LEU C 225 -17.66 -18.80 36.51
C LEU C 225 -18.11 -20.23 36.76
N VAL C 226 -18.42 -20.52 38.02
CA VAL C 226 -18.87 -21.85 38.42
C VAL C 226 -20.25 -21.74 39.07
N ASN C 227 -21.26 -22.28 38.37
CA ASN C 227 -22.65 -22.26 38.82
C ASN C 227 -23.08 -20.91 39.38
N VAL C 228 -22.82 -19.85 38.61
CA VAL C 228 -23.10 -18.49 39.04
C VAL C 228 -24.56 -18.16 38.75
N PHE C 229 -25.32 -17.87 39.81
CA PHE C 229 -26.70 -17.44 39.64
C PHE C 229 -26.78 -15.95 39.32
N ILE C 230 -27.49 -15.62 38.25
CA ILE C 230 -27.75 -14.23 37.94
C ILE C 230 -29.26 -14.01 37.92
N PRO C 231 -29.77 -13.22 38.89
CA PRO C 231 -31.19 -12.87 38.91
C PRO C 231 -31.58 -11.96 37.75
N GLU C 232 -32.85 -12.03 37.36
CA GLU C 232 -33.40 -11.34 36.21
C GLU C 232 -33.13 -9.83 36.15
N TYR C 233 -33.14 -9.15 37.29
CA TYR C 233 -32.94 -7.71 37.31
C TYR C 233 -31.49 -7.30 36.99
N ARG C 234 -30.57 -8.26 37.06
CA ARG C 234 -29.18 -8.02 36.70
C ARG C 234 -28.86 -8.59 35.32
N ILE C 235 -29.91 -8.85 34.54
CA ILE C 235 -29.76 -9.28 33.15
C ILE C 235 -30.45 -8.30 32.21
N SER C 236 -29.74 -7.87 31.18
CA SER C 236 -30.32 -7.02 30.14
C SER C 236 -30.02 -7.56 28.75
N LYS C 237 -30.99 -7.42 27.85
CA LYS C 237 -30.83 -7.82 26.47
C LYS C 237 -29.98 -6.79 25.76
N ALA C 238 -29.01 -7.28 24.98
CA ALA C 238 -28.14 -6.42 24.16
C ALA C 238 -28.94 -5.52 23.24
N LYS C 239 -29.90 -6.11 22.53
CA LYS C 239 -30.76 -5.39 21.59
C LYS C 239 -31.55 -4.27 22.28
N ASP C 240 -32.00 -4.52 23.51
CA ASP C 240 -32.73 -3.53 24.28
C ASP C 240 -31.88 -2.32 24.60
N MET C 241 -30.59 -2.56 24.82
CA MET C 241 -29.68 -1.48 25.17
C MET C 241 -29.13 -0.80 23.92
N MET C 242 -29.39 -1.41 22.76
CA MET C 242 -29.07 -0.81 21.47
C MET C 242 -30.21 0.11 21.02
N GLU C 243 -31.40 -0.10 21.57
CA GLU C 243 -32.62 0.49 21.02
C GLU C 243 -33.48 1.29 22.00
N GLY C 244 -32.95 1.52 23.20
CA GLY C 244 -33.66 2.27 24.23
C GLY C 244 -34.92 1.57 24.68
N LYS C 245 -34.79 0.29 25.01
CA LYS C 245 -35.90 -0.54 25.45
C LYS C 245 -35.55 -1.33 26.71
N SER C 246 -34.42 -1.00 27.31
CA SER C 246 -33.94 -1.70 28.50
C SER C 246 -34.58 -1.10 29.75
N ALA C 247 -34.44 -1.80 30.88
CA ALA C 247 -35.04 -1.39 32.15
C ALA C 247 -34.67 0.03 32.60
N GLY C 248 -33.47 0.47 32.22
CA GLY C 248 -32.97 1.78 32.64
C GLY C 248 -33.36 2.94 31.75
N PHE C 249 -34.08 2.65 30.68
CA PHE C 249 -34.47 3.69 29.73
C PHE C 249 -35.41 4.70 30.39
N GLY C 250 -35.07 5.97 30.28
CA GLY C 250 -35.93 7.03 30.77
C GLY C 250 -35.56 7.54 32.15
N LEU C 251 -34.69 6.80 32.85
CA LEU C 251 -34.28 7.16 34.20
C LEU C 251 -33.73 8.56 34.30
N TYR C 252 -32.96 8.98 33.30
CA TYR C 252 -32.25 10.25 33.35
C TYR C 252 -32.62 11.13 32.15
N PRO C 253 -33.79 11.80 32.24
CA PRO C 253 -34.36 12.50 31.09
C PRO C 253 -33.61 13.75 30.66
N ASP C 254 -32.70 14.23 31.51
CA ASP C 254 -31.89 15.41 31.18
C ASP C 254 -30.50 15.02 30.67
N SER C 255 -30.26 13.72 30.55
CA SER C 255 -28.95 13.21 30.16
C SER C 255 -28.71 13.38 28.67
N LYS C 256 -27.49 13.73 28.32
CA LYS C 256 -27.10 13.93 26.93
C LYS C 256 -26.35 12.71 26.38
N ILE C 257 -26.28 11.64 27.18
CA ILE C 257 -25.44 10.49 26.82
C ILE C 257 -26.12 9.13 26.96
N PHE C 258 -27.22 9.06 27.70
CA PHE C 258 -27.86 7.76 27.98
C PHE C 258 -28.99 7.36 27.02
N TYR C 259 -29.52 8.32 26.26
CA TYR C 259 -30.48 8.04 25.20
C TYR C 259 -29.72 7.75 23.91
N THR C 260 -29.10 6.57 23.85
CA THR C 260 -28.21 6.23 22.75
C THR C 260 -27.86 4.73 22.83
N PRO C 261 -27.52 4.09 21.70
CA PRO C 261 -27.11 2.68 21.80
C PRO C 261 -25.87 2.49 22.68
N TYR C 262 -25.82 1.38 23.42
CA TYR C 262 -24.74 1.14 24.37
C TYR C 262 -23.40 0.88 23.67
N ARG C 263 -23.45 0.19 22.54
CA ARG C 263 -22.24 -0.43 21.98
C ARG C 263 -21.20 0.55 21.46
N PRO C 264 -21.65 1.63 20.75
CA PRO C 264 -20.68 2.64 20.30
C PRO C 264 -19.85 3.25 21.42
N TYR C 265 -20.45 3.42 22.61
CA TYR C 265 -19.71 3.95 23.74
C TYR C 265 -18.84 2.83 24.33
N PHE C 266 -19.48 1.69 24.55
CA PHE C 266 -18.82 0.45 24.99
C PHE C 266 -17.44 0.29 24.33
N ALA C 267 -17.43 0.37 23.01
CA ALA C 267 -16.26 0.04 22.23
C ALA C 267 -15.52 1.26 21.67
N SER C 268 -15.76 2.44 22.24
CA SER C 268 -15.18 3.67 21.71
C SER C 268 -13.69 3.79 22.01
N GLY C 269 -13.21 3.03 22.99
CA GLY C 269 -11.88 3.20 23.56
C GLY C 269 -10.74 2.58 22.77
N PHE C 270 -11.05 1.54 22.00
CA PHE C 270 -9.99 0.83 21.27
C PHE C 270 -9.29 1.77 20.31
N SER C 271 -10.06 2.39 19.43
CA SER C 271 -9.50 3.33 18.45
C SER C 271 -8.86 4.53 19.13
N ALA C 272 -9.45 4.96 20.24
CA ALA C 272 -8.91 6.04 21.02
C ALA C 272 -7.48 5.68 21.41
N VAL C 273 -7.31 4.50 21.99
CA VAL C 273 -6.00 4.02 22.41
C VAL C 273 -5.09 3.95 21.19
N SER C 274 -5.60 3.44 20.08
CA SER C 274 -4.81 3.31 18.87
C SER C 274 -4.28 4.66 18.42
N LEU C 275 -5.10 5.70 18.50
CA LEU C 275 -4.71 7.04 18.11
C LEU C 275 -3.68 7.63 19.07
N GLY C 276 -3.88 7.43 20.37
CA GLY C 276 -2.93 7.82 21.38
C GLY C 276 -1.55 7.25 21.12
N ILE C 277 -1.49 5.96 20.83
CA ILE C 277 -0.23 5.29 20.55
C ILE C 277 0.45 5.89 19.33
N ALA C 278 -0.31 6.06 18.25
CA ALA C 278 0.24 6.57 17.01
C ALA C 278 0.76 8.00 17.14
N GLU C 279 0.03 8.85 17.84
CA GLU C 279 0.47 10.23 18.05
C GLU C 279 1.74 10.25 18.91
N ARG C 280 1.83 9.31 19.86
CA ARG C 280 3.02 9.18 20.69
C ARG C 280 4.17 8.66 19.86
N MET C 281 3.87 7.76 18.93
CA MET C 281 4.92 7.18 18.11
C MET C 281 5.62 8.28 17.32
N ILE C 282 4.85 9.14 16.67
CA ILE C 282 5.42 10.24 15.90
C ILE C 282 6.33 11.10 16.77
N GLU C 283 5.89 11.42 17.99
CA GLU C 283 6.72 12.21 18.90
C GLU C 283 7.98 11.43 19.29
N ALA C 284 7.80 10.18 19.69
CA ALA C 284 8.91 9.34 20.12
C ALA C 284 9.94 9.17 19.00
N PHE C 285 9.45 8.92 17.80
CA PHE C 285 10.32 8.78 16.64
C PHE C 285 11.09 10.07 16.36
N LYS C 286 10.40 11.20 16.39
CA LYS C 286 11.04 12.50 16.16
C LYS C 286 12.16 12.75 17.16
N GLU C 287 11.88 12.55 18.45
CA GLU C 287 12.87 12.70 19.52
C GLU C 287 14.12 11.87 19.24
N LYS C 288 13.92 10.58 18.94
CA LYS C 288 15.02 9.65 18.76
C LYS C 288 15.74 9.75 17.44
N GLN C 289 15.10 10.37 16.46
CA GLN C 289 15.68 10.50 15.11
C GLN C 289 16.73 11.60 15.04
N ARG C 290 16.45 12.75 15.66
CA ARG C 290 17.29 13.95 15.50
C ARG C 290 18.76 13.61 15.38
N ASN C 291 19.23 12.86 16.37
CA ASN C 291 20.65 12.63 16.64
C ASN C 291 21.19 11.36 15.99
N ARG C 292 20.32 10.61 15.34
CA ARG C 292 20.62 9.32 14.70
C ARG C 292 21.86 9.33 13.79
N VAL C 293 22.77 8.38 14.01
CA VAL C 293 23.95 8.18 13.14
C VAL C 293 24.04 6.78 12.50
N ARG C 294 24.47 6.73 11.24
CA ARG C 294 24.69 5.46 10.53
C ARG C 294 25.82 4.67 11.14
N ALA C 295 25.51 3.45 11.58
CA ALA C 295 26.53 2.53 12.08
C ALA C 295 27.69 2.34 11.09
N TYR C 296 27.37 2.18 9.81
CA TYR C 296 28.37 1.77 8.81
C TYR C 296 29.27 2.89 8.30
N THR C 297 28.72 4.10 8.24
CA THR C 297 29.46 5.26 7.70
C THR C 297 29.87 6.29 8.76
N GLY C 298 29.02 6.48 9.77
CA GLY C 298 29.25 7.48 10.82
C GLY C 298 28.66 8.84 10.49
N ALA C 299 27.53 8.84 9.80
CA ALA C 299 26.89 10.07 9.33
C ALA C 299 25.73 10.53 10.23
N ASN C 300 25.71 11.83 10.53
CA ASN C 300 24.55 12.47 11.15
C ASN C 300 23.38 12.46 10.17
N VAL C 301 22.38 11.65 10.47
CA VAL C 301 21.44 11.22 9.45
C VAL C 301 19.97 11.43 9.84
N GLY C 302 19.75 12.11 10.97
CA GLY C 302 18.42 12.30 11.53
C GLY C 302 17.49 13.14 10.68
N LEU C 303 18.07 14.02 9.87
CA LEU C 303 17.29 14.95 9.06
C LEU C 303 17.37 14.62 7.57
N ALA C 304 17.66 13.36 7.25
CA ALA C 304 17.70 12.95 5.84
C ALA C 304 16.28 12.95 5.27
N THR C 305 16.19 13.23 3.97
CA THR C 305 14.90 13.37 3.29
C THR C 305 13.94 12.19 3.47
N PRO C 306 14.43 10.94 3.28
CA PRO C 306 13.50 9.82 3.49
C PRO C 306 12.81 9.85 4.86
N ALA C 307 13.57 10.09 5.92
CA ALA C 307 13.02 10.16 7.28
C ALA C 307 12.07 11.33 7.44
N LEU C 308 12.41 12.48 6.86
CA LEU C 308 11.54 13.65 6.92
C LEU C 308 10.19 13.35 6.29
N MET C 309 10.23 12.68 5.13
CA MET C 309 9.01 12.39 4.40
C MET C 309 8.15 11.37 5.11
N ARG C 310 8.79 10.42 5.78
CA ARG C 310 8.06 9.47 6.61
C ARG C 310 7.36 10.16 7.77
N ILE C 311 8.09 11.02 8.47
CA ILE C 311 7.53 11.76 9.58
C ILE C 311 6.32 12.57 9.11
N ALA C 312 6.45 13.21 7.95
CA ALA C 312 5.37 13.99 7.38
C ALA C 312 4.17 13.09 7.06
N GLU C 313 4.40 12.00 6.34
CA GLU C 313 3.27 11.18 5.91
C GLU C 313 2.53 10.56 7.09
N SER C 314 3.29 9.99 8.04
CA SER C 314 2.66 9.45 9.24
C SER C 314 1.89 10.52 10.01
N THR C 315 2.42 11.74 10.03
CA THR C 315 1.74 12.88 10.65
C THR C 315 0.42 13.18 9.98
N HIS C 316 0.44 13.24 8.64
CA HIS C 316 -0.79 13.40 7.87
C HIS C 316 -1.75 12.23 8.10
N GLN C 317 -1.24 10.99 8.00
CA GLN C 317 -2.11 9.82 8.17
C GLN C 317 -2.83 9.80 9.53
N VAL C 318 -2.14 10.10 10.62
CA VAL C 318 -2.85 10.08 11.90
C VAL C 318 -3.74 11.32 12.12
N ALA C 319 -3.34 12.46 11.55
CA ALA C 319 -4.18 13.66 11.55
C ALA C 319 -5.51 13.37 10.85
N ALA C 320 -5.44 12.64 9.74
CA ALA C 320 -6.61 12.24 9.00
C ALA C 320 -7.43 11.28 9.85
N ALA C 321 -6.74 10.32 10.46
CA ALA C 321 -7.38 9.39 11.39
C ALA C 321 -8.05 10.17 12.51
N ARG C 322 -7.36 11.14 13.07
CA ARG C 322 -7.95 11.95 14.15
C ARG C 322 -9.20 12.71 13.70
N ALA C 323 -9.12 13.35 12.52
CA ALA C 323 -10.25 14.10 11.97
C ALA C 323 -11.48 13.22 11.81
N LEU C 324 -11.30 12.01 11.30
CA LEU C 324 -12.41 11.08 11.15
C LEU C 324 -13.02 10.71 12.50
N LEU C 325 -12.17 10.38 13.46
CA LEU C 325 -12.62 10.04 14.79
C LEU C 325 -13.34 11.22 15.45
N GLU C 326 -12.76 12.41 15.31
CA GLU C 326 -13.35 13.59 15.93
C GLU C 326 -14.73 13.88 15.33
N LYS C 327 -14.83 13.74 14.02
CA LYS C 327 -16.10 13.92 13.34
C LYS C 327 -17.12 12.88 13.82
N THR C 328 -16.72 11.62 13.84
CA THR C 328 -17.57 10.55 14.32
C THR C 328 -18.03 10.78 15.76
N TRP C 329 -17.09 11.17 16.64
CA TRP C 329 -17.44 11.41 18.03
C TRP C 329 -18.45 12.54 18.15
N GLU C 330 -18.28 13.56 17.31
CA GLU C 330 -19.19 14.69 17.24
C GLU C 330 -20.58 14.19 16.87
N ASP C 331 -20.63 13.31 15.88
CA ASP C 331 -21.90 12.70 15.44
C ASP C 331 -22.60 11.95 16.57
N HIS C 332 -21.82 11.22 17.37
CA HIS C 332 -22.34 10.57 18.57
C HIS C 332 -22.91 11.60 19.53
N ARG C 333 -22.17 12.69 19.75
CA ARG C 333 -22.53 13.69 20.74
C ARG C 333 -23.86 14.34 20.38
N ILE C 334 -23.95 14.80 19.14
CA ILE C 334 -25.17 15.42 18.61
C ILE C 334 -26.38 14.51 18.77
N HIS C 335 -26.24 13.24 18.42
CA HIS C 335 -27.33 12.27 18.58
C HIS C 335 -27.80 12.16 20.03
N GLY C 336 -26.86 11.99 20.94
CA GLY C 336 -27.17 11.88 22.38
C GLY C 336 -27.86 13.10 22.96
N LEU C 337 -27.41 14.29 22.53
CA LEU C 337 -28.05 15.56 22.88
C LEU C 337 -29.53 15.56 22.56
N ASN C 338 -29.85 15.13 21.34
CA ASN C 338 -31.21 15.15 20.84
C ASN C 338 -32.01 13.91 21.23
N HIS C 339 -31.38 13.03 22.01
CA HIS C 339 -32.01 11.76 22.41
C HIS C 339 -32.44 10.97 21.18
N GLN C 340 -31.69 11.13 20.09
CA GLN C 340 -32.01 10.51 18.81
C GLN C 340 -31.18 9.26 18.59
N TYR C 341 -31.86 8.16 18.33
CA TYR C 341 -31.17 6.92 18.00
C TYR C 341 -30.79 6.92 16.53
N PRO C 342 -29.58 6.43 16.22
CA PRO C 342 -29.08 6.48 14.85
C PRO C 342 -29.84 5.54 13.94
N ASN C 343 -29.97 5.94 12.67
CA ASN C 343 -30.56 5.07 11.67
C ASN C 343 -29.53 4.06 11.16
N LYS C 344 -29.97 3.10 10.36
CA LYS C 344 -29.12 2.01 9.89
C LYS C 344 -27.79 2.49 9.35
N GLU C 345 -27.83 3.56 8.55
CA GLU C 345 -26.65 4.07 7.86
C GLU C 345 -25.62 4.67 8.81
N THR C 346 -26.06 5.55 9.71
CA THR C 346 -25.10 6.19 10.61
C THR C 346 -24.54 5.16 11.59
N LEU C 347 -25.38 4.23 11.99
CA LEU C 347 -24.97 3.13 12.86
C LEU C 347 -23.85 2.30 12.24
N ALA C 348 -23.95 2.04 10.93
CA ALA C 348 -22.91 1.28 10.23
C ALA C 348 -21.60 2.07 10.20
N PHE C 349 -21.71 3.40 10.03
CA PHE C 349 -20.53 4.27 10.08
C PHE C 349 -19.92 4.34 11.49
N TRP C 350 -20.76 4.47 12.51
CA TRP C 350 -20.26 4.47 13.90
C TRP C 350 -19.57 3.17 14.21
N ARG C 351 -20.13 2.07 13.71
CA ARG C 351 -19.58 0.75 13.97
C ARG C 351 -18.22 0.59 13.31
N THR C 352 -18.03 1.22 12.15
CA THR C 352 -16.90 0.87 11.30
C THR C 352 -15.78 1.91 11.18
N ASN C 353 -16.13 3.19 11.28
CA ASN C 353 -15.14 4.27 11.15
C ASN C 353 -13.93 4.09 12.05
N GLN C 354 -14.18 3.72 13.29
CA GLN C 354 -13.12 3.44 14.26
C GLN C 354 -12.15 2.37 13.77
N ALA C 355 -12.67 1.38 13.04
CA ALA C 355 -11.81 0.31 12.56
C ALA C 355 -10.91 0.83 11.46
N TYR C 356 -11.42 1.76 10.67
CA TYR C 356 -10.60 2.35 9.61
C TYR C 356 -9.55 3.25 10.23
N ALA C 357 -9.95 3.99 11.26
CA ALA C 357 -9.04 4.81 12.01
C ALA C 357 -7.88 3.99 12.57
N VAL C 358 -8.20 2.84 13.17
CA VAL C 358 -7.21 1.94 13.75
C VAL C 358 -6.25 1.46 12.66
N LYS C 359 -6.79 1.16 11.49
CA LYS C 359 -5.96 0.66 10.42
C LYS C 359 -5.02 1.76 9.88
N MET C 360 -5.49 3.00 9.88
CA MET C 360 -4.64 4.09 9.44
C MET C 360 -3.52 4.35 10.43
N CYS C 361 -3.87 4.34 11.71
CA CYS C 361 -2.90 4.53 12.77
C CYS C 361 -1.78 3.49 12.71
N ILE C 362 -2.15 2.22 12.56
CA ILE C 362 -1.16 1.16 12.48
C ILE C 362 -0.24 1.39 11.28
N GLU C 363 -0.81 1.84 10.16
CA GLU C 363 0.02 2.16 8.98
C GLU C 363 1.02 3.26 9.33
N ALA C 364 0.53 4.30 10.01
CA ALA C 364 1.38 5.41 10.39
C ALA C 364 2.51 4.97 11.31
N VAL C 365 2.20 4.09 12.25
CA VAL C 365 3.22 3.53 13.15
C VAL C 365 4.23 2.65 12.39
N ASP C 366 3.74 1.75 11.56
CA ASP C 366 4.61 0.85 10.83
C ASP C 366 5.60 1.61 9.96
N ARG C 367 5.14 2.73 9.40
CA ARG C 367 5.96 3.46 8.43
C ARG C 367 7.15 4.04 9.13
N LEU C 368 6.94 4.44 10.39
CA LEU C 368 8.02 4.94 11.24
C LEU C 368 8.88 3.78 11.74
N MET C 369 8.24 2.72 12.23
CA MET C 369 9.00 1.59 12.72
C MET C 369 9.92 1.01 11.64
N ALA C 370 9.46 0.98 10.40
CA ALA C 370 10.26 0.42 9.30
C ALA C 370 11.58 1.16 9.10
N ALA C 371 11.64 2.40 9.59
CA ALA C 371 12.82 3.25 9.41
C ALA C 371 13.53 3.52 10.74
N ALA C 372 13.06 2.85 11.80
CA ALA C 372 13.58 3.05 13.15
C ALA C 372 14.92 2.36 13.42
N GLY C 373 15.23 1.34 12.62
CA GLY C 373 16.47 0.60 12.82
C GLY C 373 16.44 -0.40 13.97
N ALA C 374 17.45 -1.27 13.97
CA ALA C 374 17.58 -2.35 14.96
C ALA C 374 17.52 -1.92 16.44
N THR C 375 18.17 -0.78 16.76
CA THR C 375 18.17 -0.25 18.12
C THR C 375 16.77 -0.10 18.71
N SER C 376 15.80 0.15 17.83
CA SER C 376 14.42 0.40 18.23
C SER C 376 13.67 -0.89 18.60
N PHE C 377 14.30 -2.04 18.34
CA PHE C 377 13.69 -3.31 18.68
C PHE C 377 14.22 -3.88 20.00
N MET C 378 15.10 -3.13 20.65
CA MET C 378 15.63 -3.50 21.96
C MET C 378 14.59 -3.21 23.04
N ASP C 379 14.64 -3.98 24.13
CA ASP C 379 13.70 -3.82 25.24
C ASP C 379 13.79 -2.43 25.88
N ASN C 380 14.93 -1.76 25.70
CA ASN C 380 15.12 -0.44 26.29
C ASN C 380 14.71 0.71 25.37
N SER C 381 13.96 0.38 24.33
CA SER C 381 13.43 1.39 23.42
C SER C 381 11.92 1.38 23.45
N GLU C 382 11.34 2.55 23.68
CA GLU C 382 9.90 2.75 23.75
C GLU C 382 9.22 2.45 22.41
N LEU C 383 9.92 2.68 21.31
CA LEU C 383 9.35 2.47 19.97
C LEU C 383 8.77 1.06 19.82
N GLN C 384 9.58 0.08 20.17
CA GLN C 384 9.22 -1.33 20.20
C GLN C 384 7.92 -1.61 20.98
N ARG C 385 7.70 -0.92 22.10
CA ARG C 385 6.47 -1.08 22.87
C ARG C 385 5.29 -0.47 22.14
N LEU C 386 5.54 0.65 21.44
CA LEU C 386 4.48 1.37 20.76
C LEU C 386 4.01 0.56 19.57
N PHE C 387 4.98 0.07 18.80
CA PHE C 387 4.76 -0.83 17.68
C PHE C 387 3.88 -2.03 18.10
N ARG C 388 4.33 -2.79 19.09
CA ARG C 388 3.55 -3.95 19.54
C ARG C 388 2.14 -3.54 19.99
N ASP C 389 2.03 -2.55 20.86
CA ASP C 389 0.73 -2.09 21.37
C ASP C 389 -0.19 -1.59 20.24
N ALA C 390 0.35 -0.81 19.31
CA ALA C 390 -0.39 -0.39 18.13
C ALA C 390 -1.01 -1.58 17.41
N HIS C 391 -0.22 -2.61 17.13
CA HIS C 391 -0.72 -3.77 16.38
C HIS C 391 -1.83 -4.52 17.12
N MET C 392 -1.68 -4.61 18.43
CA MET C 392 -2.69 -5.27 19.25
C MET C 392 -4.03 -4.55 19.10
N THR C 393 -4.02 -3.22 18.97
CA THR C 393 -5.28 -2.46 18.90
C THR C 393 -6.11 -2.84 17.68
N GLY C 394 -5.44 -3.41 16.68
CA GLY C 394 -6.14 -3.87 15.49
C GLY C 394 -6.47 -5.34 15.54
N ALA C 395 -6.17 -5.99 16.67
CA ALA C 395 -6.43 -7.42 16.84
C ALA C 395 -7.73 -7.74 17.58
N HIS C 396 -8.30 -6.74 18.24
CA HIS C 396 -9.57 -6.89 18.89
C HIS C 396 -10.64 -7.22 17.88
N ALA C 397 -11.56 -8.09 18.26
CA ALA C 397 -12.64 -8.53 17.38
C ALA C 397 -13.49 -7.35 16.86
N TYR C 398 -13.54 -6.28 17.63
CA TYR C 398 -14.31 -5.10 17.25
C TYR C 398 -13.59 -4.20 16.22
N THR C 399 -12.27 -4.31 16.12
CA THR C 399 -11.49 -3.40 15.26
C THR C 399 -11.01 -4.12 13.99
N ASP C 400 -11.46 -5.35 13.82
CA ASP C 400 -11.09 -6.17 12.69
C ASP C 400 -11.68 -5.52 11.43
N TYR C 401 -10.83 -5.13 10.49
CA TYR C 401 -11.33 -4.33 9.37
C TYR C 401 -11.98 -5.13 8.25
N ASP C 402 -11.54 -6.38 8.06
CA ASP C 402 -12.24 -7.30 7.15
C ASP C 402 -13.71 -7.40 7.54
N VAL C 403 -13.98 -7.53 8.82
CA VAL C 403 -15.34 -7.62 9.29
C VAL C 403 -16.07 -6.30 9.03
N CYS C 404 -15.40 -5.20 9.37
CA CYS C 404 -16.01 -3.89 9.23
C CYS C 404 -16.24 -3.46 7.78
N ALA C 405 -15.32 -3.81 6.90
CA ALA C 405 -15.51 -3.52 5.47
C ALA C 405 -16.80 -4.21 4.99
N GLN C 406 -17.03 -5.42 5.47
CA GLN C 406 -18.18 -6.20 5.06
C GLN C 406 -19.46 -5.60 5.63
N ILE C 407 -19.42 -5.19 6.90
CA ILE C 407 -20.60 -4.61 7.54
C ILE C 407 -21.02 -3.33 6.82
N LEU C 408 -20.05 -2.46 6.55
CA LEU C 408 -20.35 -1.20 5.86
C LEU C 408 -20.79 -1.46 4.43
N GLY C 409 -20.00 -2.23 3.70
CA GLY C 409 -20.29 -2.55 2.31
C GLY C 409 -21.72 -3.02 2.13
N ARG C 410 -22.13 -4.00 2.93
CA ARG C 410 -23.49 -4.55 2.85
C ARG C 410 -24.55 -3.48 3.07
N GLU C 411 -24.33 -2.60 4.04
CA GLU C 411 -25.28 -1.54 4.33
C GLU C 411 -25.36 -0.53 3.19
N LEU C 412 -24.20 -0.16 2.66
CA LEU C 412 -24.14 0.79 1.54
C LEU C 412 -24.88 0.29 0.30
N MET C 413 -24.98 -1.02 0.15
CA MET C 413 -25.64 -1.60 -1.02
C MET C 413 -27.05 -2.06 -0.69
N GLY C 414 -27.54 -1.67 0.49
CA GLY C 414 -28.89 -1.98 0.92
C GLY C 414 -29.15 -3.46 1.10
N MET C 415 -28.12 -4.20 1.50
CA MET C 415 -28.26 -5.62 1.78
C MET C 415 -28.61 -5.85 3.25
N GLU C 416 -29.29 -6.96 3.54
CA GLU C 416 -29.53 -7.38 4.91
C GLU C 416 -28.22 -7.72 5.60
N PRO C 417 -28.10 -7.45 6.92
CA PRO C 417 -26.86 -7.74 7.64
C PRO C 417 -26.50 -9.23 7.60
N ASP C 418 -25.21 -9.51 7.60
CA ASP C 418 -24.72 -10.88 7.63
C ASP C 418 -24.60 -11.31 9.08
N PRO C 419 -25.45 -12.25 9.52
CA PRO C 419 -25.48 -12.69 10.93
C PRO C 419 -24.19 -13.39 11.39
N THR C 420 -23.37 -13.79 10.42
CA THR C 420 -22.04 -14.37 10.64
C THR C 420 -21.06 -13.43 11.38
N MET C 421 -21.35 -12.14 11.34
CA MET C 421 -20.54 -11.14 12.01
C MET C 421 -21.42 -10.06 12.60
N VAL C 422 -20.86 -9.25 13.49
CA VAL C 422 -21.65 -8.27 14.21
C VAL C 422 -20.79 -7.07 14.69
N ARG D 24 -27.74 15.61 12.54
CA ARG D 24 -26.79 14.51 12.20
C ARG D 24 -25.76 14.88 11.13
N LEU D 25 -24.55 14.34 11.27
CA LEU D 25 -23.45 14.60 10.35
C LEU D 25 -23.54 13.70 9.10
N VAL D 26 -22.87 14.12 8.05
CA VAL D 26 -22.82 13.37 6.80
C VAL D 26 -21.36 13.01 6.54
N TYR D 27 -21.10 11.73 6.29
CA TYR D 27 -19.74 11.28 6.05
C TYR D 27 -19.36 11.33 4.57
N THR D 28 -20.36 11.17 3.71
CA THR D 28 -20.15 10.86 2.28
C THR D 28 -20.27 12.06 1.34
N HIS D 29 -20.58 13.22 1.89
CA HIS D 29 -20.70 14.43 1.09
C HIS D 29 -20.91 15.66 1.97
N ALA D 30 -21.10 16.80 1.31
CA ALA D 30 -21.28 18.08 1.97
C ALA D 30 -22.64 18.17 2.64
N GLN D 31 -22.66 18.72 3.85
CA GLN D 31 -23.90 19.01 4.52
C GLN D 31 -24.46 20.36 4.04
N THR D 32 -25.71 20.34 3.58
CA THR D 32 -26.38 21.56 3.11
C THR D 32 -26.65 22.52 4.28
N PRO D 33 -26.05 23.73 4.24
CA PRO D 33 -26.21 24.66 5.35
C PRO D 33 -27.65 25.10 5.53
N ASP D 34 -28.14 24.88 6.75
CA ASP D 34 -29.49 25.25 7.19
C ASP D 34 -29.58 26.77 7.33
N VAL D 35 -30.13 27.42 6.29
CA VAL D 35 -30.32 28.87 6.27
C VAL D 35 -31.70 29.24 5.73
N SER D 36 -32.13 30.46 5.99
CA SER D 36 -33.33 30.99 5.34
C SER D 36 -33.03 31.26 3.86
N GLY D 37 -34.04 31.12 3.02
CA GLY D 37 -33.85 31.16 1.57
C GLY D 37 -33.06 29.94 1.10
N VAL D 38 -32.20 30.15 0.11
CA VAL D 38 -31.36 29.06 -0.43
C VAL D 38 -29.88 29.40 -0.47
N SER D 39 -29.07 28.45 0.00
CA SER D 39 -27.62 28.56 0.03
C SER D 39 -27.04 28.31 -1.35
N MET D 40 -25.81 28.77 -1.57
CA MET D 40 -25.09 28.54 -2.82
C MET D 40 -25.00 27.05 -3.19
N LEU D 41 -24.81 26.19 -2.18
CA LEU D 41 -24.71 24.75 -2.40
C LEU D 41 -26.01 24.15 -2.94
N GLU D 42 -27.14 24.61 -2.43
CA GLU D 42 -28.46 24.20 -2.95
C GLU D 42 -28.63 24.68 -4.39
N LYS D 43 -28.17 25.91 -4.66
CA LYS D 43 -28.23 26.48 -5.99
C LYS D 43 -27.37 25.68 -6.98
N ILE D 44 -26.20 25.24 -6.53
CA ILE D 44 -25.37 24.34 -7.31
C ILE D 44 -26.12 23.03 -7.55
N GLN D 45 -26.68 22.48 -6.48
CA GLN D 45 -27.38 21.20 -6.54
C GLN D 45 -28.53 21.17 -7.56
N GLN D 46 -29.20 22.32 -7.72
CA GLN D 46 -30.30 22.43 -8.68
C GLN D 46 -29.82 22.37 -10.13
N ILE D 47 -28.68 23.01 -10.41
CA ILE D 47 -28.15 23.07 -11.78
C ILE D 47 -27.23 21.91 -12.12
N LEU D 48 -26.96 21.08 -11.12
CA LEU D 48 -26.00 19.98 -11.28
C LEU D 48 -26.34 19.00 -12.42
N PRO D 49 -27.62 18.58 -12.54
CA PRO D 49 -27.94 17.68 -13.65
C PRO D 49 -27.59 18.25 -15.03
N GLN D 50 -27.76 19.56 -15.21
CA GLN D 50 -27.42 20.23 -16.48
C GLN D 50 -25.92 20.19 -16.74
N ILE D 51 -25.13 20.46 -15.71
CA ILE D 51 -23.68 20.43 -15.80
C ILE D 51 -23.23 19.01 -16.13
N ALA D 52 -23.85 18.02 -15.48
CA ALA D 52 -23.57 16.61 -15.70
C ALA D 52 -23.83 16.18 -17.15
N LYS D 53 -24.87 16.72 -17.78
CA LYS D 53 -25.22 16.32 -19.14
C LYS D 53 -24.33 16.94 -20.22
N ASN D 54 -23.78 18.11 -19.91
CA ASN D 54 -22.81 18.75 -20.80
C ASN D 54 -21.42 18.14 -20.69
N ALA D 55 -21.16 17.40 -19.61
CA ALA D 55 -19.84 16.82 -19.33
C ALA D 55 -19.18 16.13 -20.51
N GLU D 56 -19.96 15.33 -21.25
CA GLU D 56 -19.42 14.57 -22.40
C GLU D 56 -19.03 15.48 -23.57
N SER D 57 -19.89 16.43 -23.90
CA SER D 57 -19.57 17.41 -24.95
C SER D 57 -18.56 18.47 -24.47
N ALA D 58 -18.48 18.67 -23.15
CA ALA D 58 -17.50 19.57 -22.54
C ALA D 58 -16.08 19.03 -22.74
N GLU D 59 -15.97 17.70 -22.65
CA GLU D 59 -14.70 17.00 -22.79
C GLU D 59 -14.19 17.06 -24.23
N GLN D 60 -15.10 17.01 -25.20
CA GLN D 60 -14.72 17.14 -26.60
C GLN D 60 -14.49 18.60 -27.01
N LEU D 61 -15.10 19.52 -26.25
CA LEU D 61 -14.92 20.95 -26.50
C LEU D 61 -13.55 21.44 -26.07
N ARG D 62 -12.94 20.72 -25.11
CA ARG D 62 -11.64 21.06 -24.51
C ARG D 62 -11.66 22.42 -23.81
N ARG D 63 -12.85 22.83 -23.34
CA ARG D 63 -13.06 24.04 -22.56
C ARG D 63 -14.47 23.98 -21.98
N VAL D 64 -14.75 24.84 -21.01
CA VAL D 64 -16.06 24.87 -20.35
C VAL D 64 -17.11 25.39 -21.33
N PRO D 65 -18.20 24.63 -21.53
CA PRO D 65 -19.30 25.12 -22.37
C PRO D 65 -19.86 26.45 -21.86
N ASP D 66 -20.24 27.33 -22.78
CA ASP D 66 -20.80 28.63 -22.42
C ASP D 66 -21.96 28.50 -21.45
N GLU D 67 -22.83 27.52 -21.71
CA GLU D 67 -23.98 27.25 -20.85
C GLU D 67 -23.59 27.07 -19.39
N ASN D 68 -22.51 26.33 -19.14
CA ASN D 68 -22.01 26.09 -17.79
C ASN D 68 -21.58 27.36 -17.07
N ILE D 69 -20.78 28.17 -17.75
CA ILE D 69 -20.37 29.47 -17.21
C ILE D 69 -21.60 30.33 -16.94
N LYS D 70 -22.52 30.37 -17.90
CA LYS D 70 -23.76 31.11 -17.77
C LYS D 70 -24.52 30.69 -16.52
N LEU D 71 -24.77 29.39 -16.37
CA LEU D 71 -25.48 28.86 -15.21
C LEU D 71 -24.78 29.23 -13.90
N LEU D 72 -23.48 29.01 -13.86
CA LEU D 72 -22.69 29.24 -12.64
C LEU D 72 -22.61 30.71 -12.28
N LYS D 73 -22.52 31.58 -13.29
CA LYS D 73 -22.51 33.01 -13.05
C LYS D 73 -23.89 33.53 -12.64
N GLU D 74 -24.92 32.86 -13.14
CA GLU D 74 -26.31 33.19 -12.83
C GLU D 74 -26.63 33.02 -11.34
N ILE D 75 -26.15 31.92 -10.76
CA ILE D 75 -26.32 31.69 -9.33
C ILE D 75 -25.37 32.57 -8.50
N GLY D 76 -24.34 33.09 -9.15
CA GLY D 76 -23.45 34.09 -8.57
C GLY D 76 -22.19 33.55 -7.90
N LEU D 77 -21.84 32.31 -8.21
CA LEU D 77 -20.69 31.64 -7.57
C LEU D 77 -19.35 32.34 -7.82
N HIS D 78 -19.23 33.00 -8.97
CA HIS D 78 -18.00 33.72 -9.32
C HIS D 78 -17.72 34.92 -8.41
N ARG D 79 -18.73 35.33 -7.65
CA ARG D 79 -18.61 36.46 -6.72
C ARG D 79 -18.38 35.96 -5.30
N ALA D 80 -17.98 34.70 -5.19
CA ALA D 80 -17.70 34.04 -3.91
C ALA D 80 -16.68 34.82 -3.08
N PHE D 81 -15.59 35.24 -3.72
CA PHE D 81 -14.50 35.92 -3.02
C PHE D 81 -14.26 37.35 -3.50
N GLN D 82 -15.23 37.89 -4.24
CA GLN D 82 -15.24 39.29 -4.61
C GLN D 82 -15.63 40.09 -3.36
N PRO D 83 -14.92 41.21 -3.10
CA PRO D 83 -15.30 42.08 -1.98
C PRO D 83 -16.77 42.50 -2.05
N LYS D 84 -17.41 42.65 -0.88
CA LYS D 84 -18.82 43.02 -0.79
C LYS D 84 -19.13 44.38 -1.42
N VAL D 85 -18.16 45.29 -1.35
CA VAL D 85 -18.35 46.64 -1.87
C VAL D 85 -18.62 46.67 -3.38
N TYR D 86 -18.23 45.60 -4.06
CA TYR D 86 -18.47 45.44 -5.50
C TYR D 86 -19.64 44.52 -5.79
N GLY D 87 -20.31 44.07 -4.72
CA GLY D 87 -21.45 43.16 -4.83
C GLY D 87 -21.06 41.70 -4.68
N GLY D 88 -19.89 41.46 -4.10
CA GLY D 88 -19.42 40.10 -3.82
C GLY D 88 -20.09 39.50 -2.60
N LEU D 89 -19.95 38.18 -2.45
CA LEU D 89 -20.59 37.46 -1.35
C LEU D 89 -19.69 37.29 -0.14
N GLU D 90 -18.38 37.22 -0.38
CA GLU D 90 -17.38 36.89 0.65
C GLU D 90 -17.78 35.62 1.39
N MET D 91 -17.98 34.55 0.64
CA MET D 91 -18.27 33.23 1.21
C MET D 91 -17.10 32.73 2.04
N SER D 92 -17.40 31.96 3.07
CA SER D 92 -16.35 31.31 3.85
C SER D 92 -15.68 30.28 2.96
N LEU D 93 -14.45 29.90 3.28
CA LEU D 93 -13.75 28.87 2.52
C LEU D 93 -14.47 27.52 2.53
N PRO D 94 -14.93 27.04 3.71
CA PRO D 94 -15.65 25.76 3.71
C PRO D 94 -16.84 25.74 2.76
N ASP D 95 -17.69 26.76 2.85
CA ASP D 95 -18.89 26.83 2.03
C ASP D 95 -18.53 26.83 0.56
N PHE D 96 -17.52 27.60 0.18
CA PHE D 96 -17.06 27.64 -1.20
C PHE D 96 -16.49 26.29 -1.65
N ALA D 97 -15.54 25.78 -0.89
CA ALA D 97 -14.89 24.51 -1.22
C ALA D 97 -15.92 23.42 -1.44
N ASN D 98 -16.93 23.36 -0.58
CA ASN D 98 -18.00 22.38 -0.74
C ASN D 98 -18.81 22.52 -2.02
N CYS D 99 -18.99 23.76 -2.49
CA CYS D 99 -19.64 23.98 -3.79
C CYS D 99 -18.80 23.39 -4.91
N ILE D 100 -17.48 23.56 -4.82
CA ILE D 100 -16.59 23.07 -5.85
C ILE D 100 -16.56 21.56 -5.87
N VAL D 101 -16.58 20.95 -4.67
CA VAL D 101 -16.61 19.49 -4.50
C VAL D 101 -17.84 18.93 -5.20
N THR D 102 -19.01 19.44 -4.81
CA THR D 102 -20.27 19.02 -5.41
C THR D 102 -20.22 19.16 -6.93
N LEU D 103 -19.78 20.34 -7.38
CA LEU D 103 -19.68 20.64 -8.81
C LEU D 103 -18.77 19.66 -9.56
N ALA D 104 -17.65 19.29 -8.95
CA ALA D 104 -16.66 18.41 -9.56
C ALA D 104 -17.21 17.01 -9.81
N GLY D 105 -18.27 16.66 -9.10
CA GLY D 105 -18.95 15.38 -9.32
C GLY D 105 -19.62 15.31 -10.68
N ALA D 106 -20.09 16.46 -11.17
CA ALA D 106 -20.78 16.54 -12.46
C ALA D 106 -19.83 16.70 -13.65
N CYS D 107 -18.83 17.57 -13.48
CA CYS D 107 -17.83 17.81 -14.51
C CYS D 107 -16.59 18.40 -13.84
N ALA D 108 -15.58 17.56 -13.63
CA ALA D 108 -14.35 17.96 -12.96
C ALA D 108 -13.71 19.22 -13.57
N GLY D 109 -13.51 19.19 -14.89
CA GLY D 109 -12.91 20.30 -15.61
C GLY D 109 -13.63 21.61 -15.40
N THR D 110 -14.96 21.59 -15.46
CA THR D 110 -15.76 22.80 -15.18
C THR D 110 -15.49 23.31 -13.77
N ALA D 111 -15.49 22.38 -12.80
CA ALA D 111 -15.28 22.75 -11.40
C ALA D 111 -13.88 23.27 -11.14
N TRP D 112 -12.91 22.65 -11.80
CA TRP D 112 -11.50 23.02 -11.67
C TRP D 112 -11.26 24.42 -12.23
N ALA D 113 -11.70 24.65 -13.47
CA ALA D 113 -11.53 25.94 -14.10
C ALA D 113 -12.32 27.00 -13.36
N PHE D 114 -13.59 26.72 -13.04
CA PHE D 114 -14.44 27.74 -12.40
C PHE D 114 -13.97 28.09 -11.00
N SER D 115 -13.40 27.10 -10.31
CA SER D 115 -12.85 27.31 -8.98
C SER D 115 -11.72 28.32 -9.05
N LEU D 116 -10.85 28.15 -10.04
CA LEU D 116 -9.75 29.07 -10.28
C LEU D 116 -10.22 30.49 -10.58
N LEU D 117 -11.20 30.63 -11.46
CA LEU D 117 -11.78 31.96 -11.76
C LEU D 117 -12.26 32.62 -10.48
N CYS D 118 -12.86 31.83 -9.60
CA CYS D 118 -13.37 32.31 -8.33
C CYS D 118 -12.28 32.74 -7.38
N THR D 119 -11.30 31.87 -7.15
CA THR D 119 -10.29 32.11 -6.12
C THR D 119 -9.30 33.20 -6.51
N HIS D 120 -9.21 33.50 -7.80
CA HIS D 120 -8.38 34.60 -8.27
C HIS D 120 -8.94 35.94 -7.79
N SER D 121 -10.27 36.06 -7.70
CA SER D 121 -10.90 37.26 -7.17
C SER D 121 -10.42 37.58 -5.74
N HIS D 122 -10.16 36.52 -4.96
CA HIS D 122 -9.65 36.64 -3.59
C HIS D 122 -8.28 37.30 -3.54
N GLN D 123 -7.43 36.95 -4.51
CA GLN D 123 -6.12 37.56 -4.67
C GLN D 123 -6.27 39.01 -5.13
N ILE D 124 -7.09 39.22 -6.16
CA ILE D 124 -7.32 40.55 -6.72
C ILE D 124 -7.80 41.54 -5.65
N ALA D 125 -8.43 41.02 -4.59
CA ALA D 125 -8.87 41.83 -3.45
C ALA D 125 -7.71 42.38 -2.60
N MET D 126 -6.51 41.85 -2.83
CA MET D 126 -5.32 42.26 -2.09
C MET D 126 -4.44 43.22 -2.89
N PHE D 127 -4.76 43.38 -4.17
CA PHE D 127 -4.16 44.42 -4.98
C PHE D 127 -4.75 45.79 -4.60
N SER D 128 -4.25 46.85 -5.23
CA SER D 128 -4.71 48.21 -4.91
C SER D 128 -6.21 48.38 -5.14
N LYS D 129 -6.83 49.28 -4.37
CA LYS D 129 -8.21 49.71 -4.62
C LYS D 129 -8.37 50.15 -6.07
N GLN D 130 -7.33 50.82 -6.58
CA GLN D 130 -7.32 51.34 -7.95
C GLN D 130 -7.53 50.26 -9.01
N LEU D 131 -6.81 49.14 -8.89
CA LEU D 131 -6.97 48.03 -9.82
C LEU D 131 -8.33 47.35 -9.69
N GLN D 132 -8.78 47.15 -8.45
CA GLN D 132 -10.07 46.51 -8.19
C GLN D 132 -11.22 47.33 -8.75
N ASP D 133 -11.16 48.64 -8.54
CA ASP D 133 -12.12 49.59 -9.14
C ASP D 133 -12.12 49.46 -10.65
N GLU D 134 -10.92 49.43 -11.22
CA GLU D 134 -10.71 49.27 -12.65
C GLU D 134 -11.38 48.00 -13.21
N ILE D 135 -11.22 46.88 -12.51
CA ILE D 135 -11.83 45.62 -12.93
C ILE D 135 -13.35 45.59 -12.66
N TRP D 136 -13.75 45.91 -11.43
CA TRP D 136 -15.11 45.62 -10.97
C TRP D 136 -16.18 46.72 -11.02
N LEU D 137 -15.79 47.98 -11.01
CA LEU D 137 -16.77 49.07 -11.19
C LEU D 137 -17.25 49.08 -12.62
N LYS D 138 -16.32 48.85 -13.53
CA LYS D 138 -16.55 48.68 -14.96
C LYS D 138 -17.43 47.45 -15.22
N ASP D 139 -16.97 46.27 -14.78
CA ASP D 139 -17.70 45.03 -14.94
C ASP D 139 -17.69 44.23 -13.62
N PRO D 140 -18.81 44.23 -12.89
CA PRO D 140 -18.92 43.53 -11.61
C PRO D 140 -18.76 42.01 -11.75
N ASP D 141 -19.06 41.48 -12.95
CA ASP D 141 -19.01 40.04 -13.19
C ASP D 141 -17.69 39.58 -13.82
N ALA D 142 -16.71 40.47 -13.88
CA ALA D 142 -15.40 40.15 -14.47
C ALA D 142 -14.58 39.20 -13.58
N THR D 143 -13.82 38.32 -14.22
CA THR D 143 -12.94 37.37 -13.55
C THR D 143 -11.58 37.30 -14.23
N ALA D 144 -10.63 36.65 -13.56
CA ALA D 144 -9.29 36.45 -14.12
C ALA D 144 -8.93 34.98 -14.14
N SER D 145 -8.26 34.55 -15.21
CA SER D 145 -7.59 33.26 -15.18
C SER D 145 -6.14 33.55 -14.84
N SER D 146 -5.27 32.54 -14.87
CA SER D 146 -3.89 32.74 -14.44
C SER D 146 -2.87 31.87 -15.14
N SER D 147 -1.60 32.24 -14.97
CA SER D 147 -0.47 31.41 -15.32
C SER D 147 0.66 31.91 -14.42
N ILE D 148 0.92 31.17 -13.34
CA ILE D 148 1.69 31.72 -12.22
C ILE D 148 3.18 31.41 -12.21
N ALA D 149 3.59 30.31 -12.86
CA ALA D 149 5.00 29.95 -12.94
C ALA D 149 5.78 31.04 -13.68
N PRO D 150 6.83 31.58 -13.02
CA PRO D 150 7.56 32.77 -13.50
C PRO D 150 8.48 32.48 -14.69
N PHE D 151 7.90 32.20 -15.85
CA PHE D 151 8.69 31.88 -17.04
C PHE D 151 9.03 33.09 -17.89
N GLY D 152 8.33 34.19 -17.63
CA GLY D 152 8.48 35.41 -18.42
C GLY D 152 9.79 36.14 -18.19
N LYS D 153 10.24 36.82 -19.23
CA LYS D 153 11.43 37.67 -19.14
C LYS D 153 10.95 39.09 -18.85
N VAL D 154 11.51 39.69 -17.81
CA VAL D 154 11.07 41.02 -17.36
C VAL D 154 12.15 42.09 -17.53
N GLU D 155 11.77 43.15 -18.26
CA GLU D 155 12.59 44.35 -18.39
C GLU D 155 11.98 45.42 -17.51
N GLU D 156 12.79 45.94 -16.58
CA GLU D 156 12.37 47.06 -15.75
C GLU D 156 12.38 48.35 -16.56
N VAL D 157 11.20 48.83 -16.91
CA VAL D 157 11.04 50.17 -17.47
C VAL D 157 10.54 51.05 -16.34
N GLU D 158 10.35 52.34 -16.59
CA GLU D 158 9.83 53.20 -15.53
C GLU D 158 8.31 53.26 -15.52
N GLY D 159 7.74 53.17 -14.32
CA GLY D 159 6.29 53.07 -14.16
C GLY D 159 5.80 51.64 -14.08
N GLY D 160 6.68 50.68 -14.33
CA GLY D 160 6.31 49.26 -14.28
C GLY D 160 7.32 48.33 -14.94
N ILE D 161 6.82 47.31 -15.64
CA ILE D 161 7.68 46.38 -16.35
C ILE D 161 7.15 46.07 -17.74
N ILE D 162 8.04 45.58 -18.61
CA ILE D 162 7.64 44.95 -19.86
C ILE D 162 7.88 43.45 -19.74
N LEU D 163 6.81 42.68 -19.93
CA LEU D 163 6.87 41.23 -19.77
C LEU D 163 6.72 40.51 -21.11
N ASN D 164 7.56 39.49 -21.31
CA ASN D 164 7.54 38.66 -22.50
C ASN D 164 7.59 37.18 -22.17
N GLY D 165 6.78 36.38 -22.86
CA GLY D 165 6.89 34.93 -22.74
C GLY D 165 5.62 34.14 -22.95
N ASP D 166 5.80 32.83 -23.14
CA ASP D 166 4.70 31.90 -23.30
C ASP D 166 4.29 31.41 -21.93
N TYR D 167 3.04 31.70 -21.56
CA TYR D 167 2.54 31.38 -20.22
C TYR D 167 1.52 30.23 -20.23
N GLY D 168 2.03 29.01 -20.12
CA GLY D 168 1.21 27.80 -20.24
C GLY D 168 0.17 27.59 -19.16
N TRP D 169 -0.80 26.73 -19.46
CA TRP D 169 -1.80 26.24 -18.51
C TRP D 169 -2.63 27.35 -17.87
N SER D 170 -3.53 27.97 -18.63
CA SER D 170 -4.44 28.94 -18.02
C SER D 170 -5.86 28.41 -18.04
N SER D 171 -6.20 27.64 -17.01
CA SER D 171 -7.54 27.08 -16.86
C SER D 171 -8.59 28.17 -16.90
N GLY D 172 -9.59 27.97 -17.75
CA GLY D 172 -10.70 28.90 -17.91
C GLY D 172 -10.34 30.19 -18.63
N CYS D 173 -9.18 30.21 -19.28
CA CYS D 173 -8.68 31.45 -19.92
C CYS D 173 -9.63 32.05 -20.96
N ASP D 174 -10.39 31.17 -21.63
CA ASP D 174 -11.37 31.58 -22.64
C ASP D 174 -12.53 32.39 -22.08
N HIS D 175 -12.80 32.22 -20.79
CA HIS D 175 -13.95 32.89 -20.16
C HIS D 175 -13.58 34.07 -19.26
N ALA D 176 -12.29 34.39 -19.21
CA ALA D 176 -11.78 35.42 -18.33
C ALA D 176 -11.57 36.74 -19.05
N GLU D 177 -11.76 37.84 -18.32
CA GLU D 177 -11.53 39.18 -18.87
C GLU D 177 -10.11 39.65 -18.60
N TYR D 178 -9.40 38.93 -17.74
CA TYR D 178 -8.05 39.30 -17.30
C TYR D 178 -7.22 38.05 -17.06
N ALA D 179 -5.91 38.23 -16.90
CA ALA D 179 -5.04 37.14 -16.47
C ALA D 179 -4.12 37.58 -15.35
N ILE D 180 -3.96 36.72 -14.36
CA ILE D 180 -2.96 36.93 -13.33
C ILE D 180 -1.70 36.15 -13.71
N VAL D 181 -0.62 36.90 -13.86
CA VAL D 181 0.59 36.38 -14.47
C VAL D 181 1.76 36.52 -13.49
N GLY D 182 2.53 35.45 -13.35
CA GLY D 182 3.62 35.41 -12.38
C GLY D 182 4.96 35.67 -13.04
N PHE D 183 5.82 36.38 -12.32
CA PHE D 183 7.17 36.68 -12.82
C PHE D 183 8.10 37.07 -11.68
N ASN D 184 9.39 36.90 -11.90
CA ASN D 184 10.41 37.33 -10.94
C ASN D 184 11.02 38.67 -11.31
N ARG D 185 10.98 39.61 -10.36
CA ARG D 185 11.74 40.83 -10.48
C ARG D 185 13.00 40.64 -9.64
N PHE D 186 13.97 41.54 -9.75
CA PHE D 186 15.25 41.34 -9.08
C PHE D 186 15.62 42.43 -8.07
N ASP D 187 16.46 42.06 -7.08
CA ASP D 187 16.54 42.85 -5.82
C ASP D 187 18.00 43.23 -6.14
N ALA D 188 18.38 44.43 -5.69
CA ALA D 188 19.77 44.94 -5.80
C ALA D 188 20.91 43.90 -5.78
N ASP D 189 21.04 43.19 -4.66
CA ASP D 189 21.95 42.06 -4.51
C ASP D 189 21.84 41.14 -5.74
N GLY D 190 20.61 40.61 -5.94
CA GLY D 190 20.31 39.74 -7.07
C GLY D 190 19.33 38.64 -6.71
N ASN D 191 18.56 38.85 -5.64
CA ASN D 191 17.57 37.86 -5.19
C ASN D 191 16.20 38.09 -5.83
N LYS D 192 15.47 36.99 -6.02
CA LYS D 192 14.19 36.99 -6.71
C LYS D 192 13.09 37.69 -5.90
N ILE D 193 12.32 38.54 -6.59
CA ILE D 193 11.09 39.09 -6.03
C ILE D 193 9.92 38.53 -6.82
N TYR D 194 9.35 37.42 -6.34
CA TYR D 194 8.21 36.78 -7.00
C TYR D 194 6.98 37.67 -6.94
N SER D 195 6.49 38.05 -8.12
CA SER D 195 5.45 39.05 -8.28
C SER D 195 4.33 38.59 -9.21
N PHE D 196 3.14 39.17 -8.99
CA PHE D 196 1.97 38.89 -9.83
C PHE D 196 1.50 40.16 -10.50
N GLY D 197 1.25 40.07 -11.80
CA GLY D 197 0.68 41.17 -12.56
C GLY D 197 -0.69 40.80 -13.10
N VAL D 198 -1.61 41.75 -13.08
CA VAL D 198 -2.95 41.55 -13.63
C VAL D 198 -3.10 42.30 -14.95
N ILE D 199 -3.31 41.54 -16.02
CA ILE D 199 -3.35 42.11 -17.38
C ILE D 199 -4.70 41.85 -18.06
N PRO D 200 -5.17 42.83 -18.88
CA PRO D 200 -6.43 42.66 -19.59
C PRO D 200 -6.34 41.66 -20.74
N ARG D 201 -7.47 41.01 -21.04
CA ARG D 201 -7.59 40.06 -22.14
C ARG D 201 -6.96 40.56 -23.46
N SER D 202 -7.05 41.87 -23.69
CA SER D 202 -6.52 42.47 -24.92
C SER D 202 -4.97 42.45 -25.04
N ASP D 203 -4.28 42.26 -23.92
CA ASP D 203 -2.81 42.27 -23.88
C ASP D 203 -2.14 40.93 -24.25
N TYR D 204 -2.93 39.87 -24.38
CA TYR D 204 -2.36 38.55 -24.65
C TYR D 204 -3.21 37.71 -25.60
N GLU D 205 -2.54 36.80 -26.30
CA GLU D 205 -3.19 35.88 -27.23
C GLU D 205 -3.35 34.52 -26.56
N ILE D 206 -4.55 33.94 -26.65
CA ILE D 206 -4.75 32.59 -26.16
C ILE D 206 -4.36 31.60 -27.24
N VAL D 207 -3.29 30.86 -26.99
CA VAL D 207 -2.79 29.85 -27.93
C VAL D 207 -3.35 28.49 -27.53
N ASP D 208 -4.16 27.92 -28.43
CA ASP D 208 -4.85 26.67 -28.14
C ASP D 208 -3.96 25.46 -28.38
N ASN D 209 -3.19 25.11 -27.36
CA ASN D 209 -2.34 23.91 -27.37
C ASN D 209 -2.80 22.90 -26.32
N TRP D 210 -4.03 23.09 -25.83
CA TRP D 210 -4.57 22.27 -24.75
C TRP D 210 -5.12 20.95 -25.29
N TYR D 211 -4.24 19.97 -25.38
CA TYR D 211 -4.62 18.60 -25.74
C TYR D 211 -4.10 17.65 -24.67
N ALA D 212 -4.95 17.40 -23.68
CA ALA D 212 -4.57 16.64 -22.48
C ALA D 212 -5.37 15.35 -22.39
N GLN D 213 -4.99 14.50 -21.43
CA GLN D 213 -5.69 13.24 -21.23
C GLN D 213 -6.59 13.21 -20.00
N ALA D 214 -6.66 14.33 -19.28
CA ALA D 214 -7.57 14.47 -18.14
C ALA D 214 -7.99 15.92 -17.98
N ILE D 215 -9.11 16.13 -17.29
CA ILE D 215 -9.64 17.48 -17.03
C ILE D 215 -9.64 18.31 -18.32
N LYS D 216 -10.07 17.66 -19.41
CA LYS D 216 -10.03 18.25 -20.74
C LYS D 216 -10.89 19.51 -20.82
N SER D 217 -12.03 19.47 -20.13
CA SER D 217 -13.00 20.57 -20.20
C SER D 217 -12.59 21.85 -19.47
N SER D 218 -11.40 21.84 -18.86
CA SER D 218 -10.92 23.02 -18.13
C SER D 218 -10.38 24.10 -19.06
N GLY D 219 -10.11 23.72 -20.29
CA GLY D 219 -9.58 24.66 -21.29
C GLY D 219 -8.33 25.37 -20.83
N SER D 220 -7.35 24.58 -20.39
CA SER D 220 -6.11 25.11 -19.82
C SER D 220 -5.11 25.52 -20.89
N LYS D 221 -5.58 26.30 -21.85
CA LYS D 221 -4.75 26.80 -22.96
C LYS D 221 -3.61 27.71 -22.49
N MET D 222 -2.70 28.04 -23.40
CA MET D 222 -1.54 28.88 -23.09
C MET D 222 -1.79 30.36 -23.45
N LEU D 223 -1.23 31.25 -22.64
CA LEU D 223 -1.30 32.70 -22.88
C LEU D 223 0.02 33.23 -23.44
N LYS D 224 -0.06 33.91 -24.58
CA LYS D 224 1.15 34.45 -25.21
C LYS D 224 1.28 35.95 -24.96
N LEU D 225 2.38 36.33 -24.34
CA LEU D 225 2.63 37.72 -23.97
C LEU D 225 3.76 38.28 -24.79
N VAL D 226 3.47 39.34 -25.56
CA VAL D 226 4.46 39.99 -26.40
C VAL D 226 4.60 41.46 -26.02
N ASN D 227 5.75 41.80 -25.45
CA ASN D 227 6.05 43.16 -24.98
C ASN D 227 4.90 43.80 -24.21
N VAL D 228 4.37 43.06 -23.22
CA VAL D 228 3.23 43.51 -22.44
C VAL D 228 3.70 44.42 -21.31
N PHE D 229 3.24 45.68 -21.35
CA PHE D 229 3.54 46.61 -20.27
C PHE D 229 2.59 46.40 -19.10
N ILE D 230 3.17 46.24 -17.91
CA ILE D 230 2.37 46.20 -16.69
C ILE D 230 2.80 47.35 -15.77
N PRO D 231 1.89 48.33 -15.56
CA PRO D 231 2.16 49.41 -14.61
C PRO D 231 2.21 48.93 -13.16
N GLU D 232 2.99 49.64 -12.34
CA GLU D 232 3.27 49.29 -10.96
C GLU D 232 2.05 48.98 -10.09
N TYR D 233 0.94 49.69 -10.31
CA TYR D 233 -0.26 49.51 -9.49
C TYR D 233 -0.98 48.19 -9.77
N ARG D 234 -0.65 47.57 -10.90
CA ARG D 234 -1.20 46.26 -11.25
C ARG D 234 -0.18 45.14 -10.98
N ILE D 235 0.85 45.47 -10.21
CA ILE D 235 1.84 44.48 -9.76
C ILE D 235 1.82 44.38 -8.23
N SER D 236 1.74 43.14 -7.73
CA SER D 236 1.87 42.88 -6.30
C SER D 236 2.88 41.78 -6.01
N LYS D 237 3.61 41.94 -4.91
CA LYS D 237 4.55 40.94 -4.44
C LYS D 237 3.79 39.79 -3.81
N ALA D 238 4.20 38.57 -4.16
CA ALA D 238 3.60 37.36 -3.61
C ALA D 238 3.69 37.36 -2.08
N LYS D 239 4.89 37.66 -1.57
CA LYS D 239 5.18 37.66 -0.14
C LYS D 239 4.28 38.65 0.60
N ASP D 240 4.02 39.80 -0.02
CA ASP D 240 3.15 40.83 0.55
C ASP D 240 1.71 40.37 0.70
N MET D 241 1.26 39.52 -0.23
CA MET D 241 -0.10 38.99 -0.20
C MET D 241 -0.19 37.73 0.67
N MET D 242 0.98 37.21 1.05
CA MET D 242 1.06 36.11 2.01
C MET D 242 1.02 36.65 3.44
N GLU D 243 1.37 37.92 3.60
CA GLU D 243 1.69 38.47 4.92
C GLU D 243 0.92 39.73 5.29
N GLY D 244 -0.07 40.10 4.49
CA GLY D 244 -0.89 41.28 4.76
C GLY D 244 -0.09 42.56 4.72
N LYS D 245 0.66 42.73 3.62
CA LYS D 245 1.50 43.92 3.41
C LYS D 245 1.33 44.46 1.99
N SER D 246 0.34 43.95 1.27
CA SER D 246 0.07 44.40 -0.10
C SER D 246 -0.78 45.67 -0.10
N ALA D 247 -0.89 46.30 -1.27
CA ALA D 247 -1.61 47.58 -1.41
C ALA D 247 -3.06 47.54 -0.95
N GLY D 248 -3.69 46.36 -1.03
CA GLY D 248 -5.09 46.20 -0.70
C GLY D 248 -5.38 45.89 0.75
N PHE D 249 -4.32 45.72 1.54
CA PHE D 249 -4.47 45.39 2.96
C PHE D 249 -5.21 46.50 3.71
N GLY D 250 -6.25 46.11 4.44
CA GLY D 250 -6.99 47.05 5.28
C GLY D 250 -8.23 47.62 4.62
N LEU D 251 -8.36 47.40 3.31
CA LEU D 251 -9.48 47.95 2.54
C LEU D 251 -10.85 47.56 3.11
N TYR D 252 -10.97 46.32 3.57
CA TYR D 252 -12.25 45.76 4.00
C TYR D 252 -12.15 45.26 5.43
N PRO D 253 -12.26 46.17 6.41
CA PRO D 253 -11.97 45.87 7.81
C PRO D 253 -13.02 45.00 8.48
N ASP D 254 -14.16 44.82 7.83
CA ASP D 254 -15.21 43.93 8.34
C ASP D 254 -15.18 42.52 7.71
N SER D 255 -14.22 42.30 6.82
CA SER D 255 -14.15 41.07 6.04
C SER D 255 -13.61 39.93 6.87
N LYS D 256 -14.17 38.74 6.66
CA LYS D 256 -13.76 37.55 7.39
C LYS D 256 -12.84 36.67 6.53
N ILE D 257 -12.47 37.17 5.36
CA ILE D 257 -11.72 36.33 4.40
C ILE D 257 -10.48 36.99 3.77
N PHE D 258 -10.39 38.32 3.86
CA PHE D 258 -9.30 39.04 3.21
C PHE D 258 -8.06 39.25 4.07
N TYR D 259 -8.21 39.15 5.39
CA TYR D 259 -7.08 39.24 6.30
C TYR D 259 -6.48 37.85 6.47
N THR D 260 -5.78 37.39 5.43
CA THR D 260 -5.29 36.01 5.38
C THR D 260 -4.34 35.85 4.18
N PRO D 261 -3.40 34.88 4.23
CA PRO D 261 -2.53 34.69 3.07
C PRO D 261 -3.33 34.33 1.82
N TYR D 262 -2.88 34.81 0.66
CA TYR D 262 -3.60 34.60 -0.59
C TYR D 262 -3.58 33.15 -1.04
N ARG D 263 -2.45 32.48 -0.83
CA ARG D 263 -2.18 31.22 -1.51
C ARG D 263 -3.09 30.04 -1.09
N PRO D 264 -3.35 29.87 0.22
CA PRO D 264 -4.25 28.80 0.62
C PRO D 264 -5.63 28.86 -0.05
N TYR D 265 -6.15 30.06 -0.29
CA TYR D 265 -7.42 30.21 -1.00
C TYR D 265 -7.20 29.96 -2.48
N PHE D 266 -6.21 30.66 -3.03
CA PHE D 266 -5.73 30.50 -4.40
C PHE D 266 -5.81 29.03 -4.82
N ALA D 267 -5.20 28.15 -4.03
CA ALA D 267 -5.01 26.75 -4.40
C ALA D 267 -5.92 25.78 -3.64
N SER D 268 -7.02 26.29 -3.10
CA SER D 268 -7.95 25.46 -2.31
C SER D 268 -8.79 24.52 -3.18
N GLY D 269 -8.93 24.86 -4.45
CA GLY D 269 -9.84 24.15 -5.37
C GLY D 269 -9.41 22.78 -5.87
N PHE D 270 -8.09 22.55 -5.95
CA PHE D 270 -7.57 21.32 -6.53
C PHE D 270 -8.06 20.13 -5.74
N SER D 271 -7.81 20.13 -4.44
CA SER D 271 -8.22 19.05 -3.57
C SER D 271 -9.74 18.96 -3.51
N ALA D 272 -10.40 20.11 -3.55
CA ALA D 272 -11.87 20.15 -3.59
C ALA D 272 -12.37 19.33 -4.78
N VAL D 273 -11.83 19.63 -5.96
CA VAL D 273 -12.13 18.89 -7.17
C VAL D 273 -11.83 17.40 -7.01
N SER D 274 -10.67 17.10 -6.43
CA SER D 274 -10.26 15.72 -6.22
C SER D 274 -11.27 14.97 -5.34
N LEU D 275 -11.78 15.63 -4.31
CA LEU D 275 -12.76 15.03 -3.43
C LEU D 275 -14.09 14.82 -4.14
N GLY D 276 -14.53 15.82 -4.91
CA GLY D 276 -15.75 15.73 -5.70
C GLY D 276 -15.73 14.52 -6.62
N ILE D 277 -14.61 14.36 -7.32
CA ILE D 277 -14.44 13.23 -8.24
C ILE D 277 -14.56 11.90 -7.50
N ALA D 278 -13.85 11.77 -6.37
CA ALA D 278 -13.80 10.53 -5.61
C ALA D 278 -15.14 10.15 -5.01
N GLU D 279 -15.87 11.15 -4.52
CA GLU D 279 -17.22 10.89 -3.99
C GLU D 279 -18.16 10.46 -5.12
N ARG D 280 -18.00 11.08 -6.28
CA ARG D 280 -18.78 10.70 -7.45
C ARG D 280 -18.39 9.30 -7.90
N MET D 281 -17.11 8.97 -7.82
CA MET D 281 -16.64 7.67 -8.25
C MET D 281 -17.35 6.56 -7.45
N ILE D 282 -17.47 6.75 -6.14
CA ILE D 282 -18.10 5.76 -5.28
C ILE D 282 -19.55 5.56 -5.69
N GLU D 283 -20.24 6.66 -5.95
CA GLU D 283 -21.64 6.58 -6.38
C GLU D 283 -21.78 5.92 -7.74
N ALA D 284 -20.93 6.33 -8.68
CA ALA D 284 -20.94 5.79 -10.04
C ALA D 284 -20.62 4.30 -10.05
N PHE D 285 -19.64 3.90 -9.25
CA PHE D 285 -19.26 2.50 -9.14
C PHE D 285 -20.40 1.68 -8.52
N LYS D 286 -21.02 2.22 -7.47
CA LYS D 286 -22.13 1.53 -6.83
C LYS D 286 -23.28 1.28 -7.81
N GLU D 287 -23.67 2.34 -8.53
CA GLU D 287 -24.71 2.26 -9.56
C GLU D 287 -24.43 1.16 -10.56
N LYS D 288 -23.22 1.16 -11.12
CA LYS D 288 -22.84 0.23 -12.19
C LYS D 288 -22.53 -1.19 -11.73
N GLN D 289 -22.24 -1.35 -10.44
CA GLN D 289 -21.88 -2.65 -9.91
C GLN D 289 -23.09 -3.54 -9.67
N ARG D 290 -24.18 -2.96 -9.14
CA ARG D 290 -25.34 -3.77 -8.70
C ARG D 290 -25.62 -4.96 -9.61
N ASN D 291 -25.74 -4.66 -10.90
CA ASN D 291 -26.25 -5.57 -11.92
C ASN D 291 -25.16 -6.33 -12.66
N ARG D 292 -23.91 -6.06 -12.30
CA ARG D 292 -22.71 -6.64 -12.92
C ARG D 292 -22.75 -8.18 -13.01
N VAL D 293 -22.49 -8.67 -14.22
CA VAL D 293 -22.53 -10.09 -14.54
C VAL D 293 -21.16 -10.52 -15.10
N ARG D 294 -20.68 -11.70 -14.66
CA ARG D 294 -19.40 -12.27 -15.12
C ARG D 294 -19.48 -12.75 -16.54
N ALA D 295 -18.61 -12.23 -17.40
CA ALA D 295 -18.54 -12.67 -18.79
C ALA D 295 -18.40 -14.19 -18.91
N TYR D 296 -17.38 -14.74 -18.26
CA TYR D 296 -17.00 -16.13 -18.44
C TYR D 296 -17.95 -17.16 -17.81
N THR D 297 -18.60 -16.79 -16.70
CA THR D 297 -19.45 -17.73 -15.96
C THR D 297 -20.96 -17.40 -16.02
N GLY D 298 -21.29 -16.12 -16.16
CA GLY D 298 -22.67 -15.67 -16.29
C GLY D 298 -23.41 -15.34 -15.00
N ALA D 299 -22.70 -15.33 -13.88
CA ALA D 299 -23.32 -15.05 -12.58
C ALA D 299 -23.54 -13.56 -12.34
N ASN D 300 -24.64 -13.22 -11.66
CA ASN D 300 -24.80 -11.87 -11.10
C ASN D 300 -23.85 -11.77 -9.93
N VAL D 301 -23.00 -10.76 -9.96
CA VAL D 301 -21.81 -10.74 -9.14
C VAL D 301 -21.59 -9.37 -8.46
N GLY D 302 -22.59 -8.50 -8.56
CA GLY D 302 -22.48 -7.13 -8.09
C GLY D 302 -22.35 -6.97 -6.59
N LEU D 303 -22.83 -7.98 -5.85
CA LEU D 303 -22.82 -7.94 -4.40
C LEU D 303 -21.83 -8.94 -3.79
N ALA D 304 -20.82 -9.33 -4.56
CA ALA D 304 -19.79 -10.24 -4.05
C ALA D 304 -18.94 -9.54 -2.99
N THR D 305 -18.46 -10.31 -2.02
CA THR D 305 -17.73 -9.76 -0.88
C THR D 305 -16.55 -8.85 -1.29
N PRO D 306 -15.68 -9.30 -2.22
CA PRO D 306 -14.57 -8.42 -2.57
C PRO D 306 -15.02 -7.02 -2.99
N ALA D 307 -16.05 -6.93 -3.83
CA ALA D 307 -16.57 -5.64 -4.28
C ALA D 307 -17.14 -4.85 -3.13
N LEU D 308 -17.86 -5.53 -2.23
CA LEU D 308 -18.44 -4.86 -1.07
C LEU D 308 -17.37 -4.24 -0.22
N MET D 309 -16.30 -4.98 0.01
CA MET D 309 -15.21 -4.51 0.86
C MET D 309 -14.48 -3.34 0.22
N ARG D 310 -14.30 -3.37 -1.10
CA ARG D 310 -13.73 -2.23 -1.82
C ARG D 310 -14.60 -0.98 -1.69
N ILE D 311 -15.90 -1.13 -1.88
CA ILE D 311 -16.80 0.00 -1.77
C ILE D 311 -16.70 0.60 -0.36
N ALA D 312 -16.68 -0.29 0.63
CA ALA D 312 -16.54 0.14 2.02
C ALA D 312 -15.23 0.89 2.23
N GLU D 313 -14.11 0.27 1.84
CA GLU D 313 -12.83 0.90 2.10
C GLU D 313 -12.67 2.26 1.42
N SER D 314 -13.01 2.34 0.13
CA SER D 314 -12.94 3.61 -0.56
C SER D 314 -13.86 4.65 0.08
N THR D 315 -15.02 4.21 0.57
CA THR D 315 -15.93 5.09 1.30
C THR D 315 -15.28 5.64 2.57
N HIS D 316 -14.69 4.76 3.37
CA HIS D 316 -13.92 5.20 4.52
C HIS D 316 -12.76 6.13 4.11
N GLN D 317 -11.97 5.73 3.11
CA GLN D 317 -10.82 6.54 2.71
C GLN D 317 -11.22 7.95 2.33
N VAL D 318 -12.24 8.13 1.49
CA VAL D 318 -12.64 9.48 1.12
C VAL D 318 -13.36 10.24 2.24
N ALA D 319 -14.03 9.49 3.12
CA ALA D 319 -14.66 10.11 4.30
C ALA D 319 -13.58 10.70 5.20
N ALA D 320 -12.49 9.96 5.34
CA ALA D 320 -11.34 10.40 6.10
C ALA D 320 -10.72 11.62 5.40
N ALA D 321 -10.53 11.51 4.09
CA ALA D 321 -10.06 12.63 3.28
C ALA D 321 -10.95 13.85 3.46
N ARG D 322 -12.27 13.65 3.45
CA ARG D 322 -13.20 14.76 3.63
C ARG D 322 -13.03 15.41 5.00
N ALA D 323 -12.92 14.57 6.04
CA ALA D 323 -12.81 15.03 7.43
C ALA D 323 -11.59 15.91 7.63
N LEU D 324 -10.46 15.47 7.08
CA LEU D 324 -9.23 16.28 7.07
C LEU D 324 -9.42 17.62 6.37
N LEU D 325 -9.99 17.59 5.16
CA LEU D 325 -10.26 18.82 4.42
C LEU D 325 -11.21 19.74 5.17
N GLU D 326 -12.28 19.17 5.72
CA GLU D 326 -13.28 19.96 6.45
C GLU D 326 -12.64 20.63 7.66
N LYS D 327 -11.82 19.86 8.38
CA LYS D 327 -11.11 20.39 9.52
C LYS D 327 -10.17 21.52 9.09
N THR D 328 -9.39 21.27 8.05
CA THR D 328 -8.46 22.27 7.53
C THR D 328 -9.19 23.54 7.09
N TRP D 329 -10.30 23.38 6.36
CA TRP D 329 -11.08 24.55 5.92
C TRP D 329 -11.60 25.35 7.10
N GLU D 330 -12.04 24.64 8.14
CA GLU D 330 -12.49 25.26 9.38
C GLU D 330 -11.37 26.10 9.99
N ASP D 331 -10.17 25.53 10.02
CA ASP D 331 -8.98 26.22 10.51
C ASP D 331 -8.75 27.52 9.74
N HIS D 332 -8.91 27.48 8.42
CA HIS D 332 -8.78 28.68 7.59
C HIS D 332 -9.84 29.69 7.99
N ARG D 333 -11.07 29.20 8.21
CA ARG D 333 -12.22 30.09 8.46
C ARG D 333 -12.01 30.87 9.75
N ILE D 334 -11.71 30.14 10.82
CA ILE D 334 -11.42 30.70 12.13
C ILE D 334 -10.30 31.75 12.08
N HIS D 335 -9.22 31.44 11.37
CA HIS D 335 -8.13 32.39 11.19
C HIS D 335 -8.60 33.70 10.53
N GLY D 336 -9.33 33.58 9.42
CA GLY D 336 -9.85 34.73 8.69
C GLY D 336 -10.80 35.61 9.52
N LEU D 337 -11.64 34.94 10.32
CA LEU D 337 -12.55 35.62 11.25
C LEU D 337 -11.81 36.56 12.18
N ASN D 338 -10.73 36.05 12.76
CA ASN D 338 -9.97 36.77 13.76
C ASN D 338 -8.90 37.65 13.14
N HIS D 339 -8.85 37.69 11.80
CA HIS D 339 -7.86 38.49 11.07
C HIS D 339 -6.46 38.07 11.45
N GLN D 340 -6.32 36.78 11.82
CA GLN D 340 -5.07 36.25 12.32
C GLN D 340 -4.33 35.51 11.21
N TYR D 341 -3.10 35.92 10.99
CA TYR D 341 -2.23 35.23 10.05
C TYR D 341 -1.63 33.97 10.69
N PRO D 342 -1.58 32.86 9.94
CA PRO D 342 -1.12 31.60 10.51
C PRO D 342 0.38 31.65 10.83
N ASN D 343 0.77 30.91 11.86
CA ASN D 343 2.19 30.74 12.16
C ASN D 343 2.79 29.67 11.25
N LYS D 344 4.12 29.52 11.32
CA LYS D 344 4.85 28.62 10.44
C LYS D 344 4.23 27.25 10.38
N GLU D 345 3.86 26.72 11.56
CA GLU D 345 3.35 25.35 11.69
C GLU D 345 2.01 25.15 11.01
N THR D 346 1.03 26.01 11.31
CA THR D 346 -0.28 25.85 10.70
C THR D 346 -0.23 26.05 9.19
N LEU D 347 0.60 27.02 8.78
CA LEU D 347 0.85 27.29 7.36
C LEU D 347 1.36 26.06 6.62
N ALA D 348 2.27 25.31 7.24
CA ALA D 348 2.80 24.08 6.65
C ALA D 348 1.70 23.04 6.51
N PHE D 349 0.80 22.99 7.50
CA PHE D 349 -0.34 22.06 7.44
C PHE D 349 -1.33 22.47 6.36
N TRP D 350 -1.63 23.78 6.27
CA TRP D 350 -2.54 24.30 5.25
C TRP D 350 -1.97 24.02 3.88
N ARG D 351 -0.66 24.18 3.75
CA ARG D 351 0.00 23.97 2.47
C ARG D 351 -0.07 22.52 2.00
N THR D 352 -0.04 21.58 2.96
CA THR D 352 0.21 20.19 2.63
C THR D 352 -0.95 19.22 2.85
N ASN D 353 -1.84 19.52 3.81
CA ASN D 353 -2.99 18.62 4.08
C ASN D 353 -3.79 18.29 2.82
N GLN D 354 -4.03 19.31 2.01
CA GLN D 354 -4.73 19.13 0.75
C GLN D 354 -4.05 18.09 -0.16
N ALA D 355 -2.73 18.07 -0.16
CA ALA D 355 -1.99 17.13 -0.99
C ALA D 355 -2.19 15.70 -0.49
N TYR D 356 -2.25 15.53 0.83
CA TYR D 356 -2.50 14.22 1.40
C TYR D 356 -3.91 13.77 1.09
N ALA D 357 -4.84 14.73 1.16
CA ALA D 357 -6.23 14.50 0.80
C ALA D 357 -6.34 14.01 -0.65
N VAL D 358 -5.68 14.72 -1.57
CA VAL D 358 -5.68 14.33 -2.97
C VAL D 358 -5.16 12.91 -3.15
N LYS D 359 -4.09 12.58 -2.45
CA LYS D 359 -3.47 11.28 -2.54
C LYS D 359 -4.41 10.18 -2.05
N MET D 360 -5.17 10.49 -0.98
CA MET D 360 -6.11 9.52 -0.43
C MET D 360 -7.25 9.24 -1.39
N CYS D 361 -7.79 10.32 -1.96
CA CYS D 361 -8.87 10.25 -2.94
C CYS D 361 -8.47 9.42 -4.15
N ILE D 362 -7.26 9.67 -4.66
CA ILE D 362 -6.78 8.91 -5.82
C ILE D 362 -6.70 7.40 -5.48
N GLU D 363 -6.25 7.07 -4.26
CA GLU D 363 -6.20 5.67 -3.81
C GLU D 363 -7.61 5.09 -3.78
N ALA D 364 -8.56 5.87 -3.27
CA ALA D 364 -9.95 5.44 -3.19
C ALA D 364 -10.53 5.19 -4.58
N VAL D 365 -10.22 6.07 -5.52
CA VAL D 365 -10.67 5.89 -6.92
C VAL D 365 -10.02 4.65 -7.55
N ASP D 366 -8.71 4.53 -7.40
CA ASP D 366 -7.97 3.44 -8.03
C ASP D 366 -8.48 2.10 -7.53
N ARG D 367 -8.86 2.04 -6.26
CA ARG D 367 -9.26 0.79 -5.64
C ARG D 367 -10.53 0.30 -6.29
N LEU D 368 -11.39 1.25 -6.63
CA LEU D 368 -12.64 0.92 -7.34
C LEU D 368 -12.34 0.62 -8.81
N MET D 369 -11.56 1.49 -9.46
CA MET D 369 -11.25 1.28 -10.86
C MET D 369 -10.62 -0.11 -11.10
N ALA D 370 -9.80 -0.58 -10.16
CA ALA D 370 -9.09 -1.85 -10.33
C ALA D 370 -10.05 -3.03 -10.39
N ALA D 371 -11.28 -2.80 -9.93
CA ALA D 371 -12.30 -3.83 -9.86
C ALA D 371 -13.47 -3.54 -10.79
N ALA D 372 -13.34 -2.48 -11.59
CA ALA D 372 -14.40 -2.03 -12.47
C ALA D 372 -14.53 -2.85 -13.76
N GLY D 373 -13.45 -3.54 -14.13
CA GLY D 373 -13.44 -4.36 -15.35
C GLY D 373 -13.30 -3.55 -16.63
N ALA D 374 -13.07 -4.60 -17.67
CA ALA D 374 -12.75 -3.71 -19.04
C ALA D 374 -13.82 -2.75 -19.57
N THR D 375 -14.88 -2.83 -19.45
CA THR D 375 -16.06 -2.01 -19.77
C THR D 375 -16.02 -0.56 -19.29
N SER D 376 -15.45 -0.59 -18.13
CA SER D 376 -15.28 0.72 -17.52
C SER D 376 -14.19 1.56 -18.19
N PHE D 377 -13.43 0.95 -19.09
CA PHE D 377 -12.39 1.68 -19.80
C PHE D 377 -12.82 2.11 -21.20
N MET D 378 -14.09 1.86 -21.52
CA MET D 378 -14.70 2.30 -22.77
C MET D 378 -15.04 3.78 -22.68
N ASP D 379 -15.05 4.45 -23.83
CA ASP D 379 -15.38 5.88 -23.90
C ASP D 379 -16.80 6.19 -23.40
N ASN D 380 -17.69 5.20 -23.47
CA ASN D 380 -19.07 5.38 -23.03
C ASN D 380 -19.30 5.05 -21.55
N SER D 381 -18.21 4.96 -20.79
CA SER D 381 -18.29 4.75 -19.35
C SER D 381 -17.71 5.94 -18.61
N GLU D 382 -18.51 6.49 -17.69
CA GLU D 382 -18.11 7.61 -16.85
C GLU D 382 -16.90 7.31 -15.95
N LEU D 383 -16.79 6.05 -15.52
CA LEU D 383 -15.75 5.64 -14.61
C LEU D 383 -14.37 6.05 -15.13
N GLN D 384 -14.14 5.71 -16.39
CA GLN D 384 -12.94 6.02 -17.12
C GLN D 384 -12.58 7.51 -17.08
N ARG D 385 -13.60 8.37 -17.16
CA ARG D 385 -13.40 9.82 -17.07
C ARG D 385 -13.01 10.23 -15.65
N LEU D 386 -13.64 9.58 -14.66
CA LEU D 386 -13.41 9.92 -13.28
C LEU D 386 -12.00 9.52 -12.86
N PHE D 387 -11.61 8.30 -13.24
CA PHE D 387 -10.25 7.81 -13.07
C PHE D 387 -9.21 8.80 -13.63
N ARG D 388 -9.30 9.13 -14.92
CA ARG D 388 -8.35 10.04 -15.55
C ARG D 388 -8.31 11.40 -14.85
N ASP D 389 -9.50 11.97 -14.61
CA ASP D 389 -9.60 13.28 -13.95
C ASP D 389 -9.04 13.23 -12.54
N ALA D 390 -9.32 12.17 -11.80
CA ALA D 390 -8.77 11.99 -10.45
C ALA D 390 -7.26 12.05 -10.45
N HIS D 391 -6.63 11.32 -11.37
CA HIS D 391 -5.17 11.26 -11.43
C HIS D 391 -4.55 12.61 -11.77
N MET D 392 -5.19 13.34 -12.68
CA MET D 392 -4.73 14.66 -13.05
C MET D 392 -4.68 15.56 -11.81
N THR D 393 -5.61 15.40 -10.87
CA THR D 393 -5.67 16.32 -9.71
C THR D 393 -4.41 16.19 -8.86
N GLY D 394 -3.76 15.04 -8.95
CA GLY D 394 -2.51 14.83 -8.22
C GLY D 394 -1.28 15.15 -9.05
N ALA D 395 -1.47 15.73 -10.24
CA ALA D 395 -0.36 16.04 -11.14
C ALA D 395 0.00 17.51 -11.12
N HIS D 396 -0.88 18.33 -10.55
CA HIS D 396 -0.62 19.74 -10.38
C HIS D 396 0.57 19.92 -9.46
N ALA D 397 1.42 20.89 -9.78
CA ALA D 397 2.62 21.17 -8.99
C ALA D 397 2.32 21.48 -7.51
N TYR D 398 1.09 21.90 -7.23
CA TYR D 398 0.71 22.25 -5.86
C TYR D 398 0.25 21.04 -5.06
N THR D 399 -0.15 19.97 -5.75
CA THR D 399 -0.67 18.78 -5.07
C THR D 399 0.35 17.64 -5.05
N ASP D 400 1.55 17.91 -5.54
CA ASP D 400 2.62 16.93 -5.58
C ASP D 400 2.97 16.54 -4.15
N TYR D 401 2.80 15.27 -3.79
CA TYR D 401 2.98 14.90 -2.40
C TYR D 401 4.44 14.73 -1.95
N ASP D 402 5.31 14.29 -2.85
CA ASP D 402 6.74 14.27 -2.57
C ASP D 402 7.22 15.63 -2.09
N VAL D 403 6.81 16.69 -2.80
CA VAL D 403 7.16 18.04 -2.42
C VAL D 403 6.55 18.36 -1.05
N CYS D 404 5.27 18.05 -0.89
CA CYS D 404 4.55 18.37 0.35
C CYS D 404 5.05 17.60 1.57
N ALA D 405 5.43 16.33 1.38
CA ALA D 405 6.00 15.57 2.47
C ALA D 405 7.27 16.26 2.96
N GLN D 406 8.07 16.79 2.02
CA GLN D 406 9.32 17.42 2.35
C GLN D 406 9.07 18.73 3.08
N ILE D 407 8.09 19.51 2.59
CA ILE D 407 7.76 20.80 3.20
C ILE D 407 7.31 20.61 4.65
N LEU D 408 6.39 19.70 4.87
CA LEU D 408 5.92 19.43 6.22
C LEU D 408 7.03 18.86 7.08
N GLY D 409 7.69 17.80 6.59
CA GLY D 409 8.76 17.12 7.32
C GLY D 409 9.79 18.09 7.87
N ARG D 410 10.25 19.01 7.00
CA ARG D 410 11.25 19.99 7.38
C ARG D 410 10.75 20.89 8.49
N GLU D 411 9.47 21.27 8.40
CA GLU D 411 8.89 22.20 9.38
C GLU D 411 8.77 21.51 10.73
N LEU D 412 8.33 20.26 10.70
CA LEU D 412 8.13 19.49 11.91
C LEU D 412 9.43 19.25 12.67
N MET D 413 10.55 19.29 11.96
CA MET D 413 11.86 19.07 12.60
C MET D 413 12.59 20.39 12.83
N GLY D 414 11.87 21.50 12.68
CA GLY D 414 12.42 22.82 12.90
C GLY D 414 13.55 23.19 11.97
N MET D 415 13.50 22.68 10.75
CA MET D 415 14.49 23.02 9.72
C MET D 415 14.06 24.24 8.91
N GLU D 416 15.03 24.98 8.39
CA GLU D 416 14.75 26.07 7.46
C GLU D 416 14.12 25.50 6.17
N PRO D 417 13.20 26.26 5.55
CA PRO D 417 12.56 25.79 4.31
C PRO D 417 13.58 25.55 3.19
N ASP D 418 13.31 24.54 2.36
CA ASP D 418 14.13 24.25 1.20
C ASP D 418 13.66 25.13 0.03
N PRO D 419 14.50 26.10 -0.40
CA PRO D 419 14.12 27.05 -1.46
C PRO D 419 13.94 26.37 -2.83
N THR D 420 14.43 25.14 -2.94
CA THR D 420 14.23 24.28 -4.12
C THR D 420 12.77 23.97 -4.44
N MET D 421 11.90 24.08 -3.44
CA MET D 421 10.47 23.86 -3.60
C MET D 421 9.68 24.88 -2.78
N VAL D 422 8.39 25.01 -3.07
CA VAL D 422 7.57 26.02 -2.45
C VAL D 422 6.10 25.62 -2.39
N1 FMN E . -11.77 -11.34 -25.05
C2 FMN E . -11.74 -12.25 -26.08
O2 FMN E . -12.41 -13.28 -25.98
N3 FMN E . -10.96 -12.00 -27.20
C4 FMN E . -10.22 -10.83 -27.28
O4 FMN E . -9.47 -10.64 -28.24
C4A FMN E . -10.25 -9.90 -26.22
N5 FMN E . -9.51 -8.72 -26.27
C5A FMN E . -9.58 -7.83 -25.20
C6 FMN E . -8.84 -6.66 -25.25
C7 FMN E . -8.88 -5.75 -24.19
C7M FMN E . -7.91 -4.58 -24.22
C8 FMN E . -9.65 -6.02 -23.06
C8M FMN E . -9.23 -5.41 -21.74
C9 FMN E . -10.40 -7.20 -23.02
C9A FMN E . -10.36 -8.12 -24.07
N10 FMN E . -11.10 -9.30 -24.02
C10 FMN E . -11.03 -10.18 -25.09
C1' FMN E . -12.35 -9.36 -23.19
C2' FMN E . -12.20 -10.34 -22.03
O2' FMN E . -11.97 -11.66 -22.48
C3' FMN E . -13.45 -10.36 -21.17
O3' FMN E . -14.51 -10.91 -21.91
C4' FMN E . -13.76 -8.96 -20.68
O4' FMN E . -12.73 -8.52 -19.84
C5' FMN E . -15.08 -8.91 -19.93
O5' FMN E . -14.81 -8.43 -18.64
P FMN E . -15.67 -7.23 -18.02
O1P FMN E . -15.00 -6.08 -18.37
O2P FMN E . -16.87 -7.29 -18.18
O3P FMN E . -15.50 -7.35 -16.83
C8 4HP F . -9.39 -17.19 -20.87
O1 4HP F . -9.09 -18.23 -21.52
O2 4HP F . -10.31 -17.19 -20.03
C7 4HP F . -8.65 -15.90 -21.12
C1 4HP F . -8.49 -15.63 -22.60
C2 4HP F . -7.43 -16.18 -23.31
C3 4HP F . -7.30 -15.93 -24.68
C4 4HP F . -8.24 -15.13 -25.32
C5 4HP F . -9.30 -14.57 -24.62
C6 4HP F . -9.42 -14.80 -23.24
O4 4HP F . -8.12 -14.88 -26.66
N1 FMN G . 26.06 -6.70 13.00
C2 FMN G . 27.26 -7.36 12.99
O2 FMN G . 28.25 -6.75 12.60
N3 FMN G . 27.34 -8.68 13.42
C4 FMN G . 26.20 -9.35 13.84
O4 FMN G . 26.26 -10.54 14.14
C4A FMN G . 24.97 -8.67 13.85
N5 FMN G . 23.81 -9.29 14.28
C5A FMN G . 22.62 -8.60 14.27
C6 FMN G . 21.45 -9.24 14.70
C7 FMN G . 20.23 -8.57 14.69
C7M FMN G . 18.99 -9.38 14.96
C8 FMN G . 20.16 -7.23 14.25
C8M FMN G . 18.88 -6.71 13.69
C9 FMN G . 21.33 -6.61 13.83
C9A FMN G . 22.56 -7.27 13.83
N10 FMN G . 23.72 -6.63 13.41
C10 FMN G . 24.91 -7.34 13.42
C1' FMN G . 23.83 -5.14 13.53
C2' FMN G . 23.95 -4.48 12.14
O2' FMN G . 25.09 -4.90 11.43
C3' FMN G . 24.01 -2.96 12.27
O3' FMN G . 25.21 -2.57 12.92
C4' FMN G . 22.79 -2.47 13.04
O4' FMN G . 21.63 -2.77 12.30
C5' FMN G . 22.90 -0.98 13.32
O5' FMN G . 21.80 -0.35 12.72
P FMN G . 20.90 0.66 13.58
O1P FMN G . 19.55 0.02 13.73
O2P FMN G . 21.51 0.85 14.95
O3P FMN G . 20.84 1.98 12.84
C8 4HP H . 27.46 -5.68 5.64
O1 4HP H . 28.47 -6.30 5.22
O2 4HP H . 27.38 -4.43 5.56
C7 4HP H . 26.31 -6.46 6.24
C1 4HP H . 26.80 -7.51 7.19
C2 4HP H . 27.16 -8.78 6.72
C3 4HP H . 27.61 -9.75 7.60
C4 4HP H . 27.71 -9.46 8.96
C5 4HP H . 27.34 -8.21 9.45
C6 4HP H . 26.89 -7.23 8.55
O4 4HP H . 28.15 -10.40 9.83
N1 FMN I . -13.19 -8.71 25.42
C2 FMN I . -14.04 -8.48 26.47
O2 FMN I . -15.19 -8.92 26.40
N3 FMN I . -13.60 -7.76 27.57
C4 FMN I . -12.29 -7.29 27.61
O4 FMN I . -11.92 -6.64 28.58
C4A FMN I . -11.43 -7.53 26.55
N5 FMN I . -10.13 -7.08 26.57
C5A FMN I . -9.29 -7.32 25.50
C6 FMN I . -7.99 -6.85 25.54
C7 FMN I . -7.12 -7.08 24.46
C7M FMN I . -5.78 -6.39 24.45
C8 FMN I . -7.58 -7.79 23.33
C8M FMN I . -6.89 -7.57 22.00
C9 FMN I . -8.88 -8.26 23.32
C9A FMN I . -9.75 -8.03 24.38
N10 FMN I . -11.06 -8.51 24.36
C10 FMN I . -11.89 -8.25 25.44
C1' FMN I . -11.40 -9.71 23.53
C2' FMN I . -12.34 -9.37 22.38
O2' FMN I . -13.55 -8.81 22.84
C3' FMN I . -12.68 -10.61 21.57
O3' FMN I . -13.37 -11.55 22.37
C4' FMN I . -11.39 -11.20 21.03
O4' FMN I . -10.80 -10.26 20.16
C5' FMN I . -11.62 -12.53 20.32
O5' FMN I . -11.16 -12.38 19.00
P FMN I . -10.16 -13.45 18.38
O1P FMN I . -8.85 -12.76 18.13
O2P FMN I . -9.98 -14.57 19.37
O3P FMN I . -10.77 -13.99 17.10
C8 4HP J . -18.48 -5.18 21.32
O1 4HP J . -19.39 -4.67 22.01
O2 4HP J . -18.69 -6.06 20.44
C7 4HP J . -17.04 -4.71 21.52
C1 4HP J . -16.71 -4.62 22.99
C2 4HP J . -17.02 -3.45 23.70
C3 4HP J . -16.71 -3.38 25.07
C4 4HP J . -16.12 -4.48 25.71
C5 4HP J . -15.82 -5.63 25.00
C6 4HP J . -16.11 -5.71 23.64
O4 4HP J . -15.82 -4.42 27.04
N1 FMN K . -1.14 26.80 -13.43
C2 FMN K . -1.52 28.13 -13.45
O2 FMN K . -0.71 28.99 -13.10
N3 FMN K . -2.81 28.47 -13.85
C4 FMN K . -3.70 27.48 -14.23
O4 FMN K . -4.86 27.80 -14.53
C4A FMN K . -3.32 26.14 -14.22
N5 FMN K . -4.18 25.13 -14.60
C5A FMN K . -3.77 23.80 -14.58
C6 FMN K . -4.66 22.80 -14.97
C7 FMN K . -4.27 21.47 -14.95
C7M FMN K . -5.32 20.42 -15.19
C8 FMN K . -2.97 21.12 -14.52
C8M FMN K . -2.74 19.75 -13.94
C9 FMN K . -2.09 22.13 -14.15
C9A FMN K . -2.48 23.47 -14.17
N10 FMN K . -1.60 24.49 -13.78
C10 FMN K . -2.02 25.81 -13.81
C1' FMN K . -0.11 24.27 -13.93
C2' FMN K . 0.58 24.26 -12.55
O2' FMN K . 0.41 25.47 -11.84
C3' FMN K . 2.07 23.99 -12.72
O3' FMN K . 2.68 25.07 -13.41
C4' FMN K . 2.29 22.67 -13.46
O4' FMN K . 1.76 21.61 -12.68
C5' FMN K . 3.76 22.45 -13.76
O5' FMN K . 4.17 21.24 -13.17
P FMN K . 4.93 20.12 -14.04
O1P FMN K . 4.03 18.91 -14.16
O2P FMN K . 5.21 20.67 -15.43
O3P FMN K . 6.23 19.76 -13.36
C8 4HP L . 0.32 28.06 -6.14
O1 4HP L . -0.06 29.19 -5.74
O2 4HP L . 1.52 27.72 -6.11
C7 4HP L . -0.70 27.08 -6.68
C1 4HP L . -1.65 27.78 -7.63
C2 4HP L . -2.78 28.43 -7.13
C3 4HP L . -3.66 29.08 -8.00
C4 4HP L . -3.39 29.08 -9.37
C5 4HP L . -2.26 28.43 -9.87
C6 4HP L . -1.39 27.77 -9.00
O4 4HP L . -4.24 29.73 -10.23
#